data_2INF
#
_entry.id   2INF
#
_cell.length_a   58.612
_cell.length_b   80.410
_cell.length_c   90.940
_cell.angle_alpha   68.68
_cell.angle_beta   89.64
_cell.angle_gamma   80.82
#
_symmetry.space_group_name_H-M   'P 1'
#
loop_
_entity.id
_entity.type
_entity.pdbx_description
1 polymer 'Uroporphyrinogen decarboxylase'
2 water water
#
_entity_poly.entity_id   1
_entity_poly.type   'polypeptide(L)'
_entity_poly.pdbx_seq_one_letter_code
;HHHHHHMSKRETFNETFLKAARGEKADHTPVWYMRQAGRSQPEYRKLKEKYGLFEITHQPELCAYVTRLPVEQYGVDAAI
LYKDIMTPLPSIGVDVEIKNGIGPVIDQPIRSLADIEKLGQIDPEQDVPYVLETIKLLVNEQLNVPLIGFSGAPFTLASY
MTEGGPSKNYNKTKAFMYSMPDAWNLLMSKLADMIIVYVKAQIKAGAKAIQIFDSWVGALNQADYRTYIKPVMNRIFSEL
AKENVPLIMFGVGASHLAGDWHDLPLDVVGLDWRLGIDEARSKGITKTVQGNLDPSILLAPWEVIEQKTKEILDQGMESD
GFIFNLGHGVFPDVSPEVLKKLTAFVHEYSQNKKMGQYS
;
_entity_poly.pdbx_strand_id   A,B,C,D
#
# COMPACT_ATOMS: atom_id res chain seq x y z
N THR A 12 -4.59 21.41 44.09
CA THR A 12 -6.04 21.82 43.94
C THR A 12 -6.70 21.12 42.75
N PHE A 13 -7.93 20.66 42.99
CA PHE A 13 -8.70 19.97 41.96
C PHE A 13 -9.30 20.97 40.97
N ASN A 14 -9.12 20.70 39.68
CA ASN A 14 -9.61 21.56 38.62
C ASN A 14 -11.07 21.21 38.26
N GLU A 15 -12.00 22.08 38.65
CA GLU A 15 -13.43 21.81 38.46
C GLU A 15 -13.99 22.40 37.16
N THR A 16 -13.14 23.10 36.41
CA THR A 16 -13.56 23.83 35.21
C THR A 16 -14.46 23.03 34.26
N PHE A 17 -14.07 21.80 33.97
CA PHE A 17 -14.79 20.95 33.00
C PHE A 17 -16.21 20.61 33.42
N LEU A 18 -16.37 20.24 34.70
CA LEU A 18 -17.67 19.88 35.26
C LEU A 18 -18.60 21.07 35.46
N LYS A 19 -18.02 22.24 35.77
CA LYS A 19 -18.76 23.50 35.80
C LYS A 19 -19.38 23.83 34.44
N ALA A 20 -18.56 23.82 33.39
CA ALA A 20 -19.03 24.02 32.03
C ALA A 20 -20.06 22.94 31.62
N ALA A 21 -19.77 21.68 31.96
CA ALA A 21 -20.66 20.56 31.62
C ALA A 21 -22.08 20.77 32.17
N ARG A 22 -22.20 21.38 33.33
CA ARG A 22 -23.53 21.65 33.90
C ARG A 22 -23.97 23.14 33.77
N GLY A 23 -23.32 23.88 32.86
CA GLY A 23 -23.72 25.24 32.51
C GLY A 23 -23.50 26.27 33.61
N GLU A 24 -22.58 25.96 34.52
CA GLU A 24 -22.18 26.90 35.58
C GLU A 24 -21.04 27.78 35.11
N LYS A 25 -21.00 29.01 35.61
CA LYS A 25 -19.88 29.92 35.39
C LYS A 25 -18.55 29.29 35.81
N ALA A 26 -17.52 29.51 35.01
CA ALA A 26 -16.16 29.12 35.36
C ALA A 26 -15.21 30.22 34.91
N ASP A 27 -13.98 30.16 35.41
CA ASP A 27 -12.99 31.20 35.15
C ASP A 27 -12.40 31.19 33.74
N HIS A 28 -12.35 30.00 33.14
CA HIS A 28 -11.85 29.83 31.78
C HIS A 28 -12.65 28.73 31.07
N THR A 29 -12.49 28.62 29.75
CA THR A 29 -13.09 27.55 28.97
C THR A 29 -12.25 26.28 29.09
N PRO A 30 -12.88 25.16 29.48
CA PRO A 30 -12.13 23.92 29.58
C PRO A 30 -11.92 23.29 28.20
N VAL A 31 -10.81 22.54 28.07
CA VAL A 31 -10.44 21.85 26.86
C VAL A 31 -10.08 20.40 27.15
N TRP A 32 -10.40 19.54 26.20
CA TRP A 32 -9.76 18.24 26.10
C TRP A 32 -9.92 17.80 24.65
N TYR A 33 -9.15 16.82 24.18
CA TYR A 33 -9.29 16.38 22.79
C TYR A 33 -9.64 14.91 22.67
N MET A 34 -10.57 14.59 21.79
CA MET A 34 -10.81 13.16 21.50
C MET A 34 -9.54 12.56 20.93
N ARG A 35 -9.18 11.40 21.44
CA ARG A 35 -7.89 10.76 21.15
C ARG A 35 -6.63 11.58 21.56
N GLN A 36 -6.74 12.35 22.65
CA GLN A 36 -5.57 13.09 23.14
C GLN A 36 -4.44 12.13 23.53
N ALA A 37 -4.82 10.97 24.07
CA ALA A 37 -3.87 9.88 24.34
C ALA A 37 -3.97 8.86 23.20
N GLY A 38 -2.85 8.63 22.52
CA GLY A 38 -2.86 7.84 21.31
C GLY A 38 -1.67 8.12 20.44
N ARG A 39 -1.83 7.81 19.15
CA ARG A 39 -0.71 7.70 18.22
C ARG A 39 -0.01 9.01 17.85
N SER A 40 -0.62 10.13 18.20
CA SER A 40 -0.01 11.43 17.99
C SER A 40 1.21 11.67 18.90
N GLN A 41 1.33 10.86 19.95
CA GLN A 41 2.36 11.04 20.99
C GLN A 41 3.49 10.03 20.87
N PRO A 42 4.76 10.51 20.82
CA PRO A 42 5.88 9.60 20.63
C PRO A 42 5.99 8.53 21.73
N GLU A 43 5.56 8.87 22.95
CA GLU A 43 5.69 7.95 24.09
C GLU A 43 4.63 6.87 24.13
N TYR A 44 3.44 7.19 23.61
CA TYR A 44 2.39 6.20 23.43
C TYR A 44 2.88 5.10 22.50
N ARG A 45 3.44 5.52 21.36
CA ARG A 45 3.92 4.60 20.36
C ARG A 45 4.98 3.67 20.92
N LYS A 46 5.97 4.27 21.60
CA LYS A 46 7.07 3.54 22.21
C LYS A 46 6.56 2.51 23.22
N LEU A 47 5.61 2.93 24.04
CA LEU A 47 5.00 2.06 25.03
C LEU A 47 4.27 0.91 24.34
N LYS A 48 3.58 1.24 23.25
CA LYS A 48 2.83 0.25 22.46
C LYS A 48 3.72 -0.80 21.83
N GLU A 49 4.82 -0.37 21.23
CA GLU A 49 5.78 -1.29 20.61
C GLU A 49 6.56 -2.11 21.65
N LYS A 50 6.66 -1.60 22.88
CA LYS A 50 7.36 -2.30 23.96
C LYS A 50 6.49 -3.32 24.69
N TYR A 51 5.25 -2.94 25.00
CA TYR A 51 4.34 -3.77 25.79
C TYR A 51 3.22 -4.42 25.00
N GLY A 52 2.88 -3.84 23.85
CA GLY A 52 1.82 -4.38 23.00
C GLY A 52 0.47 -3.77 23.32
N LEU A 53 -0.43 -3.83 22.34
CA LEU A 53 -1.75 -3.24 22.45
C LEU A 53 -2.50 -3.80 23.65
N PHE A 54 -2.39 -5.11 23.87
CA PHE A 54 -3.14 -5.80 24.91
C PHE A 54 -2.76 -5.36 26.32
N GLU A 55 -1.47 -5.37 26.63
CA GLU A 55 -0.98 -4.89 27.93
C GLU A 55 -1.34 -3.43 28.25
N ILE A 56 -1.43 -2.60 27.21
CA ILE A 56 -1.70 -1.17 27.41
C ILE A 56 -3.18 -0.85 27.32
N THR A 57 -3.99 -1.82 26.92
CA THR A 57 -5.44 -1.68 27.02
C THR A 57 -5.99 -2.51 28.17
N HIS A 58 -5.11 -3.22 28.88
CA HIS A 58 -5.54 -4.18 29.91
C HIS A 58 -4.75 -4.19 31.22
N GLN A 59 -3.60 -3.50 31.27
CA GLN A 59 -2.78 -3.45 32.49
C GLN A 59 -2.92 -2.09 33.18
N PRO A 60 -3.36 -2.09 34.46
CA PRO A 60 -3.75 -0.86 35.17
C PRO A 60 -2.66 0.21 35.25
N GLU A 61 -1.45 -0.17 35.65
CA GLU A 61 -0.31 0.74 35.68
C GLU A 61 -0.04 1.37 34.32
N LEU A 62 -0.30 0.60 33.26
CA LEU A 62 -0.11 1.08 31.89
C LEU A 62 -1.28 1.94 31.37
N CYS A 63 -2.51 1.43 31.46
CA CYS A 63 -3.69 2.22 31.04
C CYS A 63 -3.71 3.60 31.72
N ALA A 64 -3.37 3.61 33.01
CA ALA A 64 -3.33 4.83 33.82
C ALA A 64 -2.32 5.86 33.31
N TYR A 65 -1.13 5.38 32.94
CA TYR A 65 -0.09 6.24 32.37
C TYR A 65 -0.55 6.88 31.07
N VAL A 66 -1.09 6.07 30.15
CA VAL A 66 -1.53 6.57 28.86
C VAL A 66 -2.61 7.64 29.05
N THR A 67 -3.56 7.34 29.93
CA THR A 67 -4.66 8.23 30.24
C THR A 67 -4.18 9.58 30.79
N ARG A 68 -3.24 9.54 31.72
CA ARG A 68 -2.79 10.76 32.41
C ARG A 68 -1.86 11.66 31.58
N LEU A 69 -1.06 11.06 30.72
CA LEU A 69 -0.07 11.79 29.91
C LEU A 69 -0.52 13.12 29.28
N PRO A 70 -1.58 13.11 28.44
CA PRO A 70 -2.02 14.36 27.84
C PRO A 70 -2.31 15.44 28.88
N VAL A 71 -2.83 15.05 30.04
CA VAL A 71 -3.14 15.99 31.11
C VAL A 71 -1.84 16.68 31.53
N GLU A 72 -0.82 15.87 31.81
CA GLU A 72 0.51 16.36 32.19
C GLU A 72 1.18 17.21 31.10
N GLN A 73 1.06 16.79 29.85
CA GLN A 73 1.76 17.41 28.72
C GLN A 73 1.07 18.63 28.15
N TYR A 74 -0.26 18.62 28.16
CA TYR A 74 -1.00 19.73 27.58
C TYR A 74 -1.63 20.65 28.62
N GLY A 75 -1.86 20.14 29.81
CA GLY A 75 -2.63 20.85 30.83
C GLY A 75 -4.11 20.96 30.48
N VAL A 76 -4.64 19.94 29.79
CA VAL A 76 -6.09 19.89 29.48
C VAL A 76 -6.91 19.74 30.77
N ASP A 77 -8.19 20.09 30.71
CA ASP A 77 -9.05 20.12 31.88
C ASP A 77 -9.71 18.79 32.23
N ALA A 78 -9.48 17.77 31.40
CA ALA A 78 -10.08 16.47 31.60
C ALA A 78 -9.25 15.38 30.95
N ALA A 79 -9.29 14.21 31.56
CA ALA A 79 -8.68 12.98 31.06
C ALA A 79 -9.78 12.10 30.50
N ILE A 80 -9.52 11.49 29.34
CA ILE A 80 -10.44 10.51 28.79
C ILE A 80 -9.80 9.15 28.99
N LEU A 81 -10.57 8.26 29.61
CA LEU A 81 -10.09 6.94 29.92
C LEU A 81 -9.65 6.25 28.64
N TYR A 82 -8.37 5.88 28.59
CA TYR A 82 -7.86 5.16 27.45
C TYR A 82 -8.27 3.71 27.54
N LYS A 83 -9.05 3.25 26.57
CA LYS A 83 -9.31 1.83 26.38
C LYS A 83 -9.94 1.59 25.02
N ASP A 84 -10.06 0.32 24.64
CA ASP A 84 -10.72 -0.06 23.41
C ASP A 84 -12.25 0.05 23.52
N ILE A 85 -12.88 0.59 22.49
CA ILE A 85 -14.35 0.65 22.43
C ILE A 85 -15.04 -0.72 22.56
N MET A 86 -14.32 -1.79 22.22
CA MET A 86 -14.88 -3.14 22.20
C MET A 86 -14.69 -3.89 23.52
N THR A 87 -14.12 -3.21 24.51
CA THR A 87 -13.75 -3.80 25.82
C THR A 87 -14.83 -4.68 26.48
N PRO A 88 -16.11 -4.20 26.54
CA PRO A 88 -17.10 -5.01 27.22
C PRO A 88 -17.67 -6.19 26.42
N LEU A 89 -17.46 -6.21 25.10
CA LEU A 89 -18.13 -7.19 24.24
C LEU A 89 -17.89 -8.68 24.58
N PRO A 90 -16.63 -9.10 24.80
CA PRO A 90 -16.38 -10.50 25.23
C PRO A 90 -17.17 -10.96 26.47
N SER A 91 -17.48 -10.05 27.37
CA SER A 91 -18.31 -10.33 28.55
C SER A 91 -19.69 -10.89 28.23
N ILE A 92 -20.28 -10.42 27.13
CA ILE A 92 -21.61 -10.87 26.72
C ILE A 92 -21.55 -12.00 25.69
N GLY A 93 -20.34 -12.45 25.36
CA GLY A 93 -20.15 -13.62 24.51
C GLY A 93 -19.76 -13.37 23.06
N VAL A 94 -19.39 -12.13 22.73
CA VAL A 94 -18.85 -11.84 21.39
C VAL A 94 -17.33 -11.83 21.46
N ASP A 95 -16.70 -12.64 20.59
CA ASP A 95 -15.25 -12.81 20.64
C ASP A 95 -14.53 -11.82 19.73
N VAL A 96 -13.88 -10.84 20.34
CA VAL A 96 -13.13 -9.83 19.60
C VAL A 96 -11.67 -10.22 19.46
N GLU A 97 -11.30 -10.74 18.30
CA GLU A 97 -9.93 -11.19 18.01
C GLU A 97 -9.14 -10.17 17.21
N ILE A 98 -8.45 -10.64 16.15
CA ILE A 98 -7.65 -9.77 15.28
C ILE A 98 -6.19 -10.18 15.15
N LYS A 99 -5.31 -9.18 15.07
CA LYS A 99 -3.86 -9.45 15.02
C LYS A 99 -2.92 -8.37 14.51
N ASN A 100 -2.70 -7.33 15.33
CA ASN A 100 -1.68 -6.31 15.06
C ASN A 100 -1.91 -5.37 13.89
N GLY A 101 -2.11 -4.09 14.20
CA GLY A 101 -2.40 -3.06 13.19
C GLY A 101 -3.73 -3.37 12.54
N ILE A 102 -4.79 -3.01 13.23
CA ILE A 102 -6.12 -3.55 12.94
C ILE A 102 -6.30 -4.75 13.86
N GLY A 103 -6.18 -4.49 15.16
CA GLY A 103 -6.26 -5.52 16.20
C GLY A 103 -7.67 -6.04 16.39
N PRO A 104 -8.41 -5.49 17.38
CA PRO A 104 -9.73 -6.04 17.73
C PRO A 104 -10.72 -6.08 16.55
N VAL A 105 -10.94 -7.28 16.01
CA VAL A 105 -11.97 -7.52 14.99
C VAL A 105 -12.86 -8.69 15.38
N ILE A 106 -13.99 -8.85 14.69
CA ILE A 106 -14.98 -9.87 15.08
C ILE A 106 -15.09 -11.02 14.10
N ASP A 107 -14.59 -12.18 14.57
CA ASP A 107 -14.56 -13.44 13.85
C ASP A 107 -15.88 -13.86 13.18
N GLN A 108 -16.90 -14.17 13.97
CA GLN A 108 -18.20 -14.57 13.43
C GLN A 108 -19.28 -13.52 13.73
N PRO A 109 -19.75 -12.83 12.68
CA PRO A 109 -20.70 -11.73 12.83
C PRO A 109 -22.09 -12.19 13.25
N ILE A 110 -22.89 -11.26 13.75
CA ILE A 110 -24.30 -11.48 14.05
C ILE A 110 -25.04 -11.68 12.73
N ARG A 111 -25.71 -12.82 12.60
CA ARG A 111 -26.41 -13.14 11.35
C ARG A 111 -27.89 -13.38 11.59
N SER A 112 -28.22 -13.97 12.75
CA SER A 112 -29.59 -14.37 13.03
C SER A 112 -30.04 -13.88 14.39
N LEU A 113 -31.33 -14.07 14.66
CA LEU A 113 -31.92 -13.81 15.96
C LEU A 113 -31.37 -14.75 17.04
N ALA A 114 -31.07 -16.00 16.66
CA ALA A 114 -30.48 -16.98 17.58
C ALA A 114 -29.06 -16.61 18.06
N ASP A 115 -28.30 -15.91 17.22
CA ASP A 115 -27.01 -15.32 17.61
C ASP A 115 -27.17 -14.29 18.71
N ILE A 116 -28.24 -13.50 18.61
CA ILE A 116 -28.52 -12.44 19.58
C ILE A 116 -29.08 -13.02 20.87
N GLU A 117 -29.92 -14.05 20.76
CA GLU A 117 -30.46 -14.69 21.96
C GLU A 117 -29.43 -15.35 22.86
N LYS A 118 -28.34 -15.84 22.29
CA LYS A 118 -27.28 -16.45 23.08
C LYS A 118 -26.33 -15.44 23.77
N LEU A 119 -26.51 -14.14 23.50
CA LEU A 119 -25.73 -13.11 24.17
C LEU A 119 -26.08 -12.97 25.67
N GLY A 120 -25.05 -12.94 26.51
CA GLY A 120 -25.22 -12.85 27.94
C GLY A 120 -25.11 -11.45 28.53
N GLN A 121 -24.63 -11.38 29.76
CA GLN A 121 -24.60 -10.15 30.54
C GLN A 121 -23.23 -9.92 31.12
N ILE A 122 -22.86 -8.64 31.22
CA ILE A 122 -21.63 -8.24 31.87
C ILE A 122 -21.80 -8.20 33.39
N ASP A 123 -20.72 -8.55 34.08
CA ASP A 123 -20.59 -8.43 35.53
C ASP A 123 -19.24 -7.76 35.66
N PRO A 124 -19.21 -6.42 35.55
CA PRO A 124 -17.95 -5.70 35.38
C PRO A 124 -16.93 -5.96 36.49
N GLU A 125 -17.41 -6.10 37.72
CA GLU A 125 -16.57 -6.42 38.85
C GLU A 125 -15.77 -7.71 38.64
N GLN A 126 -16.39 -8.66 37.94
CA GLN A 126 -15.79 -9.96 37.66
C GLN A 126 -15.19 -10.05 36.26
N ASP A 127 -15.81 -9.37 35.29
CA ASP A 127 -15.47 -9.51 33.88
C ASP A 127 -14.44 -8.49 33.38
N VAL A 128 -14.61 -7.23 33.76
CA VAL A 128 -13.66 -6.19 33.37
C VAL A 128 -13.02 -5.51 34.61
N PRO A 129 -12.38 -6.31 35.49
CA PRO A 129 -11.82 -5.72 36.71
C PRO A 129 -10.69 -4.71 36.45
N TYR A 130 -9.88 -4.98 35.43
CA TYR A 130 -8.75 -4.14 35.04
C TYR A 130 -9.13 -2.70 34.74
N VAL A 131 -10.32 -2.47 34.17
CA VAL A 131 -10.74 -1.10 33.92
C VAL A 131 -11.24 -0.39 35.19
N LEU A 132 -11.97 -1.12 36.03
CA LEU A 132 -12.38 -0.61 37.34
C LEU A 132 -11.17 -0.18 38.22
N GLU A 133 -10.12 -1.02 38.23
CA GLU A 133 -8.87 -0.74 38.94
C GLU A 133 -8.08 0.47 38.38
N THR A 134 -8.09 0.64 37.06
CA THR A 134 -7.44 1.76 36.40
C THR A 134 -8.11 3.08 36.81
N ILE A 135 -9.43 3.11 36.74
CA ILE A 135 -10.22 4.25 37.18
C ILE A 135 -9.93 4.61 38.64
N LYS A 136 -9.90 3.59 39.51
CA LYS A 136 -9.61 3.73 40.95
C LYS A 136 -8.21 4.31 41.20
N LEU A 137 -7.20 3.73 40.54
CA LEU A 137 -5.84 4.28 40.56
C LEU A 137 -5.78 5.75 40.11
N LEU A 138 -6.48 6.08 39.03
CA LEU A 138 -6.44 7.41 38.46
C LEU A 138 -7.17 8.45 39.32
N VAL A 139 -8.40 8.12 39.71
CA VAL A 139 -9.24 9.01 40.51
C VAL A 139 -8.78 9.14 41.98
N ASN A 140 -8.67 8.02 42.69
CA ASN A 140 -8.35 8.06 44.12
C ASN A 140 -6.89 8.43 44.42
N GLU A 141 -6.01 8.38 43.40
CA GLU A 141 -4.56 8.50 43.64
C GLU A 141 -3.69 9.29 42.64
N GLN A 142 -4.21 9.64 41.46
CA GLN A 142 -3.34 10.24 40.40
C GLN A 142 -3.76 11.61 39.83
N LEU A 143 -5.04 11.80 39.53
CA LEU A 143 -5.51 12.98 38.80
C LEU A 143 -6.04 14.08 39.71
N ASN A 144 -5.77 15.33 39.33
CA ASN A 144 -6.43 16.51 39.93
C ASN A 144 -7.31 17.19 38.85
N VAL A 145 -7.79 16.33 37.96
CA VAL A 145 -8.61 16.71 36.84
C VAL A 145 -9.66 15.61 36.81
N PRO A 146 -10.90 15.92 36.36
CA PRO A 146 -11.94 14.90 36.25
C PRO A 146 -11.60 13.81 35.22
N LEU A 147 -12.06 12.59 35.48
CA LEU A 147 -11.91 11.50 34.53
C LEU A 147 -13.21 11.25 33.79
N ILE A 148 -13.14 11.27 32.47
CA ILE A 148 -14.23 10.87 31.63
C ILE A 148 -14.13 9.36 31.32
N GLY A 149 -15.14 8.60 31.75
CA GLY A 149 -15.30 7.22 31.31
C GLY A 149 -15.99 7.22 29.96
N PHE A 150 -16.09 6.05 29.33
CA PHE A 150 -16.76 5.99 28.04
C PHE A 150 -17.25 4.61 27.66
N SER A 151 -18.13 4.60 26.66
CA SER A 151 -18.58 3.39 26.04
C SER A 151 -18.95 3.78 24.61
N GLY A 152 -18.87 2.79 23.71
CA GLY A 152 -19.52 2.90 22.43
C GLY A 152 -21.03 2.86 22.61
N ALA A 153 -21.75 3.42 21.65
CA ALA A 153 -23.19 3.30 21.60
C ALA A 153 -23.58 2.00 20.88
N PRO A 154 -24.84 1.54 21.07
CA PRO A 154 -25.44 0.36 20.42
C PRO A 154 -25.30 0.25 18.91
N PHE A 155 -25.56 1.31 18.16
CA PHE A 155 -25.46 1.21 16.70
C PHE A 155 -24.02 0.92 16.29
N THR A 156 -23.10 1.70 16.82
CA THR A 156 -21.68 1.54 16.54
C THR A 156 -21.20 0.16 16.92
N LEU A 157 -21.53 -0.30 18.12
CA LEU A 157 -21.16 -1.66 18.54
C LEU A 157 -21.82 -2.76 17.69
N ALA A 158 -23.10 -2.59 17.39
CA ALA A 158 -23.83 -3.50 16.51
C ALA A 158 -23.22 -3.55 15.11
N SER A 159 -22.72 -2.40 14.62
CA SER A 159 -22.02 -2.37 13.33
C SER A 159 -20.76 -3.20 13.32
N TYR A 160 -19.97 -3.12 14.38
CA TYR A 160 -18.82 -4.00 14.53
C TYR A 160 -19.24 -5.48 14.54
N MET A 161 -20.30 -5.77 15.28
CA MET A 161 -20.78 -7.15 15.42
C MET A 161 -21.42 -7.71 14.15
N THR A 162 -21.89 -6.82 13.28
CA THR A 162 -22.67 -7.23 12.10
C THR A 162 -21.91 -7.19 10.79
N GLU A 163 -21.10 -6.16 10.58
CA GLU A 163 -20.28 -6.13 9.37
C GLU A 163 -19.22 -7.24 9.44
N GLY A 164 -18.70 -7.47 10.65
CA GLY A 164 -17.49 -8.28 10.83
C GLY A 164 -16.32 -7.48 10.29
N GLY A 165 -16.12 -7.53 8.95
CA GLY A 165 -15.08 -6.76 8.25
C GLY A 165 -15.32 -5.25 8.21
N PRO A 166 -14.38 -4.49 7.61
CA PRO A 166 -14.46 -3.02 7.66
C PRO A 166 -15.40 -2.44 6.60
N SER A 167 -16.12 -1.37 6.98
CA SER A 167 -17.15 -0.79 6.10
C SER A 167 -17.10 0.73 6.04
N LYS A 168 -17.39 1.26 4.86
CA LYS A 168 -17.52 2.70 4.68
C LYS A 168 -18.99 3.13 4.72
N ASN A 169 -19.89 2.24 4.32
CA ASN A 169 -21.31 2.58 4.19
C ASN A 169 -22.31 1.93 5.16
N TYR A 170 -21.91 0.79 5.75
CA TYR A 170 -22.73 0.08 6.75
C TYR A 170 -24.02 -0.52 6.21
N ASN A 171 -23.95 -0.92 4.94
CA ASN A 171 -25.05 -1.57 4.24
C ASN A 171 -25.55 -2.83 4.93
N LYS A 172 -24.63 -3.74 5.28
CA LYS A 172 -25.03 -4.99 5.93
C LYS A 172 -25.69 -4.73 7.28
N THR A 173 -25.15 -3.80 8.05
CA THR A 173 -25.70 -3.44 9.35
C THR A 173 -27.11 -2.87 9.20
N LYS A 174 -27.28 -1.94 8.26
CA LYS A 174 -28.56 -1.27 8.00
C LYS A 174 -29.60 -2.20 7.36
N ALA A 175 -29.17 -3.04 6.42
CA ALA A 175 -30.03 -4.10 5.86
C ALA A 175 -30.57 -5.03 6.93
N PHE A 176 -29.69 -5.42 7.85
CA PHE A 176 -30.10 -6.23 9.03
C PHE A 176 -31.17 -5.50 9.85
N MET A 177 -30.89 -4.23 10.14
CA MET A 177 -31.79 -3.33 10.85
C MET A 177 -33.17 -3.27 10.17
N TYR A 178 -33.17 -3.08 8.85
CA TYR A 178 -34.40 -3.00 8.06
C TYR A 178 -35.15 -4.33 7.96
N SER A 179 -34.42 -5.43 7.75
CA SER A 179 -34.99 -6.74 7.44
C SER A 179 -35.44 -7.52 8.66
N MET A 180 -34.78 -7.30 9.79
CA MET A 180 -35.03 -8.06 11.00
C MET A 180 -35.25 -7.14 12.22
N PRO A 181 -36.29 -6.27 12.15
CA PRO A 181 -36.60 -5.29 13.19
C PRO A 181 -36.65 -5.89 14.60
N ASP A 182 -37.25 -7.07 14.73
CA ASP A 182 -37.37 -7.75 16.01
C ASP A 182 -36.01 -8.17 16.57
N ALA A 183 -35.21 -8.87 15.74
CA ALA A 183 -33.81 -9.17 16.09
C ALA A 183 -33.02 -7.91 16.44
N TRP A 184 -33.28 -6.81 15.71
CA TRP A 184 -32.53 -5.58 15.88
C TRP A 184 -32.82 -4.98 17.24
N ASN A 185 -34.12 -4.95 17.57
CA ASN A 185 -34.58 -4.51 18.87
C ASN A 185 -34.01 -5.32 20.05
N LEU A 186 -33.99 -6.64 19.91
CA LEU A 186 -33.34 -7.48 20.92
C LEU A 186 -31.84 -7.18 21.05
N LEU A 187 -31.15 -7.02 19.92
CA LEU A 187 -29.72 -6.68 19.92
C LEU A 187 -29.46 -5.33 20.61
N MET A 188 -30.31 -4.35 20.31
CA MET A 188 -30.23 -3.05 20.93
C MET A 188 -30.40 -3.15 22.45
N SER A 189 -31.33 -4.01 22.88
CA SER A 189 -31.64 -4.24 24.28
C SER A 189 -30.49 -4.93 25.03
N LYS A 190 -29.91 -5.96 24.40
CA LYS A 190 -28.77 -6.68 24.98
C LYS A 190 -27.57 -5.76 25.16
N LEU A 191 -27.30 -4.94 24.15
CA LEU A 191 -26.23 -3.97 24.20
C LEU A 191 -26.47 -2.85 25.20
N ALA A 192 -27.72 -2.38 25.29
CA ALA A 192 -28.13 -1.38 26.28
C ALA A 192 -27.90 -1.87 27.71
N ASP A 193 -28.38 -3.09 28.01
CA ASP A 193 -28.11 -3.79 29.27
C ASP A 193 -26.63 -3.70 29.61
N MET A 194 -25.80 -4.12 28.67
CA MET A 194 -24.36 -4.14 28.86
C MET A 194 -23.79 -2.72 29.10
N ILE A 195 -24.20 -1.77 28.26
CA ILE A 195 -23.67 -0.40 28.31
C ILE A 195 -23.97 0.28 29.66
N ILE A 196 -25.22 0.15 30.11
CA ILE A 196 -25.65 0.70 31.40
C ILE A 196 -24.88 0.10 32.58
N VAL A 197 -24.76 -1.22 32.64
CA VAL A 197 -24.00 -1.84 33.73
C VAL A 197 -22.51 -1.47 33.67
N TYR A 198 -21.94 -1.50 32.47
CA TYR A 198 -20.54 -1.14 32.24
C TYR A 198 -20.25 0.31 32.68
N VAL A 199 -21.10 1.24 32.23
CA VAL A 199 -20.95 2.64 32.56
C VAL A 199 -21.16 2.91 34.07
N LYS A 200 -22.17 2.25 34.65
CA LYS A 200 -22.49 2.39 36.07
C LYS A 200 -21.30 2.00 36.95
N ALA A 201 -20.58 0.97 36.55
CA ALA A 201 -19.42 0.51 37.28
C ALA A 201 -18.24 1.47 37.13
N GLN A 202 -18.17 2.16 35.99
CA GLN A 202 -17.09 3.13 35.77
C GLN A 202 -17.26 4.34 36.67
N ILE A 203 -18.50 4.79 36.83
CA ILE A 203 -18.87 5.92 37.67
C ILE A 203 -18.60 5.58 39.12
N LYS A 204 -19.03 4.41 39.58
CA LYS A 204 -18.78 3.96 40.94
C LYS A 204 -17.30 3.86 41.26
N ALA A 205 -16.45 3.45 40.23
CA ALA A 205 -15.02 3.34 40.44
C ALA A 205 -14.31 4.70 40.47
N GLY A 206 -15.01 5.78 40.08
CA GLY A 206 -14.45 7.12 40.18
C GLY A 206 -14.81 8.14 39.12
N ALA A 207 -15.07 7.67 37.90
CA ALA A 207 -15.38 8.56 36.76
C ALA A 207 -16.49 9.59 37.06
N LYS A 208 -16.24 10.83 36.69
CA LYS A 208 -17.11 11.96 37.04
C LYS A 208 -17.92 12.49 35.87
N ALA A 209 -17.61 12.00 34.68
CA ALA A 209 -18.45 12.20 33.51
C ALA A 209 -18.35 10.94 32.65
N ILE A 210 -19.26 10.80 31.70
CA ILE A 210 -19.20 9.71 30.74
C ILE A 210 -19.51 10.25 29.35
N GLN A 211 -18.69 9.85 28.38
CA GLN A 211 -18.99 10.12 26.98
C GLN A 211 -19.37 8.85 26.28
N ILE A 212 -20.49 8.93 25.56
CA ILE A 212 -20.89 7.88 24.63
C ILE A 212 -20.46 8.26 23.22
N PHE A 213 -19.68 7.36 22.60
CA PHE A 213 -19.22 7.51 21.23
C PHE A 213 -20.14 6.72 20.32
N ASP A 214 -20.85 7.42 19.43
CA ASP A 214 -21.66 6.76 18.40
C ASP A 214 -21.09 7.12 17.04
N SER A 215 -19.89 6.57 16.80
CA SER A 215 -19.03 6.97 15.72
C SER A 215 -19.67 6.89 14.35
N TRP A 216 -20.53 5.89 14.14
CA TRP A 216 -21.03 5.65 12.79
C TRP A 216 -22.50 5.92 12.56
N VAL A 217 -23.20 6.41 13.58
CA VAL A 217 -24.65 6.56 13.48
C VAL A 217 -25.10 7.65 12.49
N GLY A 218 -24.16 8.48 12.02
CA GLY A 218 -24.43 9.50 10.99
C GLY A 218 -24.69 8.91 9.60
N ALA A 219 -24.44 7.60 9.45
CA ALA A 219 -24.87 6.84 8.28
C ALA A 219 -26.40 6.79 8.18
N LEU A 220 -27.07 7.06 9.30
CA LEU A 220 -28.53 7.06 9.36
C LEU A 220 -29.10 8.46 9.17
N ASN A 221 -30.17 8.56 8.40
CA ASN A 221 -30.99 9.77 8.39
C ASN A 221 -31.81 9.88 9.69
N GLN A 222 -32.46 11.03 9.89
CA GLN A 222 -33.26 11.32 11.10
C GLN A 222 -34.42 10.35 11.26
N ALA A 223 -35.09 10.02 10.15
CA ALA A 223 -36.24 9.10 10.21
C ALA A 223 -35.84 7.74 10.77
N ASP A 224 -34.74 7.18 10.26
CA ASP A 224 -34.26 5.88 10.72
C ASP A 224 -33.62 5.93 12.10
N TYR A 225 -33.00 7.06 12.46
CA TYR A 225 -32.49 7.23 13.82
C TYR A 225 -33.62 7.10 14.86
N ARG A 226 -34.70 7.83 14.62
CA ARG A 226 -35.89 7.77 15.48
C ARG A 226 -36.55 6.39 15.53
N THR A 227 -36.68 5.74 14.37
CA THR A 227 -37.29 4.39 14.34
C THR A 227 -36.46 3.35 15.10
N TYR A 228 -35.18 3.27 14.78
CA TYR A 228 -34.38 2.10 15.16
C TYR A 228 -33.44 2.29 16.34
N ILE A 229 -33.12 3.54 16.64
CA ILE A 229 -32.02 3.86 17.55
C ILE A 229 -32.43 4.73 18.72
N LYS A 230 -33.18 5.80 18.47
CA LYS A 230 -33.57 6.77 19.51
C LYS A 230 -34.18 6.14 20.79
N PRO A 231 -35.15 5.21 20.65
CA PRO A 231 -35.74 4.64 21.88
C PRO A 231 -34.72 4.00 22.84
N VAL A 232 -33.86 3.12 22.34
CA VAL A 232 -32.86 2.50 23.21
C VAL A 232 -31.88 3.54 23.80
N MET A 233 -31.56 4.57 23.03
CA MET A 233 -30.76 5.68 23.53
C MET A 233 -31.46 6.38 24.68
N ASN A 234 -32.77 6.63 24.53
CA ASN A 234 -33.56 7.18 25.61
C ASN A 234 -33.44 6.34 26.88
N ARG A 235 -33.57 5.02 26.73
CA ARG A 235 -33.40 4.11 27.85
C ARG A 235 -32.03 4.22 28.51
N ILE A 236 -30.97 4.20 27.70
CA ILE A 236 -29.61 4.27 28.23
C ILE A 236 -29.36 5.56 29.04
N PHE A 237 -29.71 6.72 28.47
CA PHE A 237 -29.47 7.99 29.18
C PHE A 237 -30.38 8.19 30.38
N SER A 238 -31.66 7.80 30.26
CA SER A 238 -32.58 7.88 31.39
C SER A 238 -32.08 7.12 32.62
N GLU A 239 -31.62 5.89 32.40
CA GLU A 239 -30.95 5.11 33.43
C GLU A 239 -29.69 5.78 33.97
N LEU A 240 -28.79 6.15 33.07
CA LEU A 240 -27.50 6.73 33.44
C LEU A 240 -27.60 8.10 34.12
N ALA A 241 -28.71 8.81 33.88
CA ALA A 241 -28.98 10.10 34.52
C ALA A 241 -29.08 9.99 36.04
N LYS A 242 -29.48 8.82 36.52
CA LYS A 242 -29.62 8.58 37.96
C LYS A 242 -28.27 8.59 38.66
N GLU A 243 -27.20 8.43 37.87
CA GLU A 243 -25.83 8.43 38.42
C GLU A 243 -25.29 9.85 38.70
N ASN A 244 -26.02 10.86 38.24
CA ASN A 244 -25.74 12.25 38.58
C ASN A 244 -24.37 12.78 38.15
N VAL A 245 -23.93 12.34 36.98
CA VAL A 245 -22.70 12.84 36.37
C VAL A 245 -23.01 13.30 34.95
N PRO A 246 -22.28 14.30 34.45
CA PRO A 246 -22.45 14.75 33.06
C PRO A 246 -22.39 13.61 32.02
N LEU A 247 -23.39 13.57 31.14
CA LEU A 247 -23.47 12.59 30.06
C LEU A 247 -23.32 13.27 28.69
N ILE A 248 -22.36 12.80 27.91
CA ILE A 248 -22.01 13.43 26.65
C ILE A 248 -22.24 12.42 25.54
N MET A 249 -22.62 12.92 24.36
CA MET A 249 -22.59 12.07 23.17
C MET A 249 -21.93 12.76 21.98
N PHE A 250 -21.05 12.02 21.32
CA PHE A 250 -20.42 12.44 20.07
C PHE A 250 -20.42 11.31 19.02
N GLY A 251 -20.52 11.72 17.75
CA GLY A 251 -20.34 10.87 16.57
C GLY A 251 -20.10 11.82 15.40
N VAL A 252 -19.13 11.51 14.55
CA VAL A 252 -18.78 12.38 13.42
C VAL A 252 -19.82 12.27 12.28
N GLY A 253 -20.01 13.37 11.53
CA GLY A 253 -20.94 13.40 10.38
C GLY A 253 -22.39 13.18 10.77
N ALA A 254 -22.78 13.71 11.93
CA ALA A 254 -24.11 13.43 12.46
C ALA A 254 -24.86 14.71 12.84
N SER A 255 -24.48 15.82 12.21
CA SER A 255 -25.07 17.15 12.49
C SER A 255 -26.58 17.17 12.30
N HIS A 256 -27.04 16.42 11.32
CA HIS A 256 -28.44 16.26 11.03
C HIS A 256 -29.21 15.56 12.16
N LEU A 257 -28.50 15.00 13.14
CA LEU A 257 -29.12 14.29 14.27
C LEU A 257 -29.03 15.03 15.60
N ALA A 258 -28.47 16.24 15.57
CA ALA A 258 -28.21 17.00 16.80
C ALA A 258 -29.45 17.28 17.68
N GLY A 259 -30.52 17.78 17.07
CA GLY A 259 -31.80 17.96 17.74
C GLY A 259 -32.35 16.71 18.43
N ASP A 260 -32.35 15.58 17.74
CA ASP A 260 -32.78 14.29 18.34
C ASP A 260 -31.91 13.88 19.53
N TRP A 261 -30.60 14.13 19.44
CA TRP A 261 -29.67 13.86 20.55
C TRP A 261 -30.02 14.79 21.71
N HIS A 262 -30.37 16.03 21.36
CA HIS A 262 -30.76 17.04 22.34
C HIS A 262 -32.03 16.65 23.13
N ASP A 263 -32.96 15.97 22.46
CA ASP A 263 -34.15 15.39 23.09
C ASP A 263 -33.88 14.35 24.20
N LEU A 264 -32.72 13.69 24.15
CA LEU A 264 -32.41 12.62 25.10
C LEU A 264 -31.89 13.22 26.41
N PRO A 265 -32.07 12.51 27.56
CA PRO A 265 -31.65 13.06 28.87
C PRO A 265 -30.13 13.06 29.10
N LEU A 266 -29.36 13.29 28.04
CA LEU A 266 -27.92 13.54 28.14
C LEU A 266 -27.71 15.02 28.51
N ASP A 267 -26.46 15.41 28.78
CA ASP A 267 -26.17 16.79 29.25
C ASP A 267 -25.39 17.63 28.23
N VAL A 268 -24.48 16.99 27.51
CA VAL A 268 -23.60 17.68 26.58
C VAL A 268 -23.74 17.06 25.19
N VAL A 269 -23.98 17.94 24.20
CA VAL A 269 -24.06 17.55 22.81
C VAL A 269 -22.74 17.87 22.14
N GLY A 270 -22.04 16.83 21.69
CA GLY A 270 -20.80 17.01 20.97
C GLY A 270 -21.09 17.33 19.52
N LEU A 271 -20.36 18.31 18.98
CA LEU A 271 -20.55 18.77 17.61
C LEU A 271 -19.32 18.46 16.78
N ASP A 272 -19.55 18.16 15.50
CA ASP A 272 -18.45 18.16 14.54
C ASP A 272 -18.32 19.58 13.94
N TRP A 273 -17.39 19.75 13.00
CA TRP A 273 -17.13 21.08 12.44
C TRP A 273 -18.21 21.61 11.49
N ARG A 274 -19.22 20.78 11.20
CA ARG A 274 -20.28 21.19 10.27
C ARG A 274 -21.54 21.76 10.89
N LEU A 275 -21.64 21.67 12.21
CA LEU A 275 -22.66 22.44 12.94
C LEU A 275 -21.93 23.38 13.87
N GLY A 276 -21.90 24.65 13.49
CA GLY A 276 -21.38 25.71 14.34
C GLY A 276 -22.21 25.98 15.59
N ILE A 277 -21.58 26.62 16.59
CA ILE A 277 -22.23 26.95 17.86
C ILE A 277 -23.44 27.87 17.72
N ASP A 278 -23.28 29.04 17.10
CA ASP A 278 -24.45 29.92 16.82
C ASP A 278 -25.59 29.21 16.07
N GLU A 279 -25.24 28.42 15.05
CA GLU A 279 -26.19 27.59 14.30
C GLU A 279 -26.93 26.60 15.23
N ALA A 280 -26.18 25.92 16.08
CA ALA A 280 -26.76 25.02 17.08
C ALA A 280 -27.79 25.73 17.99
N ARG A 281 -27.39 26.83 18.64
CA ARG A 281 -28.26 27.62 19.51
C ARG A 281 -29.51 28.09 18.77
N SER A 282 -29.28 28.54 17.54
CA SER A 282 -30.34 28.98 16.65
C SER A 282 -31.36 27.90 16.31
N LYS A 283 -30.97 26.63 16.45
CA LYS A 283 -31.86 25.48 16.23
C LYS A 283 -32.45 24.93 17.53
N GLY A 284 -32.34 25.68 18.62
CA GLY A 284 -32.88 25.25 19.89
C GLY A 284 -32.00 24.28 20.66
N ILE A 285 -30.76 24.07 20.21
CA ILE A 285 -29.82 23.33 21.03
C ILE A 285 -29.36 24.25 22.17
N THR A 286 -29.81 23.89 23.37
CA THR A 286 -29.78 24.78 24.52
C THR A 286 -28.91 24.22 25.65
N LYS A 287 -28.75 22.89 25.68
CA LYS A 287 -27.84 22.21 26.60
C LYS A 287 -26.40 22.55 26.24
N THR A 288 -25.48 22.28 27.16
CA THR A 288 -24.07 22.53 26.89
C THR A 288 -23.60 21.78 25.64
N VAL A 289 -22.64 22.41 24.99
CA VAL A 289 -22.20 21.99 23.69
C VAL A 289 -20.72 21.72 23.84
N GLN A 290 -20.22 20.72 23.10
CA GLN A 290 -18.81 20.36 23.15
C GLN A 290 -18.18 20.41 21.77
N GLY A 291 -17.04 21.10 21.72
CA GLY A 291 -16.10 21.03 20.61
C GLY A 291 -16.63 21.50 19.28
N ASN A 292 -15.71 21.91 18.41
CA ASN A 292 -16.06 22.12 17.02
C ASN A 292 -14.86 22.00 16.08
N LEU A 293 -13.64 22.28 16.57
CA LEU A 293 -12.49 22.48 15.65
C LEU A 293 -12.22 21.28 14.75
N ASP A 294 -12.28 21.51 13.43
CA ASP A 294 -11.93 20.47 12.47
C ASP A 294 -10.47 20.07 12.68
N PRO A 295 -10.22 18.78 13.07
CA PRO A 295 -8.87 18.26 13.35
C PRO A 295 -7.86 18.55 12.23
N SER A 296 -8.33 18.63 10.98
CA SER A 296 -7.42 18.90 9.86
C SER A 296 -6.82 20.29 9.90
N ILE A 297 -7.47 21.21 10.61
CA ILE A 297 -6.95 22.58 10.77
C ILE A 297 -5.66 22.58 11.56
N LEU A 298 -5.48 21.58 12.43
CA LEU A 298 -4.27 21.47 13.23
C LEU A 298 -3.00 21.31 12.40
N LEU A 299 -3.16 21.11 11.09
CA LEU A 299 -2.03 20.97 10.17
C LEU A 299 -1.78 22.23 9.34
N ALA A 300 -2.65 23.22 9.50
CA ALA A 300 -2.51 24.47 8.78
C ALA A 300 -1.53 25.36 9.55
N PRO A 301 -1.09 26.48 8.94
CA PRO A 301 -0.21 27.38 9.72
C PRO A 301 -0.94 27.90 10.94
N TRP A 302 -0.19 28.37 11.93
CA TRP A 302 -0.79 28.85 13.18
C TRP A 302 -1.85 29.93 12.96
N GLU A 303 -1.62 30.80 11.98
CA GLU A 303 -2.54 31.88 11.63
C GLU A 303 -3.96 31.36 11.49
N VAL A 304 -4.08 30.20 10.83
CA VAL A 304 -5.37 29.57 10.54
C VAL A 304 -5.95 28.92 11.77
N ILE A 305 -5.15 28.14 12.49
CA ILE A 305 -5.60 27.52 13.75
C ILE A 305 -6.25 28.57 14.67
N GLU A 306 -5.53 29.69 14.83
CA GLU A 306 -5.92 30.74 15.76
C GLU A 306 -7.22 31.42 15.33
N GLN A 307 -7.32 31.81 14.06
CA GLN A 307 -8.51 32.46 13.54
C GLN A 307 -9.73 31.56 13.65
N LYS A 308 -9.52 30.27 13.40
CA LYS A 308 -10.59 29.29 13.46
C LYS A 308 -11.02 29.02 14.90
N THR A 309 -10.02 28.88 15.79
CA THR A 309 -10.29 28.65 17.20
C THR A 309 -10.93 29.85 17.90
N LYS A 310 -10.44 31.06 17.62
CA LYS A 310 -10.98 32.29 18.20
C LYS A 310 -12.47 32.47 17.85
N GLU A 311 -12.81 32.18 16.60
CA GLU A 311 -14.19 32.22 16.12
C GLU A 311 -15.11 31.26 16.90
N ILE A 312 -14.65 30.02 17.09
CA ILE A 312 -15.37 29.03 17.89
C ILE A 312 -15.52 29.47 19.36
N LEU A 313 -14.43 29.93 19.97
CA LEU A 313 -14.48 30.40 21.36
C LEU A 313 -15.44 31.57 21.52
N ASP A 314 -15.35 32.55 20.62
CA ASP A 314 -16.24 33.72 20.62
C ASP A 314 -17.70 33.35 20.64
N GLN A 315 -18.08 32.38 19.81
CA GLN A 315 -19.45 31.85 19.80
C GLN A 315 -19.75 31.08 21.08
N GLY A 316 -18.84 30.20 21.48
CA GLY A 316 -19.07 29.31 22.60
C GLY A 316 -19.16 30.02 23.94
N MET A 317 -18.39 31.09 24.09
CA MET A 317 -18.36 31.85 25.34
C MET A 317 -19.58 32.72 25.53
N GLU A 318 -20.53 32.64 24.59
CA GLU A 318 -21.78 33.36 24.72
C GLU A 318 -22.57 32.84 25.92
N SER A 319 -22.54 31.53 26.17
CA SER A 319 -23.08 30.97 27.42
C SER A 319 -22.00 30.17 28.19
N ASP A 320 -22.31 29.79 29.42
CA ASP A 320 -21.40 29.01 30.27
C ASP A 320 -21.23 27.55 29.87
N GLY A 321 -22.28 26.99 29.26
CA GLY A 321 -22.28 25.58 28.85
C GLY A 321 -21.51 25.34 27.57
N PHE A 322 -20.18 25.31 27.70
CA PHE A 322 -19.31 25.17 26.53
C PHE A 322 -17.98 24.53 26.92
N ILE A 323 -17.68 23.40 26.28
CA ILE A 323 -16.40 22.74 26.42
C ILE A 323 -15.75 22.75 25.05
N PHE A 324 -14.51 23.24 24.97
CA PHE A 324 -13.79 23.20 23.72
C PHE A 324 -13.17 21.81 23.47
N ASN A 325 -13.30 21.36 22.23
CA ASN A 325 -12.76 20.08 21.77
C ASN A 325 -12.61 20.21 20.26
N LEU A 326 -12.11 19.15 19.64
CA LEU A 326 -12.13 19.04 18.19
C LEU A 326 -13.51 18.59 17.73
N GLY A 327 -13.77 18.67 16.42
CA GLY A 327 -15.00 18.14 15.84
C GLY A 327 -14.82 16.68 15.41
N HIS A 328 -13.70 16.07 15.81
CA HIS A 328 -13.36 14.66 15.53
C HIS A 328 -12.11 14.30 16.34
N GLY A 329 -11.61 13.08 16.21
CA GLY A 329 -10.43 12.66 16.98
C GLY A 329 -9.14 13.21 16.43
N VAL A 330 -8.18 13.49 17.33
CA VAL A 330 -6.78 13.73 16.96
C VAL A 330 -6.26 12.57 16.11
N PHE A 331 -5.65 12.88 14.98
CA PHE A 331 -5.06 11.84 14.16
C PHE A 331 -3.53 11.74 14.36
N PRO A 332 -2.92 10.60 13.99
CA PRO A 332 -1.52 10.29 14.27
C PRO A 332 -0.47 11.38 13.99
N ASP A 333 -0.58 12.11 12.89
CA ASP A 333 0.44 13.11 12.59
C ASP A 333 0.15 14.53 13.04
N VAL A 334 -0.79 14.68 13.97
CA VAL A 334 -0.96 15.95 14.68
C VAL A 334 0.24 16.15 15.62
N SER A 335 0.79 17.36 15.60
CA SER A 335 1.90 17.73 16.47
C SER A 335 1.44 17.94 17.91
N PRO A 336 2.02 17.19 18.88
CA PRO A 336 1.71 17.45 20.30
C PRO A 336 2.07 18.89 20.70
N GLU A 337 3.10 19.45 20.08
CA GLU A 337 3.48 20.85 20.29
C GLU A 337 2.36 21.81 19.90
N VAL A 338 1.66 21.50 18.81
CA VAL A 338 0.50 22.29 18.40
C VAL A 338 -0.66 22.18 19.41
N LEU A 339 -0.87 20.99 19.96
CA LEU A 339 -1.88 20.78 21.00
C LEU A 339 -1.52 21.45 22.32
N LYS A 340 -0.24 21.47 22.65
CA LYS A 340 0.22 22.20 23.81
C LYS A 340 -0.11 23.70 23.64
N LYS A 341 0.24 24.24 22.48
CA LYS A 341 0.07 25.66 22.17
C LYS A 341 -1.40 26.02 22.09
N LEU A 342 -2.18 25.17 21.43
CA LEU A 342 -3.63 25.36 21.34
C LEU A 342 -4.31 25.42 22.70
N THR A 343 -3.93 24.50 23.59
CA THR A 343 -4.55 24.40 24.92
C THR A 343 -4.29 25.67 25.74
N ALA A 344 -3.05 26.16 25.71
CA ALA A 344 -2.72 27.44 26.38
C ALA A 344 -3.44 28.63 25.76
N PHE A 345 -3.54 28.66 24.43
CA PHE A 345 -4.27 29.75 23.78
C PHE A 345 -5.73 29.79 24.20
N VAL A 346 -6.41 28.63 24.15
CA VAL A 346 -7.79 28.54 24.61
C VAL A 346 -7.93 29.05 26.06
N HIS A 347 -7.04 28.58 26.94
CA HIS A 347 -7.07 28.95 28.36
C HIS A 347 -6.86 30.46 28.57
N GLU A 348 -5.76 30.97 28.00
CA GLU A 348 -5.40 32.39 28.06
C GLU A 348 -6.46 33.31 27.40
N TYR A 349 -6.86 33.01 26.16
CA TYR A 349 -7.90 33.78 25.48
C TYR A 349 -9.23 33.83 26.27
N SER A 350 -9.68 32.69 26.77
CA SER A 350 -10.99 32.61 27.41
C SER A 350 -11.03 33.25 28.80
N GLN A 351 -9.97 33.08 29.57
CA GLN A 351 -9.94 33.67 30.90
C GLN A 351 -9.84 35.20 30.83
N ASN A 352 -9.06 35.71 29.88
CA ASN A 352 -9.03 37.12 29.58
C ASN A 352 -10.44 37.65 29.29
N LYS A 353 -11.13 37.01 28.33
CA LYS A 353 -12.52 37.34 28.01
C LYS A 353 -13.48 37.34 29.22
N LYS A 354 -13.33 36.34 30.08
CA LYS A 354 -14.22 36.15 31.21
C LYS A 354 -13.89 37.05 32.42
N MET A 355 -12.78 37.79 32.33
CA MET A 355 -12.42 38.76 33.36
C MET A 355 -13.44 39.90 33.45
N THR B 12 -41.68 6.93 -29.70
CA THR B 12 -41.59 8.29 -29.09
C THR B 12 -40.40 8.37 -28.13
N PHE B 13 -39.57 9.38 -28.32
CA PHE B 13 -38.52 9.71 -27.36
C PHE B 13 -39.14 10.00 -25.99
N ASN B 14 -38.54 9.49 -24.93
CA ASN B 14 -39.03 9.74 -23.56
C ASN B 14 -38.42 11.00 -22.95
N GLU B 15 -39.24 12.05 -22.83
CA GLU B 15 -38.76 13.35 -22.36
C GLU B 15 -39.12 13.64 -20.89
N THR B 16 -39.62 12.62 -20.19
CA THR B 16 -40.08 12.75 -18.83
C THR B 16 -39.02 13.38 -17.94
N PHE B 17 -37.79 12.87 -18.04
CA PHE B 17 -36.67 13.33 -17.23
C PHE B 17 -36.38 14.81 -17.41
N LEU B 18 -36.39 15.27 -18.66
CA LEU B 18 -36.05 16.65 -18.99
C LEU B 18 -37.12 17.63 -18.52
N LYS B 19 -38.38 17.21 -18.58
CA LYS B 19 -39.50 18.02 -18.09
C LYS B 19 -39.40 18.24 -16.58
N ALA B 20 -39.30 17.15 -15.82
CA ALA B 20 -39.12 17.23 -14.37
C ALA B 20 -37.96 18.15 -13.98
N ALA B 21 -36.82 18.00 -14.68
CA ALA B 21 -35.64 18.83 -14.44
C ALA B 21 -35.90 20.31 -14.68
N ARG B 22 -36.77 20.60 -15.65
CA ARG B 22 -37.17 21.97 -15.96
C ARG B 22 -38.36 22.40 -15.10
N GLY B 23 -38.78 21.52 -14.19
CA GLY B 23 -39.94 21.76 -13.35
C GLY B 23 -41.23 21.89 -14.12
N GLU B 24 -41.37 21.06 -15.16
CA GLU B 24 -42.55 21.05 -16.03
C GLU B 24 -43.35 19.79 -15.80
N LYS B 25 -44.67 19.90 -15.94
CA LYS B 25 -45.60 18.78 -15.85
C LYS B 25 -45.19 17.58 -16.70
N ALA B 26 -45.24 16.38 -16.12
CA ALA B 26 -45.08 15.12 -16.85
C ALA B 26 -46.05 14.07 -16.30
N ASP B 27 -46.27 12.98 -17.06
CA ASP B 27 -47.30 11.99 -16.71
C ASP B 27 -46.86 10.96 -15.66
N HIS B 28 -45.57 10.93 -15.37
CA HIS B 28 -45.01 10.05 -14.34
C HIS B 28 -43.72 10.66 -13.78
N THR B 29 -43.23 10.07 -12.69
CA THR B 29 -41.98 10.54 -12.11
C THR B 29 -40.81 9.85 -12.80
N PRO B 30 -39.85 10.64 -13.32
CA PRO B 30 -38.67 10.02 -13.94
C PRO B 30 -37.73 9.41 -12.90
N VAL B 31 -37.13 8.28 -13.29
CA VAL B 31 -36.19 7.55 -12.45
C VAL B 31 -34.91 7.22 -13.22
N TRP B 32 -33.78 7.40 -12.55
CA TRP B 32 -32.54 6.71 -12.91
C TRP B 32 -31.76 6.52 -11.62
N TYR B 33 -30.69 5.73 -11.66
CA TYR B 33 -29.90 5.47 -10.46
C TYR B 33 -28.43 5.74 -10.72
N MET B 34 -27.79 6.47 -9.81
CA MET B 34 -26.34 6.62 -9.83
C MET B 34 -25.69 5.23 -9.74
N ARG B 35 -24.75 4.98 -10.65
CA ARG B 35 -24.11 3.63 -10.82
C ARG B 35 -25.04 2.50 -11.32
N GLN B 36 -26.10 2.85 -12.04
CA GLN B 36 -27.00 1.83 -12.63
C GLN B 36 -26.28 0.89 -13.61
N ALA B 37 -25.29 1.44 -14.31
CA ALA B 37 -24.31 0.64 -15.04
C ALA B 37 -23.09 0.45 -14.16
N GLY B 38 -22.82 -0.80 -13.78
CA GLY B 38 -21.63 -1.13 -13.00
C GLY B 38 -21.70 -2.55 -12.49
N ARG B 39 -20.99 -2.81 -11.41
CA ARG B 39 -20.74 -4.15 -10.87
C ARG B 39 -21.95 -4.88 -10.29
N SER B 40 -23.08 -4.17 -10.19
CA SER B 40 -24.35 -4.79 -9.79
C SER B 40 -24.86 -5.73 -10.88
N GLN B 41 -24.39 -5.52 -12.11
CA GLN B 41 -24.81 -6.33 -13.27
C GLN B 41 -23.85 -7.44 -13.65
N PRO B 42 -24.38 -8.67 -13.80
CA PRO B 42 -23.58 -9.80 -14.28
C PRO B 42 -22.92 -9.49 -15.62
N GLU B 43 -23.66 -8.86 -16.54
CA GLU B 43 -23.15 -8.57 -17.90
C GLU B 43 -21.93 -7.66 -17.83
N TYR B 44 -22.03 -6.63 -16.99
CA TYR B 44 -20.91 -5.71 -16.77
C TYR B 44 -19.69 -6.46 -16.23
N ARG B 45 -19.90 -7.26 -15.18
CA ARG B 45 -18.81 -8.02 -14.54
C ARG B 45 -18.09 -8.94 -15.53
N LYS B 46 -18.87 -9.60 -16.39
CA LYS B 46 -18.32 -10.49 -17.40
C LYS B 46 -17.60 -9.69 -18.47
N LEU B 47 -18.22 -8.60 -18.92
CA LEU B 47 -17.60 -7.71 -19.88
C LEU B 47 -16.24 -7.22 -19.38
N LYS B 48 -16.15 -6.94 -18.08
CA LYS B 48 -14.95 -6.37 -17.46
C LYS B 48 -13.82 -7.38 -17.40
N GLU B 49 -14.15 -8.62 -17.00
CA GLU B 49 -13.16 -9.67 -16.97
C GLU B 49 -12.72 -10.06 -18.39
N LYS B 50 -13.62 -9.91 -19.36
CA LYS B 50 -13.27 -10.22 -20.76
C LYS B 50 -12.30 -9.20 -21.35
N TYR B 51 -12.68 -7.92 -21.38
CA TYR B 51 -11.93 -6.89 -22.09
C TYR B 51 -11.00 -6.05 -21.21
N GLY B 52 -11.27 -6.04 -19.90
CA GLY B 52 -10.47 -5.25 -18.97
C GLY B 52 -11.06 -3.86 -18.78
N LEU B 53 -10.57 -3.17 -17.77
CA LEU B 53 -11.11 -1.86 -17.38
C LEU B 53 -10.86 -0.79 -18.45
N PHE B 54 -9.65 -0.75 -18.99
CA PHE B 54 -9.26 0.27 -19.97
C PHE B 54 -10.10 0.23 -21.26
N GLU B 55 -10.25 -0.96 -21.85
CA GLU B 55 -11.04 -1.16 -23.08
C GLU B 55 -12.48 -0.74 -22.89
N ILE B 56 -13.05 -1.08 -21.74
CA ILE B 56 -14.45 -0.79 -21.43
C ILE B 56 -14.69 0.70 -21.17
N THR B 57 -13.63 1.40 -20.79
CA THR B 57 -13.72 2.85 -20.58
C THR B 57 -13.15 3.63 -21.76
N HIS B 58 -12.83 2.95 -22.87
CA HIS B 58 -12.21 3.61 -24.01
C HIS B 58 -12.75 3.26 -25.40
N GLN B 59 -13.17 2.02 -25.60
CA GLN B 59 -13.83 1.62 -26.85
C GLN B 59 -15.29 2.09 -26.82
N PRO B 60 -15.66 3.02 -27.71
CA PRO B 60 -17.02 3.56 -27.77
C PRO B 60 -18.15 2.53 -27.85
N GLU B 61 -17.95 1.43 -28.58
CA GLU B 61 -19.00 0.41 -28.69
C GLU B 61 -19.25 -0.30 -27.36
N LEU B 62 -18.17 -0.48 -26.59
CA LEU B 62 -18.27 -1.08 -25.27
C LEU B 62 -18.83 -0.10 -24.24
N CYS B 63 -18.34 1.16 -24.25
CA CYS B 63 -18.86 2.18 -23.34
C CYS B 63 -20.37 2.41 -23.56
N ALA B 64 -20.79 2.46 -24.83
CA ALA B 64 -22.20 2.66 -25.21
C ALA B 64 -23.08 1.49 -24.75
N TYR B 65 -22.56 0.28 -24.88
CA TYR B 65 -23.27 -0.90 -24.41
C TYR B 65 -23.44 -0.80 -22.90
N VAL B 66 -22.34 -0.55 -22.20
CA VAL B 66 -22.38 -0.39 -20.75
C VAL B 66 -23.44 0.64 -20.33
N THR B 67 -23.39 1.81 -20.94
CA THR B 67 -24.32 2.90 -20.66
C THR B 67 -25.81 2.57 -20.92
N ARG B 68 -26.11 1.93 -22.05
CA ARG B 68 -27.51 1.68 -22.41
C ARG B 68 -28.17 0.49 -21.67
N LEU B 69 -27.35 -0.49 -21.30
CA LEU B 69 -27.83 -1.72 -20.64
C LEU B 69 -28.85 -1.52 -19.47
N PRO B 70 -28.59 -0.59 -18.52
CA PRO B 70 -29.60 -0.37 -17.46
C PRO B 70 -30.94 0.22 -17.97
N VAL B 71 -30.88 1.01 -19.04
CA VAL B 71 -32.08 1.56 -19.66
C VAL B 71 -32.97 0.45 -20.26
N GLU B 72 -32.34 -0.45 -21.01
CA GLU B 72 -33.00 -1.60 -21.60
C GLU B 72 -33.50 -2.61 -20.56
N GLN B 73 -32.70 -2.83 -19.50
CA GLN B 73 -33.05 -3.81 -18.48
C GLN B 73 -34.14 -3.31 -17.53
N TYR B 74 -34.08 -2.03 -17.14
CA TYR B 74 -34.92 -1.51 -16.06
C TYR B 74 -36.03 -0.60 -16.54
N GLY B 75 -35.78 0.06 -17.67
CA GLY B 75 -36.73 1.02 -18.22
C GLY B 75 -36.62 2.35 -17.53
N VAL B 76 -35.45 2.67 -16.99
CA VAL B 76 -35.21 3.98 -16.35
C VAL B 76 -35.34 5.09 -17.39
N ASP B 77 -35.49 6.33 -16.92
CA ASP B 77 -35.89 7.44 -17.77
C ASP B 77 -34.74 8.26 -18.37
N ALA B 78 -33.52 7.87 -18.03
CA ALA B 78 -32.33 8.58 -18.43
C ALA B 78 -31.14 7.63 -18.39
N ALA B 79 -30.12 7.95 -19.19
CA ALA B 79 -28.85 7.24 -19.13
C ALA B 79 -27.82 8.19 -18.57
N ILE B 80 -26.96 7.64 -17.72
CA ILE B 80 -25.79 8.34 -17.21
C ILE B 80 -24.57 7.80 -17.97
N LEU B 81 -23.80 8.71 -18.56
CA LEU B 81 -22.62 8.29 -19.28
C LEU B 81 -21.70 7.49 -18.38
N TYR B 82 -21.41 6.25 -18.79
CA TYR B 82 -20.37 5.47 -18.14
C TYR B 82 -18.99 5.97 -18.56
N LYS B 83 -18.32 6.64 -17.63
CA LYS B 83 -16.89 6.93 -17.78
C LYS B 83 -16.28 7.18 -16.42
N ASP B 84 -14.97 6.95 -16.33
CA ASP B 84 -14.20 7.29 -15.16
C ASP B 84 -14.28 8.79 -14.88
N ILE B 85 -14.29 9.14 -13.61
CA ILE B 85 -14.31 10.54 -13.19
C ILE B 85 -12.95 11.26 -13.43
N MET B 86 -11.87 10.50 -13.54
CA MET B 86 -10.55 11.08 -13.79
C MET B 86 -10.33 11.46 -15.26
N THR B 87 -11.25 11.02 -16.13
CA THR B 87 -11.09 11.11 -17.60
C THR B 87 -10.37 12.38 -18.15
N PRO B 88 -10.87 13.58 -17.82
CA PRO B 88 -10.26 14.79 -18.39
C PRO B 88 -8.93 15.23 -17.76
N LEU B 89 -8.51 14.60 -16.66
CA LEU B 89 -7.32 15.08 -15.91
C LEU B 89 -5.94 14.88 -16.59
N PRO B 90 -5.71 13.72 -17.25
CA PRO B 90 -4.45 13.58 -18.01
C PRO B 90 -4.23 14.68 -19.06
N SER B 91 -5.32 15.14 -19.66
CA SER B 91 -5.31 16.15 -20.70
C SER B 91 -4.70 17.49 -20.27
N ILE B 92 -4.75 17.78 -18.98
CA ILE B 92 -4.13 18.99 -18.46
C ILE B 92 -2.79 18.68 -17.78
N GLY B 93 -2.41 17.40 -17.79
CA GLY B 93 -1.09 16.97 -17.33
C GLY B 93 -0.96 16.33 -15.96
N VAL B 94 -1.92 15.48 -15.58
CA VAL B 94 -1.82 14.72 -14.33
C VAL B 94 -1.72 13.20 -14.56
N ASP B 95 -1.00 12.50 -13.67
CA ASP B 95 -0.83 11.04 -13.74
C ASP B 95 -2.11 10.25 -13.46
N VAL B 96 -2.12 8.97 -13.86
CA VAL B 96 -3.26 8.08 -13.65
C VAL B 96 -2.91 6.61 -13.63
N GLU B 97 -3.92 5.76 -13.87
CA GLU B 97 -3.75 4.30 -13.93
C GLU B 97 -3.52 3.66 -12.58
N ILE B 98 -2.67 2.63 -12.55
CA ILE B 98 -2.21 2.01 -11.29
C ILE B 98 -2.63 0.58 -11.02
N LYS B 99 -3.12 0.34 -9.80
CA LYS B 99 -3.42 -1.01 -9.32
C LYS B 99 -4.89 -1.40 -9.23
N ASN B 100 -5.78 -0.41 -9.17
CA ASN B 100 -7.22 -0.68 -9.11
C ASN B 100 -7.73 -0.91 -7.69
N GLY B 101 -6.95 -1.64 -6.90
CA GLY B 101 -7.25 -1.84 -5.47
C GLY B 101 -6.99 -0.57 -4.68
N ILE B 102 -8.03 0.23 -4.51
CA ILE B 102 -7.91 1.58 -3.96
C ILE B 102 -8.11 2.62 -5.05
N GLY B 103 -8.62 2.17 -6.19
CA GLY B 103 -8.95 3.04 -7.33
C GLY B 103 -7.77 3.38 -8.24
N PRO B 104 -7.87 4.53 -8.95
CA PRO B 104 -6.76 5.04 -9.76
C PRO B 104 -5.86 5.98 -8.95
N VAL B 105 -4.56 5.75 -9.00
CA VAL B 105 -3.61 6.48 -8.16
C VAL B 105 -2.91 7.61 -8.93
N ILE B 106 -2.60 8.69 -8.21
CA ILE B 106 -1.80 9.79 -8.76
C ILE B 106 -0.41 9.78 -8.11
N ASP B 107 0.64 9.71 -8.95
CA ASP B 107 2.03 9.61 -8.49
C ASP B 107 2.44 10.75 -7.55
N GLN B 108 3.11 11.77 -8.07
CA GLN B 108 3.43 12.96 -7.28
C GLN B 108 2.21 13.89 -7.19
N PRO B 109 1.71 14.12 -5.96
CA PRO B 109 0.63 15.06 -5.72
C PRO B 109 1.07 16.51 -5.87
N ILE B 110 0.10 17.41 -6.05
CA ILE B 110 0.35 18.85 -6.05
C ILE B 110 0.88 19.30 -4.69
N ARG B 111 2.00 20.02 -4.69
CA ARG B 111 2.60 20.54 -3.46
C ARG B 111 2.83 22.04 -3.50
N SER B 112 3.26 22.55 -4.65
CA SER B 112 3.63 23.95 -4.79
C SER B 112 2.74 24.70 -5.79
N LEU B 113 2.99 26.02 -5.92
CA LEU B 113 2.32 26.85 -6.90
C LEU B 113 2.77 26.49 -8.31
N ALA B 114 4.07 26.19 -8.45
CA ALA B 114 4.66 25.75 -9.72
C ALA B 114 3.99 24.49 -10.28
N ASP B 115 3.65 23.56 -9.38
CA ASP B 115 2.91 22.35 -9.73
C ASP B 115 1.55 22.66 -10.33
N ILE B 116 0.98 23.79 -9.92
CA ILE B 116 -0.32 24.24 -10.42
C ILE B 116 -0.13 25.07 -11.69
N GLU B 117 0.82 26.00 -11.67
CA GLU B 117 1.13 26.87 -12.81
C GLU B 117 1.40 26.13 -14.13
N LYS B 118 1.94 24.91 -14.02
CA LYS B 118 2.33 24.10 -15.17
C LYS B 118 1.18 23.36 -15.85
N LEU B 119 -0.02 23.43 -15.27
CA LEU B 119 -1.17 22.71 -15.79
C LEU B 119 -1.72 23.35 -17.04
N GLY B 120 -2.00 22.52 -18.05
CA GLY B 120 -2.44 22.98 -19.36
C GLY B 120 -3.95 23.03 -19.50
N GLN B 121 -4.40 22.97 -20.76
CA GLN B 121 -5.82 23.08 -21.08
C GLN B 121 -6.24 21.89 -21.90
N ILE B 122 -7.51 21.52 -21.79
CA ILE B 122 -8.07 20.41 -22.56
C ILE B 122 -8.56 20.88 -23.94
N ASP B 123 -8.23 20.07 -24.96
CA ASP B 123 -8.82 20.15 -26.29
C ASP B 123 -9.57 18.84 -26.46
N PRO B 124 -10.86 18.79 -26.08
CA PRO B 124 -11.60 17.54 -26.04
C PRO B 124 -11.54 16.69 -27.31
N GLU B 125 -11.64 17.35 -28.46
CA GLU B 125 -11.52 16.68 -29.74
C GLU B 125 -10.18 15.93 -29.85
N GLN B 126 -9.09 16.61 -29.47
CA GLN B 126 -7.74 16.03 -29.56
C GLN B 126 -7.45 15.06 -28.41
N ASP B 127 -8.00 15.37 -27.23
CA ASP B 127 -7.62 14.71 -25.98
C ASP B 127 -8.51 13.51 -25.58
N VAL B 128 -9.83 13.71 -25.60
CA VAL B 128 -10.76 12.67 -25.21
C VAL B 128 -11.80 12.36 -26.31
N PRO B 129 -11.35 12.07 -27.55
CA PRO B 129 -12.31 11.96 -28.65
C PRO B 129 -13.25 10.76 -28.50
N TYR B 130 -12.78 9.73 -27.81
CA TYR B 130 -13.54 8.51 -27.57
C TYR B 130 -14.80 8.74 -26.73
N VAL B 131 -14.76 9.70 -25.80
CA VAL B 131 -15.96 10.06 -25.05
C VAL B 131 -17.00 10.71 -25.97
N LEU B 132 -16.53 11.58 -26.87
CA LEU B 132 -17.38 12.28 -27.85
C LEU B 132 -18.02 11.27 -28.78
N GLU B 133 -17.22 10.34 -29.28
CA GLU B 133 -17.73 9.25 -30.11
C GLU B 133 -18.81 8.42 -29.43
N THR B 134 -18.59 8.07 -28.15
CA THR B 134 -19.56 7.27 -27.40
C THR B 134 -20.90 8.02 -27.29
N ILE B 135 -20.82 9.31 -26.95
CA ILE B 135 -22.01 10.14 -26.81
C ILE B 135 -22.80 10.21 -28.12
N LYS B 136 -22.11 10.43 -29.24
CA LYS B 136 -22.73 10.41 -30.57
C LYS B 136 -23.40 9.08 -30.94
N LEU B 137 -22.71 7.98 -30.66
CA LEU B 137 -23.24 6.63 -30.93
C LEU B 137 -24.55 6.42 -30.20
N LEU B 138 -24.52 6.70 -28.90
CA LEU B 138 -25.67 6.60 -28.01
C LEU B 138 -26.85 7.47 -28.44
N VAL B 139 -26.59 8.76 -28.60
CA VAL B 139 -27.63 9.73 -28.89
C VAL B 139 -28.17 9.63 -30.32
N ASN B 140 -27.30 9.48 -31.31
CA ASN B 140 -27.77 9.42 -32.70
C ASN B 140 -28.40 8.08 -33.12
N GLU B 141 -28.01 7.01 -32.45
CA GLU B 141 -28.31 5.67 -32.95
C GLU B 141 -28.93 4.70 -31.94
N GLN B 142 -28.78 4.97 -30.64
CA GLN B 142 -29.12 3.94 -29.65
C GLN B 142 -30.21 4.31 -28.64
N LEU B 143 -30.12 5.50 -28.06
CA LEU B 143 -30.95 5.88 -26.90
C LEU B 143 -32.29 6.52 -27.28
N ASN B 144 -33.36 6.07 -26.61
CA ASN B 144 -34.68 6.75 -26.68
C ASN B 144 -34.99 7.48 -25.38
N VAL B 145 -33.92 8.00 -24.79
CA VAL B 145 -33.92 8.52 -23.45
C VAL B 145 -32.76 9.53 -23.42
N PRO B 146 -32.91 10.63 -22.65
CA PRO B 146 -31.81 11.59 -22.52
C PRO B 146 -30.52 10.96 -22.01
N LEU B 147 -29.38 11.42 -22.54
CA LEU B 147 -28.08 11.07 -21.99
C LEU B 147 -27.60 12.17 -21.06
N ILE B 148 -27.32 11.81 -19.82
CA ILE B 148 -26.71 12.71 -18.87
C ILE B 148 -25.20 12.65 -19.01
N GLY B 149 -24.61 13.79 -19.35
CA GLY B 149 -23.16 13.95 -19.28
C GLY B 149 -22.72 14.21 -17.85
N PHE B 150 -21.42 14.05 -17.59
CA PHE B 150 -20.92 14.37 -16.26
C PHE B 150 -19.47 14.83 -16.21
N SER B 151 -19.16 15.51 -15.12
CA SER B 151 -17.79 15.85 -14.75
C SER B 151 -17.68 15.86 -13.23
N GLY B 152 -16.49 15.55 -12.72
CA GLY B 152 -16.18 15.80 -11.33
C GLY B 152 -16.05 17.30 -11.07
N ALA B 153 -16.25 17.70 -9.83
CA ALA B 153 -16.13 19.10 -9.43
C ALA B 153 -14.70 19.41 -9.04
N PRO B 154 -14.33 20.70 -9.08
CA PRO B 154 -12.98 21.15 -8.73
C PRO B 154 -12.47 20.64 -7.36
N PHE B 155 -13.27 20.76 -6.30
CA PHE B 155 -12.79 20.32 -4.99
C PHE B 155 -12.43 18.84 -4.97
N THR B 156 -13.33 18.02 -5.48
CA THR B 156 -13.15 16.58 -5.54
C THR B 156 -11.97 16.19 -6.42
N LEU B 157 -11.84 16.83 -7.58
CA LEU B 157 -10.70 16.62 -8.47
C LEU B 157 -9.40 17.07 -7.85
N ALA B 158 -9.44 18.24 -7.21
CA ALA B 158 -8.31 18.75 -6.42
C ALA B 158 -7.89 17.76 -5.34
N SER B 159 -8.86 17.19 -4.63
CA SER B 159 -8.60 16.20 -3.58
C SER B 159 -7.78 14.99 -4.07
N TYR B 160 -8.19 14.39 -5.19
CA TYR B 160 -7.46 13.28 -5.81
C TYR B 160 -6.02 13.69 -6.12
N MET B 161 -5.85 14.93 -6.57
CA MET B 161 -4.55 15.46 -6.95
C MET B 161 -3.62 15.80 -5.79
N THR B 162 -4.15 15.90 -4.66
CA THR B 162 -3.36 16.37 -3.51
C THR B 162 -3.11 15.27 -2.47
N GLU B 163 -4.09 14.43 -2.16
CA GLU B 163 -3.91 13.24 -1.32
C GLU B 163 -2.99 12.20 -1.97
N GLY B 164 -3.17 12.00 -3.28
CA GLY B 164 -2.55 10.89 -3.99
C GLY B 164 -3.22 9.58 -3.62
N GLY B 165 -2.98 9.14 -2.37
CA GLY B 165 -3.51 7.87 -1.83
C GLY B 165 -4.98 7.86 -1.44
N PRO B 166 -5.43 6.78 -0.77
CA PRO B 166 -6.85 6.62 -0.41
C PRO B 166 -7.21 7.38 0.87
N SER B 167 -8.14 8.33 0.77
CA SER B 167 -8.41 9.24 1.88
C SER B 167 -9.82 9.12 2.48
N LYS B 168 -9.88 9.21 3.81
CA LYS B 168 -11.14 9.22 4.52
C LYS B 168 -11.57 10.64 4.94
N ASN B 169 -10.61 11.48 5.33
CA ASN B 169 -10.94 12.83 5.79
C ASN B 169 -10.18 13.99 5.13
N TYR B 170 -9.38 13.68 4.12
CA TYR B 170 -8.81 14.71 3.22
C TYR B 170 -8.07 15.84 3.95
N ASN B 171 -7.24 15.45 4.92
CA ASN B 171 -6.50 16.42 5.73
C ASN B 171 -5.45 17.16 4.93
N LYS B 172 -4.79 16.46 4.01
CA LYS B 172 -3.74 17.06 3.19
C LYS B 172 -4.29 18.10 2.21
N THR B 173 -5.49 17.83 1.70
CA THR B 173 -6.15 18.74 0.77
C THR B 173 -6.62 19.98 1.51
N LYS B 174 -7.29 19.78 2.63
CA LYS B 174 -7.73 20.86 3.50
C LYS B 174 -6.55 21.69 3.96
N ALA B 175 -5.49 21.02 4.42
CA ALA B 175 -4.26 21.68 4.83
C ALA B 175 -3.73 22.59 3.73
N PHE B 176 -3.70 22.06 2.50
CA PHE B 176 -3.28 22.80 1.31
C PHE B 176 -4.15 24.04 1.08
N MET B 177 -5.46 23.81 0.98
CA MET B 177 -6.47 24.85 0.83
C MET B 177 -6.27 26.02 1.83
N TYR B 178 -6.02 25.67 3.10
CA TYR B 178 -5.74 26.67 4.15
C TYR B 178 -4.36 27.32 4.01
N SER B 179 -3.33 26.50 3.82
CA SER B 179 -1.95 26.98 3.87
C SER B 179 -1.59 27.88 2.70
N MET B 180 -2.13 27.56 1.54
CA MET B 180 -1.75 28.23 0.31
C MET B 180 -2.97 28.60 -0.53
N PRO B 181 -3.77 29.59 -0.06
CA PRO B 181 -5.05 29.91 -0.70
C PRO B 181 -4.95 30.51 -2.11
N ASP B 182 -3.85 31.22 -2.38
CA ASP B 182 -3.62 31.81 -3.71
C ASP B 182 -3.45 30.74 -4.79
N ALA B 183 -2.55 29.80 -4.53
CA ALA B 183 -2.37 28.61 -5.36
C ALA B 183 -3.67 27.82 -5.51
N TRP B 184 -4.45 27.75 -4.43
CA TRP B 184 -5.74 27.06 -4.43
C TRP B 184 -6.74 27.70 -5.40
N ASN B 185 -6.78 29.04 -5.42
CA ASN B 185 -7.61 29.79 -6.37
C ASN B 185 -7.24 29.54 -7.83
N LEU B 186 -5.94 29.42 -8.08
CA LEU B 186 -5.45 29.15 -9.42
C LEU B 186 -5.82 27.74 -9.86
N LEU B 187 -5.75 26.80 -8.91
CA LEU B 187 -6.18 25.42 -9.14
C LEU B 187 -7.67 25.32 -9.40
N MET B 188 -8.46 25.99 -8.57
CA MET B 188 -9.90 26.08 -8.83
C MET B 188 -10.17 26.63 -10.23
N SER B 189 -9.36 27.63 -10.63
CA SER B 189 -9.50 28.34 -11.91
C SER B 189 -9.10 27.46 -13.11
N LYS B 190 -7.97 26.76 -12.98
CA LYS B 190 -7.52 25.82 -13.98
C LYS B 190 -8.51 24.66 -14.17
N LEU B 191 -9.01 24.13 -13.06
CA LEU B 191 -9.98 23.04 -13.11
C LEU B 191 -11.33 23.45 -13.71
N ALA B 192 -11.79 24.64 -13.32
CA ALA B 192 -12.98 25.26 -13.89
C ALA B 192 -12.92 25.27 -15.42
N ASP B 193 -11.84 25.85 -15.96
CA ASP B 193 -11.65 25.96 -17.40
C ASP B 193 -11.86 24.61 -18.08
N MET B 194 -11.12 23.62 -17.61
CA MET B 194 -11.17 22.25 -18.13
C MET B 194 -12.59 21.69 -18.09
N ILE B 195 -13.22 21.82 -16.93
CA ILE B 195 -14.58 21.33 -16.70
C ILE B 195 -15.57 21.94 -17.70
N ILE B 196 -15.51 23.26 -17.87
CA ILE B 196 -16.42 24.00 -18.76
C ILE B 196 -16.28 23.55 -20.24
N VAL B 197 -15.05 23.49 -20.74
CA VAL B 197 -14.78 23.03 -22.10
C VAL B 197 -15.16 21.55 -22.34
N TYR B 198 -14.83 20.71 -21.36
CA TYR B 198 -15.17 19.29 -21.34
C TYR B 198 -16.68 19.09 -21.40
N VAL B 199 -17.40 19.78 -20.50
CA VAL B 199 -18.86 19.68 -20.43
C VAL B 199 -19.52 20.22 -21.71
N LYS B 200 -19.03 21.37 -22.18
CA LYS B 200 -19.52 21.99 -23.42
C LYS B 200 -19.45 21.01 -24.59
N ALA B 201 -18.31 20.31 -24.70
CA ALA B 201 -18.09 19.33 -25.77
C ALA B 201 -19.02 18.13 -25.68
N GLN B 202 -19.35 17.69 -24.46
CA GLN B 202 -20.29 16.57 -24.25
C GLN B 202 -21.72 16.95 -24.68
N ILE B 203 -22.09 18.21 -24.41
CA ILE B 203 -23.37 18.78 -24.84
C ILE B 203 -23.46 18.83 -26.37
N LYS B 204 -22.38 19.20 -26.94
CA LYS B 204 -22.26 19.34 -28.38
C LYS B 204 -22.39 17.99 -29.11
N ALA B 205 -21.86 16.93 -28.50
CA ALA B 205 -21.97 15.57 -29.01
C ALA B 205 -23.38 14.97 -28.83
N GLY B 206 -24.15 15.52 -27.88
CA GLY B 206 -25.55 15.13 -27.71
C GLY B 206 -26.10 14.94 -26.30
N ALA B 207 -25.28 15.14 -25.27
CA ALA B 207 -25.77 15.08 -23.90
C ALA B 207 -26.85 16.15 -23.67
N LYS B 208 -28.00 15.73 -23.14
CA LYS B 208 -29.15 16.63 -22.96
C LYS B 208 -29.27 17.20 -21.55
N ALA B 209 -28.40 16.73 -20.65
CA ALA B 209 -28.34 17.19 -19.28
C ALA B 209 -26.91 16.99 -18.82
N ILE B 210 -26.52 17.67 -17.73
CA ILE B 210 -25.19 17.48 -17.14
C ILE B 210 -25.23 17.36 -15.61
N GLN B 211 -24.55 16.33 -15.09
CA GLN B 211 -24.41 16.18 -13.65
C GLN B 211 -22.97 16.41 -13.26
N ILE B 212 -22.80 17.32 -12.30
CA ILE B 212 -21.51 17.56 -11.66
C ILE B 212 -21.49 16.78 -10.35
N PHE B 213 -20.45 15.96 -10.19
CA PHE B 213 -20.25 15.18 -8.96
C PHE B 213 -19.21 15.87 -8.08
N ASP B 214 -19.64 16.36 -6.92
CA ASP B 214 -18.69 16.84 -5.92
C ASP B 214 -18.70 15.91 -4.72
N SER B 215 -18.14 14.71 -4.94
CA SER B 215 -18.27 13.57 -4.01
C SER B 215 -17.77 13.82 -2.60
N TRP B 216 -16.68 14.56 -2.46
CA TRP B 216 -16.02 14.69 -1.16
C TRP B 216 -16.13 16.08 -0.56
N VAL B 217 -16.86 16.98 -1.21
CA VAL B 217 -16.97 18.38 -0.74
C VAL B 217 -17.65 18.51 0.65
N GLY B 218 -18.43 17.51 1.04
CA GLY B 218 -19.09 17.46 2.34
C GLY B 218 -18.14 17.43 3.51
N ALA B 219 -16.86 17.14 3.26
CA ALA B 219 -15.79 17.28 4.26
C ALA B 219 -15.67 18.73 4.76
N LEU B 220 -16.15 19.67 3.95
CA LEU B 220 -16.13 21.09 4.25
C LEU B 220 -17.40 21.56 4.93
N ASN B 221 -17.25 22.43 5.92
CA ASN B 221 -18.41 23.12 6.50
C ASN B 221 -18.86 24.27 5.60
N GLN B 222 -20.00 24.88 5.91
CA GLN B 222 -20.57 25.94 5.08
C GLN B 222 -19.61 27.10 4.86
N ALA B 223 -19.02 27.62 5.94
CA ALA B 223 -18.09 28.76 5.84
C ALA B 223 -16.95 28.53 4.85
N ASP B 224 -16.30 27.37 4.94
CA ASP B 224 -15.23 27.01 4.01
C ASP B 224 -15.74 26.80 2.59
N TYR B 225 -16.95 26.24 2.47
CA TYR B 225 -17.54 26.12 1.15
C TYR B 225 -17.64 27.50 0.49
N ARG B 226 -18.18 28.47 1.22
CA ARG B 226 -18.34 29.84 0.70
C ARG B 226 -17.01 30.55 0.40
N THR B 227 -16.03 30.37 1.29
CA THR B 227 -14.73 31.00 1.14
C THR B 227 -13.96 30.45 -0.07
N TYR B 228 -13.88 29.12 -0.18
CA TYR B 228 -12.94 28.49 -1.13
C TYR B 228 -13.55 27.82 -2.37
N ILE B 229 -14.86 27.64 -2.39
CA ILE B 229 -15.48 26.77 -3.42
C ILE B 229 -16.66 27.40 -4.15
N LYS B 230 -17.56 28.05 -3.39
CA LYS B 230 -18.75 28.69 -3.96
C LYS B 230 -18.46 29.64 -5.16
N PRO B 231 -17.44 30.53 -5.05
CA PRO B 231 -17.11 31.37 -6.20
C PRO B 231 -16.84 30.63 -7.52
N VAL B 232 -15.94 29.64 -7.51
CA VAL B 232 -15.62 28.90 -8.74
C VAL B 232 -16.82 28.08 -9.26
N MET B 233 -17.65 27.60 -8.35
CA MET B 233 -18.84 26.84 -8.73
C MET B 233 -19.87 27.76 -9.38
N ASN B 234 -20.00 28.98 -8.85
CA ASN B 234 -20.85 30.00 -9.43
C ASN B 234 -20.43 30.31 -10.86
N ARG B 235 -19.12 30.44 -11.08
CA ARG B 235 -18.57 30.64 -12.41
C ARG B 235 -18.92 29.49 -13.36
N ILE B 236 -18.79 28.26 -12.88
CA ILE B 236 -19.02 27.08 -13.70
C ILE B 236 -20.48 27.03 -14.16
N PHE B 237 -21.41 27.15 -13.22
CA PHE B 237 -22.83 27.07 -13.57
C PHE B 237 -23.35 28.32 -14.30
N SER B 238 -22.66 29.44 -14.12
CA SER B 238 -22.99 30.67 -14.87
C SER B 238 -22.74 30.46 -16.34
N GLU B 239 -21.51 30.05 -16.66
CA GLU B 239 -21.09 29.77 -18.03
C GLU B 239 -21.89 28.62 -18.65
N LEU B 240 -22.06 27.54 -17.89
CA LEU B 240 -22.76 26.36 -18.40
C LEU B 240 -24.28 26.54 -18.52
N ALA B 241 -24.85 27.49 -17.77
CA ALA B 241 -26.27 27.81 -17.89
C ALA B 241 -26.64 28.32 -19.30
N LYS B 242 -25.67 28.95 -19.96
CA LYS B 242 -25.85 29.44 -21.32
C LYS B 242 -26.17 28.37 -22.37
N GLU B 243 -25.84 27.11 -22.08
CA GLU B 243 -26.10 26.01 -23.03
C GLU B 243 -27.56 25.58 -23.12
N ASN B 244 -28.40 26.07 -22.20
CA ASN B 244 -29.81 25.68 -22.12
C ASN B 244 -30.06 24.17 -21.95
N VAL B 245 -29.26 23.53 -21.10
CA VAL B 245 -29.49 22.15 -20.70
C VAL B 245 -29.55 22.04 -19.17
N PRO B 246 -30.41 21.15 -18.64
CA PRO B 246 -30.51 21.02 -17.17
C PRO B 246 -29.18 20.66 -16.51
N LEU B 247 -28.87 21.36 -15.42
CA LEU B 247 -27.63 21.16 -14.69
C LEU B 247 -27.89 20.68 -13.26
N ILE B 248 -27.28 19.54 -12.95
CA ILE B 248 -27.48 18.86 -11.67
C ILE B 248 -26.15 18.83 -10.91
N MET B 249 -26.24 18.90 -9.58
CA MET B 249 -25.10 18.63 -8.70
C MET B 249 -25.48 17.64 -7.59
N PHE B 250 -24.65 16.62 -7.41
CA PHE B 250 -24.75 15.72 -6.28
C PHE B 250 -23.38 15.52 -5.63
N GLY B 251 -23.42 15.23 -4.33
CA GLY B 251 -22.27 14.71 -3.59
C GLY B 251 -22.82 14.17 -2.29
N VAL B 252 -22.36 12.99 -1.90
CA VAL B 252 -22.80 12.36 -0.66
C VAL B 252 -22.25 13.12 0.58
N GLY B 253 -23.02 13.12 1.66
CA GLY B 253 -22.58 13.70 2.94
C GLY B 253 -22.49 15.22 2.93
N ALA B 254 -23.33 15.86 2.12
CA ALA B 254 -23.24 17.29 1.90
C ALA B 254 -24.57 18.03 2.12
N SER B 255 -25.46 17.44 2.93
CA SER B 255 -26.79 18.04 3.19
C SER B 255 -26.73 19.47 3.73
N HIS B 256 -25.73 19.75 4.57
CA HIS B 256 -25.48 21.08 5.15
C HIS B 256 -25.03 22.12 4.11
N LEU B 257 -24.75 21.69 2.88
CA LEU B 257 -24.32 22.62 1.83
C LEU B 257 -25.43 22.88 0.78
N ALA B 258 -26.57 22.22 0.96
CA ALA B 258 -27.65 22.23 -0.05
C ALA B 258 -28.26 23.60 -0.34
N GLY B 259 -28.34 24.46 0.68
CA GLY B 259 -28.78 25.84 0.52
C GLY B 259 -27.85 26.59 -0.41
N ASP B 260 -26.55 26.41 -0.21
CA ASP B 260 -25.52 27.10 -0.98
C ASP B 260 -25.46 26.65 -2.45
N TRP B 261 -25.73 25.36 -2.70
CA TRP B 261 -25.82 24.84 -4.07
C TRP B 261 -27.07 25.43 -4.73
N HIS B 262 -28.17 25.49 -3.98
CA HIS B 262 -29.42 26.04 -4.51
C HIS B 262 -29.25 27.50 -4.97
N ASP B 263 -28.36 28.24 -4.30
CA ASP B 263 -28.02 29.61 -4.70
C ASP B 263 -27.40 29.73 -6.09
N LEU B 264 -26.71 28.66 -6.52
CA LEU B 264 -26.01 28.62 -7.80
C LEU B 264 -27.00 28.48 -8.96
N PRO B 265 -26.62 28.97 -10.18
CA PRO B 265 -27.46 28.85 -11.39
C PRO B 265 -27.56 27.43 -11.96
N LEU B 266 -27.64 26.43 -11.08
CA LEU B 266 -27.95 25.07 -11.48
C LEU B 266 -29.46 24.87 -11.44
N ASP B 267 -29.93 23.72 -11.92
CA ASP B 267 -31.36 23.47 -12.08
C ASP B 267 -31.88 22.43 -11.10
N VAL B 268 -31.00 21.52 -10.69
CA VAL B 268 -31.40 20.40 -9.86
C VAL B 268 -30.44 20.22 -8.69
N VAL B 269 -30.98 20.18 -7.48
CA VAL B 269 -30.19 19.79 -6.30
C VAL B 269 -30.31 18.28 -6.08
N GLY B 270 -29.16 17.59 -6.10
CA GLY B 270 -29.11 16.19 -5.72
C GLY B 270 -29.08 16.05 -4.22
N LEU B 271 -29.92 15.14 -3.71
CA LEU B 271 -30.00 14.91 -2.29
C LEU B 271 -29.48 13.52 -1.95
N ASP B 272 -28.66 13.43 -0.88
CA ASP B 272 -28.42 12.14 -0.27
C ASP B 272 -29.59 11.84 0.69
N TRP B 273 -29.58 10.67 1.34
CA TRP B 273 -30.71 10.22 2.15
C TRP B 273 -30.93 11.00 3.43
N ARG B 274 -30.02 11.91 3.78
CA ARG B 274 -30.13 12.62 5.06
C ARG B 274 -30.77 13.99 5.02
N LEU B 275 -31.08 14.47 3.81
CA LEU B 275 -31.92 15.65 3.65
C LEU B 275 -33.19 15.20 2.95
N GLY B 276 -34.28 15.14 3.70
CA GLY B 276 -35.56 14.69 3.16
C GLY B 276 -36.15 15.75 2.26
N ILE B 277 -37.05 15.35 1.37
CA ILE B 277 -37.66 16.26 0.40
C ILE B 277 -38.50 17.39 1.01
N ASP B 278 -39.55 17.03 1.76
CA ASP B 278 -40.35 18.01 2.51
C ASP B 278 -39.44 18.95 3.30
N GLU B 279 -38.46 18.36 3.99
CA GLU B 279 -37.49 19.07 4.81
C GLU B 279 -36.69 20.10 4.01
N ALA B 280 -36.30 19.73 2.79
CA ALA B 280 -35.59 20.64 1.89
C ALA B 280 -36.48 21.81 1.44
N ARG B 281 -37.75 21.50 1.15
CA ARG B 281 -38.73 22.51 0.75
C ARG B 281 -38.89 23.58 1.84
N SER B 282 -39.12 23.15 3.08
CA SER B 282 -39.25 24.06 4.22
C SER B 282 -37.97 24.86 4.52
N LYS B 283 -36.83 24.38 4.02
CA LYS B 283 -35.56 25.10 4.10
C LYS B 283 -35.32 26.03 2.90
N GLY B 284 -36.36 26.21 2.08
CA GLY B 284 -36.31 27.15 0.96
C GLY B 284 -35.70 26.60 -0.32
N ILE B 285 -35.50 25.28 -0.34
CA ILE B 285 -35.01 24.62 -1.55
C ILE B 285 -36.23 24.30 -2.41
N THR B 286 -36.33 25.06 -3.49
CA THR B 286 -37.57 25.29 -4.21
C THR B 286 -37.38 24.78 -5.66
N LYS B 287 -36.12 24.79 -6.12
CA LYS B 287 -35.73 24.22 -7.40
C LYS B 287 -35.96 22.72 -7.40
N THR B 288 -35.99 22.16 -8.60
CA THR B 288 -36.20 20.73 -8.76
C THR B 288 -35.18 19.96 -7.92
N VAL B 289 -35.63 18.83 -7.39
CA VAL B 289 -34.85 18.04 -6.47
C VAL B 289 -34.65 16.64 -7.07
N GLN B 290 -33.48 16.04 -6.83
CA GLN B 290 -33.23 14.69 -7.33
C GLN B 290 -32.90 13.69 -6.25
N GLY B 291 -33.54 12.54 -6.36
CA GLY B 291 -33.14 11.34 -5.66
C GLY B 291 -33.46 11.40 -4.22
N ASN B 292 -33.02 10.36 -3.49
CA ASN B 292 -32.91 10.46 -2.05
C ASN B 292 -32.93 9.09 -1.35
N LEU B 293 -33.35 8.01 -2.02
CA LEU B 293 -33.47 6.70 -1.34
C LEU B 293 -32.11 6.15 -0.85
N ASP B 294 -32.04 5.83 0.45
CA ASP B 294 -30.88 5.20 1.02
C ASP B 294 -30.66 3.87 0.32
N PRO B 295 -29.50 3.72 -0.37
CA PRO B 295 -29.23 2.54 -1.19
C PRO B 295 -29.25 1.26 -0.38
N SER B 296 -28.95 1.36 0.91
CA SER B 296 -28.91 0.18 1.75
C SER B 296 -30.30 -0.46 1.95
N ILE B 297 -31.36 0.30 1.65
CA ILE B 297 -32.74 -0.21 1.67
C ILE B 297 -32.97 -1.29 0.58
N LEU B 298 -32.17 -1.25 -0.47
CA LEU B 298 -32.30 -2.18 -1.59
C LEU B 298 -32.01 -3.62 -1.21
N LEU B 299 -31.46 -3.82 -0.01
CA LEU B 299 -31.17 -5.17 0.51
C LEU B 299 -32.25 -5.68 1.49
N ALA B 300 -33.25 -4.86 1.76
CA ALA B 300 -34.35 -5.21 2.67
C ALA B 300 -35.46 -5.91 1.89
N PRO B 301 -36.37 -6.63 2.57
CA PRO B 301 -37.48 -7.28 1.87
C PRO B 301 -38.25 -6.28 1.02
N TRP B 302 -38.88 -6.77 -0.07
CA TRP B 302 -39.61 -5.89 -0.98
C TRP B 302 -40.61 -4.95 -0.30
N GLU B 303 -41.36 -5.48 0.67
CA GLU B 303 -42.35 -4.69 1.40
C GLU B 303 -41.75 -3.44 2.07
N VAL B 304 -40.56 -3.58 2.66
CA VAL B 304 -39.85 -2.43 3.24
C VAL B 304 -39.44 -1.43 2.15
N ILE B 305 -38.94 -1.95 1.02
CA ILE B 305 -38.51 -1.11 -0.10
C ILE B 305 -39.67 -0.29 -0.69
N GLU B 306 -40.80 -0.94 -0.89
CA GLU B 306 -41.95 -0.29 -1.50
C GLU B 306 -42.47 0.83 -0.60
N GLN B 307 -42.57 0.52 0.69
CA GLN B 307 -43.04 1.46 1.69
C GLN B 307 -42.14 2.68 1.85
N LYS B 308 -40.82 2.47 1.92
CA LYS B 308 -39.86 3.57 2.08
C LYS B 308 -39.81 4.44 0.84
N THR B 309 -39.98 3.82 -0.32
CA THR B 309 -40.01 4.53 -1.61
C THR B 309 -41.27 5.41 -1.71
N LYS B 310 -42.42 4.81 -1.36
CA LYS B 310 -43.70 5.51 -1.36
C LYS B 310 -43.62 6.77 -0.49
N GLU B 311 -42.96 6.68 0.66
CA GLU B 311 -42.77 7.83 1.54
C GLU B 311 -42.01 8.95 0.85
N ILE B 312 -41.08 8.59 -0.03
CA ILE B 312 -40.26 9.56 -0.76
C ILE B 312 -41.05 10.16 -1.92
N LEU B 313 -41.68 9.30 -2.73
CA LEU B 313 -42.54 9.72 -3.84
C LEU B 313 -43.64 10.69 -3.42
N ASP B 314 -44.32 10.41 -2.30
CA ASP B 314 -45.37 11.32 -1.78
C ASP B 314 -44.86 12.72 -1.45
N GLN B 315 -43.64 12.82 -0.95
CA GLN B 315 -43.04 14.12 -0.72
C GLN B 315 -42.63 14.73 -2.06
N GLY B 316 -42.04 13.91 -2.93
CA GLY B 316 -41.50 14.41 -4.19
C GLY B 316 -42.55 14.99 -5.11
N MET B 317 -43.69 14.33 -5.15
CA MET B 317 -44.75 14.68 -6.09
C MET B 317 -45.57 15.90 -5.68
N GLU B 318 -45.11 16.60 -4.63
CA GLU B 318 -45.72 17.86 -4.21
C GLU B 318 -45.46 18.99 -5.20
N SER B 319 -44.37 18.88 -5.99
CA SER B 319 -44.15 19.78 -7.13
C SER B 319 -43.70 19.00 -8.37
N ASP B 320 -43.70 19.67 -9.53
CA ASP B 320 -43.28 19.06 -10.80
C ASP B 320 -41.77 18.76 -10.83
N GLY B 321 -41.00 19.55 -10.07
CA GLY B 321 -39.55 19.42 -10.04
C GLY B 321 -39.06 18.30 -9.16
N PHE B 322 -39.20 17.06 -9.65
CA PHE B 322 -38.81 15.88 -8.86
C PHE B 322 -38.36 14.72 -9.75
N ILE B 323 -37.12 14.28 -9.54
CA ILE B 323 -36.56 13.12 -10.22
C ILE B 323 -36.23 12.12 -9.13
N PHE B 324 -36.76 10.91 -9.21
CA PHE B 324 -36.42 9.89 -8.22
C PHE B 324 -35.08 9.26 -8.57
N ASN B 325 -34.24 9.10 -7.54
CA ASN B 325 -32.94 8.45 -7.67
C ASN B 325 -32.63 7.91 -6.27
N LEU B 326 -31.54 7.16 -6.14
CA LEU B 326 -31.00 6.83 -4.81
C LEU B 326 -30.33 8.06 -4.16
N GLY B 327 -30.00 7.92 -2.88
CA GLY B 327 -29.29 8.95 -2.12
C GLY B 327 -27.79 8.79 -2.20
N HIS B 328 -27.33 7.81 -2.99
CA HIS B 328 -25.91 7.56 -3.26
C HIS B 328 -25.92 6.59 -4.45
N GLY B 329 -24.80 5.96 -4.77
CA GLY B 329 -24.73 5.00 -5.88
C GLY B 329 -25.12 3.56 -5.55
N VAL B 330 -25.66 2.87 -6.56
CA VAL B 330 -25.86 1.41 -6.50
C VAL B 330 -24.52 0.75 -6.18
N PHE B 331 -24.54 -0.21 -5.27
CA PHE B 331 -23.33 -0.93 -4.93
C PHE B 331 -23.40 -2.37 -5.42
N PRO B 332 -22.24 -3.05 -5.53
CA PRO B 332 -22.12 -4.36 -6.21
C PRO B 332 -23.19 -5.40 -5.82
N ASP B 333 -23.57 -5.41 -4.55
CA ASP B 333 -24.45 -6.45 -4.00
C ASP B 333 -25.92 -6.24 -4.32
N VAL B 334 -26.27 -5.09 -4.87
CA VAL B 334 -27.65 -4.81 -5.26
C VAL B 334 -28.14 -5.73 -6.40
N SER B 335 -29.36 -6.23 -6.25
CA SER B 335 -29.97 -7.07 -7.27
C SER B 335 -30.60 -6.24 -8.40
N PRO B 336 -30.21 -6.53 -9.66
CA PRO B 336 -30.91 -6.01 -10.84
C PRO B 336 -32.42 -6.26 -10.81
N GLU B 337 -32.84 -7.46 -10.41
CA GLU B 337 -34.27 -7.78 -10.20
C GLU B 337 -34.94 -6.71 -9.32
N VAL B 338 -34.33 -6.40 -8.19
CA VAL B 338 -34.85 -5.35 -7.30
C VAL B 338 -34.98 -3.99 -8.00
N LEU B 339 -33.94 -3.57 -8.70
CA LEU B 339 -33.94 -2.29 -9.43
C LEU B 339 -34.97 -2.25 -10.55
N LYS B 340 -35.19 -3.40 -11.19
CA LYS B 340 -36.19 -3.49 -12.26
C LYS B 340 -37.61 -3.31 -11.66
N LYS B 341 -37.86 -4.06 -10.59
CA LYS B 341 -39.09 -4.00 -9.85
C LYS B 341 -39.32 -2.62 -9.19
N LEU B 342 -38.28 -2.01 -8.63
CA LEU B 342 -38.40 -0.64 -8.09
C LEU B 342 -38.75 0.40 -9.16
N THR B 343 -38.15 0.25 -10.34
CA THR B 343 -38.40 1.18 -11.45
C THR B 343 -39.85 1.12 -11.91
N ALA B 344 -40.36 -0.10 -12.09
CA ALA B 344 -41.77 -0.32 -12.44
C ALA B 344 -42.71 0.28 -11.39
N PHE B 345 -42.39 0.06 -10.13
CA PHE B 345 -43.19 0.63 -9.04
C PHE B 345 -43.22 2.15 -9.05
N VAL B 346 -42.06 2.80 -9.21
CA VAL B 346 -42.00 4.27 -9.21
C VAL B 346 -42.85 4.84 -10.34
N HIS B 347 -42.77 4.20 -11.52
CA HIS B 347 -43.59 4.58 -12.65
C HIS B 347 -45.07 4.41 -12.37
N GLU B 348 -45.44 3.23 -11.87
CA GLU B 348 -46.83 2.85 -11.66
C GLU B 348 -47.45 3.72 -10.58
N TYR B 349 -46.78 3.83 -9.44
CA TYR B 349 -47.29 4.62 -8.32
C TYR B 349 -47.51 6.08 -8.68
N SER B 350 -46.54 6.65 -9.39
CA SER B 350 -46.58 8.07 -9.71
C SER B 350 -47.62 8.35 -10.79
N GLN B 351 -47.71 7.46 -11.78
CA GLN B 351 -48.66 7.64 -12.87
C GLN B 351 -50.09 7.52 -12.37
N ASN B 352 -50.33 6.52 -11.51
CA ASN B 352 -51.61 6.36 -10.84
C ASN B 352 -51.97 7.62 -10.06
N LYS B 353 -50.98 8.15 -9.35
CA LYS B 353 -51.15 9.35 -8.53
C LYS B 353 -51.29 10.62 -9.37
N LYS B 354 -50.59 10.69 -10.50
CA LYS B 354 -50.65 11.89 -11.36
C LYS B 354 -51.88 11.95 -12.26
N MET B 355 -52.53 10.81 -12.48
CA MET B 355 -53.73 10.75 -13.33
C MET B 355 -55.00 10.99 -12.53
N THR C 12 23.10 11.58 -41.30
CA THR C 12 24.29 10.66 -41.26
C THR C 12 24.06 9.59 -40.19
N PHE C 13 24.34 8.34 -40.55
CA PHE C 13 24.12 7.19 -39.67
C PHE C 13 25.25 6.97 -38.65
N ASN C 14 24.88 6.73 -37.41
CA ASN C 14 25.83 6.55 -36.32
C ASN C 14 26.22 5.07 -36.19
N GLU C 15 27.45 4.74 -36.58
CA GLU C 15 27.98 3.36 -36.56
C GLU C 15 28.70 2.94 -35.26
N THR C 16 28.74 3.84 -34.27
CA THR C 16 29.57 3.63 -33.07
C THR C 16 29.25 2.32 -32.35
N PHE C 17 27.96 2.08 -32.10
CA PHE C 17 27.52 0.91 -31.34
C PHE C 17 28.00 -0.40 -31.98
N LEU C 18 27.80 -0.53 -33.30
CA LEU C 18 28.16 -1.73 -34.01
C LEU C 18 29.66 -1.98 -34.05
N LYS C 19 30.44 -0.90 -34.16
CA LYS C 19 31.89 -1.02 -34.20
C LYS C 19 32.44 -1.52 -32.86
N ALA C 20 32.00 -0.89 -31.76
CA ALA C 20 32.40 -1.30 -30.42
C ALA C 20 32.01 -2.75 -30.16
N ALA C 21 30.79 -3.10 -30.54
CA ALA C 21 30.27 -4.48 -30.45
C ALA C 21 31.14 -5.46 -31.20
N ARG C 22 31.71 -5.01 -32.33
CA ARG C 22 32.63 -5.83 -33.13
C ARG C 22 34.10 -5.73 -32.65
N GLY C 23 34.34 -4.97 -31.58
CA GLY C 23 35.69 -4.74 -31.07
C GLY C 23 36.54 -3.93 -32.04
N GLU C 24 35.90 -3.00 -32.76
CA GLU C 24 36.61 -2.18 -33.73
C GLU C 24 36.71 -0.73 -33.25
N LYS C 25 37.75 -0.03 -33.72
CA LYS C 25 37.95 1.39 -33.40
C LYS C 25 36.74 2.25 -33.79
N ALA C 26 36.40 3.18 -32.91
CA ALA C 26 35.40 4.20 -33.18
C ALA C 26 35.86 5.47 -32.49
N ASP C 27 35.29 6.61 -32.86
CA ASP C 27 35.76 7.91 -32.33
C ASP C 27 35.27 8.23 -30.93
N HIS C 28 34.22 7.55 -30.49
CA HIS C 28 33.73 7.70 -29.14
C HIS C 28 33.15 6.38 -28.63
N THR C 29 32.91 6.31 -27.33
CA THR C 29 32.26 5.19 -26.68
C THR C 29 30.73 5.28 -26.88
N PRO C 30 30.11 4.22 -27.42
CA PRO C 30 28.66 4.25 -27.61
C PRO C 30 27.93 3.96 -26.31
N VAL C 31 26.70 4.47 -26.22
CA VAL C 31 25.90 4.38 -25.01
C VAL C 31 24.43 4.17 -25.36
N TRP C 32 23.78 3.26 -24.65
CA TRP C 32 22.34 3.24 -24.58
C TRP C 32 22.01 2.76 -23.16
N TYR C 33 20.76 2.90 -22.71
CA TYR C 33 20.39 2.36 -21.38
C TYR C 33 19.27 1.34 -21.47
N MET C 34 19.38 0.26 -20.72
CA MET C 34 18.25 -0.67 -20.62
C MET C 34 17.06 0.01 -19.99
N ARG C 35 15.94 -0.06 -20.71
CA ARG C 35 14.71 0.66 -20.40
C ARG C 35 14.80 2.18 -20.58
N GLN C 36 15.57 2.62 -21.57
CA GLN C 36 15.64 4.04 -21.91
C GLN C 36 14.28 4.58 -22.29
N ALA C 37 13.44 3.70 -22.86
CA ALA C 37 12.03 4.00 -23.08
C ALA C 37 11.18 3.26 -22.03
N GLY C 38 10.48 4.04 -21.22
CA GLY C 38 9.67 3.50 -20.11
C GLY C 38 9.19 4.60 -19.19
N ARG C 39 8.76 4.20 -17.99
CA ARG C 39 8.09 5.08 -17.04
C ARG C 39 8.92 6.26 -16.51
N SER C 40 10.19 6.29 -16.90
CA SER C 40 11.08 7.42 -16.57
C SER C 40 10.73 8.67 -17.39
N GLN C 41 10.25 8.46 -18.62
CA GLN C 41 9.84 9.54 -19.51
C GLN C 41 8.38 9.94 -19.28
N PRO C 42 8.13 11.24 -19.02
CA PRO C 42 6.75 11.72 -18.89
C PRO C 42 5.86 11.52 -20.12
N GLU C 43 6.47 11.49 -21.31
CA GLU C 43 5.70 11.33 -22.54
C GLU C 43 5.26 9.89 -22.76
N TYR C 44 6.03 8.94 -22.23
CA TYR C 44 5.65 7.54 -22.20
C TYR C 44 4.42 7.35 -21.32
N ARG C 45 4.48 7.87 -20.10
CA ARG C 45 3.43 7.70 -19.12
C ARG C 45 2.15 8.27 -19.66
N LYS C 46 2.26 9.42 -20.33
CA LYS C 46 1.11 10.09 -20.94
C LYS C 46 0.49 9.29 -22.10
N LEU C 47 1.34 8.86 -23.04
CA LEU C 47 0.93 7.99 -24.14
C LEU C 47 0.24 6.71 -23.65
N LYS C 48 0.88 6.04 -22.70
CA LYS C 48 0.36 4.84 -22.05
C LYS C 48 -1.02 5.04 -21.43
N GLU C 49 -1.19 6.14 -20.69
CA GLU C 49 -2.48 6.50 -20.09
C GLU C 49 -3.54 6.77 -21.16
N LYS C 50 -3.15 7.50 -22.21
CA LYS C 50 -4.06 7.88 -23.29
C LYS C 50 -4.48 6.69 -24.17
N TYR C 51 -3.49 5.91 -24.61
CA TYR C 51 -3.73 4.82 -25.57
C TYR C 51 -3.84 3.43 -24.95
N GLY C 52 -3.35 3.27 -23.73
CA GLY C 52 -3.39 1.98 -23.04
C GLY C 52 -2.18 1.12 -23.36
N LEU C 53 -1.83 0.25 -22.42
CA LEU C 53 -0.61 -0.56 -22.51
C LEU C 53 -0.64 -1.55 -23.69
N PHE C 54 -1.84 -1.99 -24.09
CA PHE C 54 -1.97 -2.92 -25.20
C PHE C 54 -1.57 -2.26 -26.52
N GLU C 55 -2.36 -1.30 -27.00
CA GLU C 55 -2.01 -0.52 -28.20
C GLU C 55 -0.56 -0.03 -28.22
N ILE C 56 0.00 0.21 -27.03
CA ILE C 56 1.30 0.84 -26.89
C ILE C 56 2.43 -0.17 -27.13
N THR C 57 2.13 -1.44 -26.85
CA THR C 57 3.02 -2.57 -27.12
C THR C 57 2.54 -3.37 -28.34
N HIS C 58 1.57 -2.83 -29.08
CA HIS C 58 0.95 -3.59 -30.17
C HIS C 58 0.73 -2.81 -31.45
N GLN C 59 0.47 -1.51 -31.34
CA GLN C 59 0.29 -0.64 -32.51
C GLN C 59 1.65 -0.07 -32.96
N PRO C 60 2.09 -0.43 -34.19
CA PRO C 60 3.42 -0.09 -34.76
C PRO C 60 3.80 1.39 -34.76
N GLU C 61 2.84 2.27 -35.00
CA GLU C 61 3.09 3.72 -35.02
C GLU C 61 3.47 4.24 -33.62
N LEU C 62 2.85 3.65 -32.60
CA LEU C 62 3.08 4.03 -31.21
C LEU C 62 4.33 3.35 -30.63
N CYS C 63 4.52 2.07 -30.97
CA CYS C 63 5.73 1.34 -30.56
C CYS C 63 6.98 2.05 -31.08
N ALA C 64 6.91 2.54 -32.32
CA ALA C 64 8.04 3.21 -32.98
C ALA C 64 8.40 4.54 -32.34
N TYR C 65 7.38 5.33 -31.99
CA TYR C 65 7.59 6.61 -31.35
C TYR C 65 8.20 6.43 -29.95
N VAL C 66 7.66 5.46 -29.21
CA VAL C 66 8.19 5.10 -27.90
C VAL C 66 9.63 4.63 -28.02
N THR C 67 9.92 3.84 -29.05
CA THR C 67 11.27 3.33 -29.28
C THR C 67 12.28 4.45 -29.56
N ARG C 68 11.92 5.40 -30.42
CA ARG C 68 12.86 6.45 -30.86
C ARG C 68 13.04 7.64 -29.90
N LEU C 69 12.02 7.89 -29.08
CA LEU C 69 12.04 9.00 -28.10
C LEU C 69 13.37 9.17 -27.33
N PRO C 70 13.87 8.10 -26.67
CA PRO C 70 15.16 8.21 -25.98
C PRO C 70 16.29 8.69 -26.87
N VAL C 71 16.29 8.24 -28.14
CA VAL C 71 17.35 8.57 -29.09
C VAL C 71 17.30 10.06 -29.42
N GLU C 72 16.09 10.57 -29.69
CA GLU C 72 15.89 11.99 -29.96
C GLU C 72 16.21 12.88 -28.75
N GLN C 73 15.95 12.36 -27.55
CA GLN C 73 16.08 13.12 -26.32
C GLN C 73 17.47 13.07 -25.68
N TYR C 74 18.12 11.92 -25.77
CA TYR C 74 19.42 11.72 -25.13
C TYR C 74 20.57 11.76 -26.13
N GLY C 75 20.31 11.38 -27.38
CA GLY C 75 21.36 11.25 -28.38
C GLY C 75 22.11 9.95 -28.21
N VAL C 76 21.44 8.93 -27.68
CA VAL C 76 22.07 7.61 -27.49
C VAL C 76 22.43 6.97 -28.84
N ASP C 77 23.42 6.08 -28.82
CA ASP C 77 23.97 5.49 -30.05
C ASP C 77 23.18 4.25 -30.57
N ALA C 78 22.15 3.85 -29.83
CA ALA C 78 21.35 2.68 -30.17
C ALA C 78 19.94 2.77 -29.60
N ALA C 79 18.99 2.25 -30.37
CA ALA C 79 17.59 2.15 -29.96
C ALA C 79 17.39 0.72 -29.53
N ILE C 80 16.64 0.54 -28.44
CA ILE C 80 16.24 -0.77 -27.99
C ILE C 80 14.74 -0.89 -28.29
N LEU C 81 14.37 -1.94 -29.04
CA LEU C 81 13.00 -2.12 -29.45
C LEU C 81 12.10 -2.19 -28.24
N TYR C 82 11.09 -1.33 -28.22
CA TYR C 82 10.11 -1.37 -27.15
C TYR C 82 9.07 -2.44 -27.46
N LYS C 83 8.98 -3.44 -26.58
CA LYS C 83 7.86 -4.39 -26.57
C LYS C 83 7.85 -5.13 -25.24
N ASP C 84 6.86 -6.00 -25.04
CA ASP C 84 6.84 -6.82 -23.84
C ASP C 84 7.69 -8.08 -24.01
N ILE C 85 8.41 -8.44 -22.95
CA ILE C 85 9.20 -9.67 -22.93
C ILE C 85 8.38 -10.93 -23.27
N MET C 86 7.08 -10.89 -23.01
CA MET C 86 6.21 -12.07 -23.19
C MET C 86 5.52 -12.12 -24.56
N THR C 87 5.81 -11.14 -25.41
CA THR C 87 5.24 -11.01 -26.76
C THR C 87 5.11 -12.30 -27.60
N PRO C 88 6.17 -13.13 -27.69
CA PRO C 88 6.02 -14.30 -28.57
C PRO C 88 5.27 -15.50 -27.94
N LEU C 89 4.96 -15.42 -26.65
CA LEU C 89 4.40 -16.56 -25.92
C LEU C 89 2.98 -17.03 -26.35
N PRO C 90 2.02 -16.10 -26.53
CA PRO C 90 0.69 -16.54 -27.04
C PRO C 90 0.75 -17.37 -28.35
N SER C 91 1.75 -17.08 -29.18
CA SER C 91 1.97 -17.78 -30.46
C SER C 91 2.22 -19.28 -30.31
N ILE C 92 2.83 -19.68 -29.19
CA ILE C 92 3.08 -21.11 -28.92
C ILE C 92 2.05 -21.73 -28.01
N GLY C 93 0.95 -21.02 -27.78
CA GLY C 93 -0.17 -21.54 -26.98
C GLY C 93 -0.23 -21.10 -25.52
N VAL C 94 0.57 -20.12 -25.11
CA VAL C 94 0.47 -19.64 -23.73
C VAL C 94 -0.35 -18.36 -23.56
N ASP C 95 -1.40 -18.45 -22.75
CA ASP C 95 -2.35 -17.36 -22.53
C ASP C 95 -1.73 -16.27 -21.65
N VAL C 96 -1.13 -15.27 -22.28
CA VAL C 96 -0.62 -14.10 -21.58
C VAL C 96 -1.77 -13.12 -21.42
N GLU C 97 -1.90 -12.55 -20.23
CA GLU C 97 -3.06 -11.71 -19.93
C GLU C 97 -2.73 -10.40 -19.26
N ILE C 98 -2.96 -9.30 -19.99
CA ILE C 98 -2.79 -7.95 -19.44
C ILE C 98 -3.99 -7.59 -18.59
N LYS C 99 -3.84 -7.69 -17.26
CA LYS C 99 -4.94 -7.44 -16.32
C LYS C 99 -4.97 -6.05 -15.70
N ASN C 100 -5.73 -5.90 -14.61
CA ASN C 100 -5.89 -4.62 -13.90
C ASN C 100 -4.60 -4.04 -13.33
N GLY C 101 -4.28 -4.42 -12.08
CA GLY C 101 -3.08 -3.95 -11.38
C GLY C 101 -1.77 -4.19 -12.13
N ILE C 102 -1.43 -5.45 -12.32
CA ILE C 102 -0.26 -5.83 -13.10
C ILE C 102 -0.62 -5.94 -14.57
N GLY C 103 0.40 -5.86 -15.43
CA GLY C 103 0.23 -6.01 -16.87
C GLY C 103 0.01 -7.46 -17.30
N PRO C 104 0.81 -7.95 -18.26
CA PRO C 104 0.73 -9.34 -18.72
C PRO C 104 0.99 -10.39 -17.60
N VAL C 105 0.07 -11.35 -17.48
CA VAL C 105 0.13 -12.40 -16.45
C VAL C 105 -0.33 -13.74 -17.06
N ILE C 106 0.35 -14.82 -16.71
CA ILE C 106 -0.01 -16.15 -17.19
C ILE C 106 -0.95 -16.85 -16.21
N ASP C 107 -2.22 -16.93 -16.61
CA ASP C 107 -3.31 -17.32 -15.71
C ASP C 107 -3.33 -18.80 -15.31
N GLN C 108 -2.75 -19.66 -16.14
CA GLN C 108 -2.57 -21.07 -15.76
C GLN C 108 -1.16 -21.59 -16.04
N PRO C 109 -0.37 -21.78 -14.97
CA PRO C 109 1.03 -22.16 -15.10
C PRO C 109 1.24 -23.58 -15.65
N ILE C 110 2.40 -23.79 -16.26
CA ILE C 110 2.86 -25.10 -16.69
C ILE C 110 3.11 -25.96 -15.44
N ARG C 111 2.58 -27.18 -15.45
CA ARG C 111 2.67 -28.07 -14.29
C ARG C 111 3.20 -29.46 -14.63
N SER C 112 2.90 -29.91 -15.85
CA SER C 112 3.13 -31.30 -16.25
C SER C 112 3.80 -31.35 -17.61
N LEU C 113 4.22 -32.54 -18.02
CA LEU C 113 4.86 -32.74 -19.31
C LEU C 113 3.86 -32.58 -20.44
N ALA C 114 2.62 -33.00 -20.18
CA ALA C 114 1.48 -32.83 -21.09
C ALA C 114 1.25 -31.37 -21.45
N ASP C 115 1.42 -30.46 -20.48
CA ASP C 115 1.31 -29.02 -20.72
C ASP C 115 2.31 -28.56 -21.79
N ILE C 116 3.58 -28.88 -21.57
CA ILE C 116 4.68 -28.60 -22.49
C ILE C 116 4.51 -29.25 -23.89
N GLU C 117 4.09 -30.51 -23.92
CA GLU C 117 3.91 -31.22 -25.19
C GLU C 117 2.93 -30.58 -26.18
N LYS C 118 1.92 -29.88 -25.68
CA LYS C 118 0.98 -29.15 -26.53
C LYS C 118 1.37 -27.70 -26.90
N LEU C 119 2.53 -27.23 -26.43
CA LEU C 119 3.07 -25.95 -26.88
C LEU C 119 3.37 -25.97 -28.39
N GLY C 120 3.03 -24.90 -29.08
CA GLY C 120 3.18 -24.84 -30.53
C GLY C 120 4.44 -24.18 -31.04
N GLN C 121 4.39 -23.71 -32.29
CA GLN C 121 5.49 -23.02 -32.95
C GLN C 121 5.04 -21.62 -33.33
N ILE C 122 5.97 -20.66 -33.32
CA ILE C 122 5.69 -19.31 -33.78
C ILE C 122 5.80 -19.19 -35.33
N ASP C 123 4.89 -18.40 -35.91
CA ASP C 123 4.96 -17.99 -37.30
C ASP C 123 4.91 -16.45 -37.31
N PRO C 124 6.07 -15.79 -37.15
CA PRO C 124 6.15 -14.37 -36.82
C PRO C 124 5.42 -13.46 -37.80
N GLU C 125 5.49 -13.79 -39.09
CA GLU C 125 4.81 -13.07 -40.15
C GLU C 125 3.28 -13.07 -39.93
N GLN C 126 2.74 -14.21 -39.53
CA GLN C 126 1.32 -14.34 -39.22
C GLN C 126 0.97 -14.02 -37.76
N ASP C 127 1.91 -14.30 -36.85
CA ASP C 127 1.60 -14.25 -35.40
C ASP C 127 1.94 -12.92 -34.75
N VAL C 128 3.11 -12.37 -35.08
CA VAL C 128 3.51 -11.09 -34.52
C VAL C 128 3.86 -10.05 -35.59
N PRO C 129 2.96 -9.85 -36.59
CA PRO C 129 3.33 -8.98 -37.71
C PRO C 129 3.55 -7.54 -37.27
N TYR C 130 3.09 -7.22 -36.07
CA TYR C 130 3.14 -5.86 -35.54
C TYR C 130 4.54 -5.50 -35.02
N VAL C 131 5.31 -6.49 -34.55
CA VAL C 131 6.70 -6.21 -34.19
C VAL C 131 7.55 -6.04 -35.47
N LEU C 132 7.30 -6.88 -36.47
CA LEU C 132 7.97 -6.77 -37.78
C LEU C 132 7.77 -5.39 -38.45
N GLU C 133 6.52 -4.95 -38.51
CA GLU C 133 6.11 -3.63 -38.99
C GLU C 133 6.79 -2.46 -38.27
N THR C 134 6.83 -2.53 -36.94
CA THR C 134 7.52 -1.51 -36.13
C THR C 134 8.98 -1.40 -36.52
N ILE C 135 9.69 -2.54 -36.53
CA ILE C 135 11.09 -2.62 -36.95
C ILE C 135 11.32 -2.04 -38.38
N LYS C 136 10.49 -2.43 -39.36
CA LYS C 136 10.60 -1.86 -40.71
C LYS C 136 10.43 -0.34 -40.69
N LEU C 137 9.41 0.13 -39.97
CA LEU C 137 9.09 1.55 -39.85
C LEU C 137 10.28 2.36 -39.28
N LEU C 138 10.90 1.83 -38.23
CA LEU C 138 12.01 2.48 -37.57
C LEU C 138 13.29 2.47 -38.42
N VAL C 139 13.62 1.31 -38.96
CA VAL C 139 14.86 1.11 -39.71
C VAL C 139 14.82 1.82 -41.08
N ASN C 140 13.71 1.69 -41.80
CA ASN C 140 13.61 2.29 -43.13
C ASN C 140 13.49 3.81 -43.14
N GLU C 141 12.91 4.38 -42.09
CA GLU C 141 12.46 5.78 -42.15
C GLU C 141 12.97 6.71 -41.05
N GLN C 142 13.07 6.19 -39.82
CA GLN C 142 13.18 7.06 -38.65
C GLN C 142 14.58 7.14 -38.03
N LEU C 143 15.30 6.02 -38.01
CA LEU C 143 16.51 5.95 -37.19
C LEU C 143 17.79 6.20 -37.96
N ASN C 144 18.66 6.99 -37.34
CA ASN C 144 20.01 7.23 -37.81
C ASN C 144 20.96 6.52 -36.88
N VAL C 145 20.37 5.60 -36.15
CA VAL C 145 21.02 4.80 -35.13
C VAL C 145 20.62 3.33 -35.39
N PRO C 146 21.50 2.35 -35.08
CA PRO C 146 21.07 0.94 -35.20
C PRO C 146 19.97 0.54 -34.20
N LEU C 147 19.10 -0.38 -34.61
CA LEU C 147 18.06 -0.91 -33.74
C LEU C 147 18.48 -2.25 -33.15
N ILE C 148 18.35 -2.33 -31.83
CA ILE C 148 18.56 -3.56 -31.11
C ILE C 148 17.21 -4.22 -30.94
N GLY C 149 17.05 -5.40 -31.56
CA GLY C 149 15.90 -6.25 -31.31
C GLY C 149 16.17 -7.06 -30.05
N PHE C 150 15.14 -7.74 -29.55
CA PHE C 150 15.30 -8.51 -28.34
C PHE C 150 14.32 -9.66 -28.12
N SER C 151 14.75 -10.60 -27.28
CA SER C 151 13.92 -11.64 -26.75
C SER C 151 14.36 -11.96 -25.31
N GLY C 152 13.41 -12.44 -24.51
CA GLY C 152 13.72 -13.10 -23.25
C GLY C 152 14.37 -14.45 -23.49
N ALA C 153 15.13 -14.92 -22.49
CA ALA C 153 15.78 -16.23 -22.54
C ALA C 153 14.84 -17.33 -22.04
N PRO C 154 15.13 -18.61 -22.38
CA PRO C 154 14.30 -19.76 -21.94
C PRO C 154 14.02 -19.83 -20.43
N PHE C 155 15.06 -19.73 -19.61
CA PHE C 155 14.83 -19.83 -18.16
C PHE C 155 13.86 -18.78 -17.66
N THR C 156 14.08 -17.54 -18.09
CA THR C 156 13.27 -16.41 -17.66
C THR C 156 11.83 -16.55 -18.18
N LEU C 157 11.69 -16.96 -19.44
CA LEU C 157 10.36 -17.20 -19.99
C LEU C 157 9.67 -18.38 -19.30
N ALA C 158 10.41 -19.45 -19.08
CA ALA C 158 9.92 -20.62 -18.33
C ALA C 158 9.43 -20.25 -16.93
N SER C 159 10.15 -19.33 -16.27
CA SER C 159 9.75 -18.87 -14.94
C SER C 159 8.39 -18.19 -14.96
N TYR C 160 8.15 -17.31 -15.95
CA TYR C 160 6.83 -16.69 -16.10
C TYR C 160 5.74 -17.75 -16.28
N MET C 161 6.07 -18.75 -17.10
CA MET C 161 5.14 -19.82 -17.44
C MET C 161 4.90 -20.79 -16.28
N THR C 162 5.86 -20.85 -15.34
CA THR C 162 5.84 -21.83 -14.25
C THR C 162 5.47 -21.24 -12.87
N GLU C 163 5.89 -20.03 -12.57
CA GLU C 163 5.63 -19.46 -11.25
C GLU C 163 4.17 -19.09 -10.99
N GLY C 164 3.54 -18.47 -11.98
CA GLY C 164 2.24 -17.83 -11.77
C GLY C 164 2.51 -16.41 -11.30
N GLY C 165 2.54 -16.23 -9.97
CA GLY C 165 2.89 -14.95 -9.33
C GLY C 165 4.34 -14.52 -9.52
N PRO C 166 4.63 -13.21 -9.30
CA PRO C 166 5.89 -12.52 -9.68
C PRO C 166 7.19 -13.16 -9.18
N SER C 167 7.20 -13.60 -7.92
CA SER C 167 8.32 -14.36 -7.30
C SER C 167 9.66 -13.63 -7.08
N LYS C 168 10.21 -13.82 -5.88
CA LYS C 168 11.53 -13.30 -5.53
C LYS C 168 12.61 -14.39 -5.65
N ASN C 169 12.22 -15.64 -5.42
CA ASN C 169 13.15 -16.76 -5.36
C ASN C 169 13.11 -17.73 -6.55
N TYR C 170 11.91 -17.91 -7.13
CA TYR C 170 11.67 -18.85 -8.25
C TYR C 170 11.85 -20.31 -7.83
N ASN C 171 11.45 -20.58 -6.59
CA ASN C 171 11.46 -21.92 -6.01
C ASN C 171 10.65 -22.94 -6.82
N LYS C 172 9.45 -22.55 -7.23
CA LYS C 172 8.59 -23.42 -8.05
C LYS C 172 9.23 -23.79 -9.39
N THR C 173 9.83 -22.79 -10.06
CA THR C 173 10.51 -23.00 -11.35
C THR C 173 11.68 -23.97 -11.22
N LYS C 174 12.51 -23.74 -10.21
CA LYS C 174 13.67 -24.60 -9.94
C LYS C 174 13.29 -26.01 -9.48
N ALA C 175 12.30 -26.11 -8.60
CA ALA C 175 11.83 -27.41 -8.14
C ALA C 175 11.39 -28.26 -9.32
N PHE C 176 10.67 -27.63 -10.25
CA PHE C 176 10.22 -28.27 -11.48
C PHE C 176 11.42 -28.72 -12.34
N MET C 177 12.40 -27.83 -12.48
CA MET C 177 13.66 -28.11 -13.14
C MET C 177 14.34 -29.38 -12.54
N TYR C 178 14.47 -29.41 -11.21
CA TYR C 178 15.06 -30.57 -10.53
C TYR C 178 14.23 -31.82 -10.67
N SER C 179 12.93 -31.69 -10.41
CA SER C 179 12.01 -32.81 -10.27
C SER C 179 11.63 -33.48 -11.59
N MET C 180 11.64 -32.72 -12.67
CA MET C 180 11.17 -33.22 -13.96
C MET C 180 12.07 -32.76 -15.10
N PRO C 181 13.34 -33.21 -15.09
CA PRO C 181 14.33 -32.69 -16.04
C PRO C 181 13.99 -33.06 -17.48
N ASP C 182 13.27 -34.16 -17.65
CA ASP C 182 12.78 -34.58 -18.96
C ASP C 182 11.81 -33.53 -19.51
N ALA C 183 10.86 -33.12 -18.68
CA ALA C 183 9.88 -32.10 -19.05
C ALA C 183 10.56 -30.73 -19.22
N TRP C 184 11.57 -30.47 -18.39
CA TRP C 184 12.33 -29.23 -18.44
C TRP C 184 13.05 -29.04 -19.78
N ASN C 185 13.81 -30.05 -20.19
CA ASN C 185 14.50 -30.05 -21.47
C ASN C 185 13.60 -29.84 -22.69
N LEU C 186 12.43 -30.48 -22.71
CA LEU C 186 11.46 -30.25 -23.76
C LEU C 186 11.03 -28.78 -23.77
N LEU C 187 10.72 -28.25 -22.59
CA LEU C 187 10.31 -26.85 -22.45
C LEU C 187 11.37 -25.86 -22.95
N MET C 188 12.62 -26.14 -22.60
CA MET C 188 13.76 -25.38 -23.07
C MET C 188 13.82 -25.43 -24.60
N SER C 189 13.57 -26.62 -25.14
CA SER C 189 13.64 -26.86 -26.59
C SER C 189 12.51 -26.15 -27.34
N LYS C 190 11.30 -26.20 -26.79
CA LYS C 190 10.16 -25.49 -27.39
C LYS C 190 10.39 -23.97 -27.42
N LEU C 191 10.93 -23.44 -26.33
CA LEU C 191 11.23 -22.02 -26.19
C LEU C 191 12.41 -21.59 -27.06
N ALA C 192 13.40 -22.46 -27.22
CA ALA C 192 14.51 -22.22 -28.09
C ALA C 192 14.06 -22.09 -29.55
N ASP C 193 13.21 -23.01 -30.00
CA ASP C 193 12.63 -22.94 -31.36
C ASP C 193 11.93 -21.61 -31.58
N MET C 194 11.11 -21.23 -30.62
CA MET C 194 10.39 -19.97 -30.71
C MET C 194 11.38 -18.79 -30.78
N ILE C 195 12.35 -18.75 -29.87
CA ILE C 195 13.28 -17.64 -29.76
C ILE C 195 14.10 -17.46 -31.06
N ILE C 196 14.59 -18.56 -31.62
CA ILE C 196 15.37 -18.51 -32.85
C ILE C 196 14.56 -17.96 -34.03
N VAL C 197 13.35 -18.49 -34.22
CA VAL C 197 12.47 -18.03 -35.28
C VAL C 197 12.09 -16.55 -35.07
N TYR C 198 11.69 -16.22 -33.84
CA TYR C 198 11.35 -14.85 -33.44
C TYR C 198 12.47 -13.85 -33.80
N VAL C 199 13.67 -14.15 -33.31
CA VAL C 199 14.85 -13.31 -33.50
C VAL C 199 15.29 -13.19 -34.96
N LYS C 200 15.32 -14.30 -35.68
CA LYS C 200 15.61 -14.26 -37.11
C LYS C 200 14.68 -13.29 -37.85
N ALA C 201 13.39 -13.34 -37.52
CA ALA C 201 12.41 -12.43 -38.14
C ALA C 201 12.63 -10.95 -37.82
N GLN C 202 13.03 -10.64 -36.60
CA GLN C 202 13.37 -9.27 -36.22
C GLN C 202 14.58 -8.72 -37.02
N ILE C 203 15.62 -9.56 -37.14
CA ILE C 203 16.84 -9.25 -37.91
C ILE C 203 16.47 -9.00 -39.37
N LYS C 204 15.69 -9.89 -39.94
CA LYS C 204 15.19 -9.78 -41.29
C LYS C 204 14.44 -8.48 -41.49
N ALA C 205 13.58 -8.12 -40.55
CA ALA C 205 12.84 -6.85 -40.67
C ALA C 205 13.74 -5.61 -40.52
N GLY C 206 14.95 -5.82 -39.99
CA GLY C 206 15.97 -4.75 -39.97
C GLY C 206 16.75 -4.49 -38.69
N ALA C 207 16.55 -5.28 -37.64
CA ALA C 207 17.36 -5.12 -36.43
C ALA C 207 18.82 -5.41 -36.74
N LYS C 208 19.71 -4.54 -36.28
CA LYS C 208 21.14 -4.68 -36.56
C LYS C 208 21.93 -5.33 -35.42
N ALA C 209 21.29 -5.53 -34.27
CA ALA C 209 21.86 -6.34 -33.18
C ALA C 209 20.72 -6.97 -32.40
N ILE C 210 21.04 -7.97 -31.58
CA ILE C 210 20.01 -8.60 -30.72
C ILE C 210 20.49 -8.75 -29.30
N GLN C 211 19.63 -8.38 -28.36
CA GLN C 211 19.92 -8.59 -26.96
C GLN C 211 19.02 -9.66 -26.36
N ILE C 212 19.64 -10.63 -25.69
CA ILE C 212 18.91 -11.64 -24.94
C ILE C 212 18.87 -11.27 -23.47
N PHE C 213 17.65 -11.14 -22.92
CA PHE C 213 17.45 -10.83 -21.52
C PHE C 213 17.12 -12.11 -20.76
N ASP C 214 18.02 -12.54 -19.87
CA ASP C 214 17.78 -13.66 -18.98
C ASP C 214 17.80 -13.08 -17.60
N SER C 215 16.72 -12.36 -17.32
CA SER C 215 16.57 -11.51 -16.16
C SER C 215 16.68 -12.27 -14.84
N TRP C 216 16.24 -13.53 -14.82
CA TRP C 216 16.09 -14.19 -13.52
C TRP C 216 17.12 -15.30 -13.26
N VAL C 217 17.97 -15.57 -14.24
CA VAL C 217 18.78 -16.77 -14.22
C VAL C 217 19.91 -16.76 -13.14
N GLY C 218 20.25 -15.57 -12.63
CA GLY C 218 21.16 -15.43 -11.48
C GLY C 218 20.69 -16.14 -10.21
N ALA C 219 19.44 -16.59 -10.22
CA ALA C 219 18.88 -17.41 -9.15
C ALA C 219 19.52 -18.80 -9.14
N LEU C 220 20.22 -19.12 -10.22
CA LEU C 220 20.92 -20.40 -10.41
C LEU C 220 22.40 -20.24 -10.15
N ASN C 221 22.99 -21.22 -9.47
CA ASN C 221 24.45 -21.32 -9.37
C ASN C 221 25.02 -21.86 -10.67
N GLN C 222 26.36 -21.87 -10.78
CA GLN C 222 27.06 -22.29 -11.99
C GLN C 222 26.81 -23.75 -12.35
N ALA C 223 26.69 -24.61 -11.34
CA ALA C 223 26.48 -26.03 -11.59
C ALA C 223 25.12 -26.29 -12.22
N ASP C 224 24.11 -25.61 -11.70
CA ASP C 224 22.76 -25.75 -12.21
C ASP C 224 22.59 -25.03 -13.54
N TYR C 225 23.25 -23.89 -13.70
CA TYR C 225 23.27 -23.22 -15.00
C TYR C 225 23.79 -24.15 -16.10
N ARG C 226 24.95 -24.75 -15.87
CA ARG C 226 25.57 -25.68 -16.81
C ARG C 226 24.72 -26.92 -17.06
N THR C 227 24.13 -27.49 -16.00
CA THR C 227 23.26 -28.65 -16.15
C THR C 227 21.97 -28.34 -16.94
N TYR C 228 21.26 -27.28 -16.56
CA TYR C 228 19.87 -27.15 -17.00
C TYR C 228 19.61 -26.15 -18.11
N ILE C 229 20.55 -25.24 -18.32
CA ILE C 229 20.34 -24.05 -19.12
C ILE C 229 21.38 -23.89 -20.25
N LYS C 230 22.66 -24.05 -19.91
CA LYS C 230 23.74 -23.78 -20.89
C LYS C 230 23.60 -24.48 -22.26
N PRO C 231 23.22 -25.77 -22.28
CA PRO C 231 23.03 -26.43 -23.59
C PRO C 231 22.01 -25.77 -24.51
N VAL C 232 20.85 -25.38 -23.99
CA VAL C 232 19.87 -24.65 -24.81
C VAL C 232 20.38 -23.27 -25.28
N MET C 233 21.03 -22.52 -24.39
CA MET C 233 21.65 -21.25 -24.78
C MET C 233 22.66 -21.44 -25.92
N ASN C 234 23.47 -22.50 -25.82
CA ASN C 234 24.47 -22.81 -26.84
C ASN C 234 23.84 -23.04 -28.21
N ARG C 235 22.72 -23.74 -28.23
CA ARG C 235 21.97 -23.95 -29.45
C ARG C 235 21.42 -22.63 -30.00
N ILE C 236 20.83 -21.81 -29.13
CA ILE C 236 20.23 -20.54 -29.55
C ILE C 236 21.28 -19.62 -30.21
N PHE C 237 22.40 -19.42 -29.51
CA PHE C 237 23.47 -18.56 -30.02
C PHE C 237 24.20 -19.13 -31.23
N SER C 238 24.41 -20.44 -31.27
CA SER C 238 25.04 -21.06 -32.44
C SER C 238 24.22 -20.81 -33.72
N GLU C 239 22.91 -21.00 -33.62
CA GLU C 239 21.98 -20.72 -34.70
C GLU C 239 21.95 -19.24 -35.10
N LEU C 240 21.91 -18.36 -34.11
CA LEU C 240 21.86 -16.92 -34.36
C LEU C 240 23.19 -16.32 -34.84
N ALA C 241 24.30 -17.02 -34.61
CA ALA C 241 25.63 -16.55 -35.04
C ALA C 241 25.76 -16.45 -36.57
N LYS C 242 24.98 -17.26 -37.28
CA LYS C 242 24.98 -17.30 -38.76
C LYS C 242 24.36 -16.06 -39.41
N GLU C 243 23.63 -15.26 -38.62
CA GLU C 243 23.02 -14.01 -39.09
C GLU C 243 24.02 -12.83 -39.15
N ASN C 244 25.18 -13.01 -38.53
CA ASN C 244 26.26 -12.03 -38.51
C ASN C 244 25.90 -10.64 -37.94
N VAL C 245 25.01 -10.62 -36.96
CA VAL C 245 24.74 -9.41 -36.21
C VAL C 245 25.21 -9.61 -34.77
N PRO C 246 25.63 -8.52 -34.10
CA PRO C 246 26.09 -8.67 -32.71
C PRO C 246 25.02 -9.26 -31.80
N LEU C 247 25.41 -10.24 -30.99
CA LEU C 247 24.51 -10.87 -30.06
C LEU C 247 24.95 -10.58 -28.62
N ILE C 248 24.01 -10.05 -27.84
CA ILE C 248 24.23 -9.61 -26.48
C ILE C 248 23.41 -10.44 -25.48
N MET C 249 23.99 -10.70 -24.31
CA MET C 249 23.22 -11.24 -23.19
C MET C 249 23.45 -10.48 -21.89
N PHE C 250 22.35 -10.20 -21.22
CA PHE C 250 22.38 -9.60 -19.91
C PHE C 250 21.30 -10.20 -19.02
N GLY C 251 21.64 -10.30 -17.73
CA GLY C 251 20.69 -10.58 -16.68
C GLY C 251 21.36 -10.10 -15.42
N VAL C 252 20.59 -9.57 -14.46
CA VAL C 252 21.14 -8.99 -13.23
C VAL C 252 21.44 -10.06 -12.14
N GLY C 253 22.47 -9.83 -11.33
CA GLY C 253 22.82 -10.73 -10.24
C GLY C 253 23.38 -12.05 -10.73
N ALA C 254 24.10 -12.02 -11.84
CA ALA C 254 24.57 -13.24 -12.51
C ALA C 254 26.07 -13.18 -12.85
N SER C 255 26.82 -12.46 -12.03
CA SER C 255 28.25 -12.28 -12.23
C SER C 255 29.02 -13.60 -12.19
N HIS C 256 28.55 -14.52 -11.33
CA HIS C 256 29.09 -15.86 -11.20
C HIS C 256 28.90 -16.74 -12.45
N LEU C 257 28.08 -16.28 -13.41
CA LEU C 257 27.85 -17.02 -14.65
C LEU C 257 28.57 -16.41 -15.87
N ALA C 258 29.13 -15.21 -15.70
CA ALA C 258 29.78 -14.48 -16.80
C ALA C 258 30.72 -15.33 -17.67
N GLY C 259 31.51 -16.19 -17.05
CA GLY C 259 32.46 -17.02 -17.77
C GLY C 259 31.76 -18.02 -18.65
N ASP C 260 30.71 -18.63 -18.12
CA ASP C 260 29.86 -19.57 -18.87
C ASP C 260 29.14 -18.89 -20.03
N TRP C 261 28.71 -17.64 -19.84
CA TRP C 261 28.18 -16.80 -20.92
C TRP C 261 29.26 -16.55 -21.98
N HIS C 262 30.49 -16.36 -21.53
CA HIS C 262 31.59 -16.03 -22.43
C HIS C 262 31.94 -17.22 -23.34
N ASP C 263 31.66 -18.43 -22.85
CA ASP C 263 31.79 -19.67 -23.62
C ASP C 263 30.81 -19.74 -24.79
N LEU C 264 29.64 -19.15 -24.65
CA LEU C 264 28.62 -19.22 -25.70
C LEU C 264 29.01 -18.36 -26.89
N PRO C 265 28.62 -18.76 -28.11
CA PRO C 265 28.90 -17.95 -29.31
C PRO C 265 28.12 -16.64 -29.43
N LEU C 266 27.96 -15.93 -28.31
CA LEU C 266 27.49 -14.54 -28.33
C LEU C 266 28.68 -13.62 -28.53
N ASP C 267 28.40 -12.33 -28.69
CA ASP C 267 29.43 -11.34 -29.01
C ASP C 267 29.74 -10.39 -27.85
N VAL C 268 28.69 -9.99 -27.14
CA VAL C 268 28.79 -9.01 -26.05
C VAL C 268 28.24 -9.59 -24.74
N VAL C 269 29.06 -9.50 -23.69
CA VAL C 269 28.68 -9.89 -22.35
C VAL C 269 28.25 -8.63 -21.60
N GLY C 270 26.98 -8.59 -21.20
CA GLY C 270 26.45 -7.53 -20.37
C GLY C 270 26.85 -7.79 -18.93
N LEU C 271 27.31 -6.74 -18.25
CA LEU C 271 27.71 -6.82 -16.84
C LEU C 271 26.79 -5.96 -15.98
N ASP C 272 26.52 -6.43 -14.76
CA ASP C 272 25.94 -5.60 -13.72
C ASP C 272 27.07 -4.91 -12.95
N TRP C 273 26.73 -4.15 -11.90
CA TRP C 273 27.74 -3.34 -11.20
C TRP C 273 28.68 -4.11 -10.28
N ARG C 274 28.42 -5.41 -10.11
CA ARG C 274 29.17 -6.24 -9.17
C ARG C 274 30.30 -7.00 -9.84
N LEU C 275 30.39 -6.88 -11.16
CA LEU C 275 31.56 -7.37 -11.87
C LEU C 275 32.11 -6.21 -12.66
N GLY C 276 33.22 -5.66 -12.17
CA GLY C 276 33.94 -4.60 -12.86
C GLY C 276 34.53 -5.05 -14.19
N ILE C 277 34.80 -4.10 -15.08
CA ILE C 277 35.48 -4.36 -16.36
C ILE C 277 36.93 -4.96 -16.20
N ASP C 278 37.80 -4.25 -15.49
CA ASP C 278 39.15 -4.78 -15.17
C ASP C 278 39.09 -6.18 -14.55
N GLU C 279 38.17 -6.36 -13.59
CA GLU C 279 37.94 -7.65 -12.95
C GLU C 279 37.55 -8.73 -13.98
N ALA C 280 36.59 -8.42 -14.85
CA ALA C 280 36.18 -9.33 -15.93
C ALA C 280 37.34 -9.73 -16.85
N ARG C 281 38.13 -8.74 -17.25
CA ARG C 281 39.32 -8.97 -18.06
C ARG C 281 40.28 -9.98 -17.42
N SER C 282 40.59 -9.79 -16.13
CA SER C 282 41.55 -10.69 -15.44
C SER C 282 40.99 -12.10 -15.20
N LYS C 283 39.67 -12.22 -15.28
CA LYS C 283 38.98 -13.51 -15.22
C LYS C 283 38.93 -14.22 -16.58
N GLY C 284 39.52 -13.59 -17.61
CA GLY C 284 39.53 -14.15 -18.94
C GLY C 284 38.33 -13.78 -19.80
N ILE C 285 37.60 -12.74 -19.40
CA ILE C 285 36.55 -12.24 -20.29
C ILE C 285 37.12 -11.30 -21.36
N THR C 286 37.26 -11.84 -22.55
CA THR C 286 37.92 -11.14 -23.64
C THR C 286 36.99 -10.54 -24.74
N LYS C 287 35.78 -11.09 -24.88
CA LYS C 287 34.76 -10.56 -25.79
C LYS C 287 34.34 -9.17 -25.38
N THR C 288 33.65 -8.45 -26.28
CA THR C 288 33.26 -7.11 -25.90
C THR C 288 32.28 -7.16 -24.72
N VAL C 289 32.34 -6.10 -23.94
CA VAL C 289 31.67 -6.04 -22.68
C VAL C 289 30.71 -4.86 -22.73
N GLN C 290 29.56 -5.01 -22.07
CA GLN C 290 28.58 -3.94 -22.01
C GLN C 290 28.11 -3.60 -20.60
N GLY C 291 28.05 -2.30 -20.34
CA GLY C 291 27.34 -1.77 -19.21
C GLY C 291 27.92 -2.08 -17.86
N ASN C 292 27.62 -1.21 -16.90
CA ASN C 292 28.11 -1.43 -15.55
C ASN C 292 27.53 -0.50 -14.51
N LEU C 293 27.23 0.75 -14.88
CA LEU C 293 26.83 1.74 -13.88
C LEU C 293 25.61 1.28 -13.09
N ASP C 294 25.77 1.17 -11.78
CA ASP C 294 24.64 0.93 -10.88
C ASP C 294 23.60 2.04 -11.07
N PRO C 295 22.38 1.69 -11.53
CA PRO C 295 21.32 2.70 -11.73
C PRO C 295 21.00 3.54 -10.48
N SER C 296 21.18 2.97 -9.30
CA SER C 296 20.97 3.73 -8.05
C SER C 296 21.83 5.00 -7.98
N ILE C 297 23.00 4.95 -8.61
CA ILE C 297 23.91 6.10 -8.71
C ILE C 297 23.27 7.29 -9.46
N LEU C 298 22.34 7.03 -10.37
CA LEU C 298 21.64 8.09 -11.11
C LEU C 298 20.80 9.04 -10.23
N LEU C 299 20.61 8.67 -8.96
CA LEU C 299 19.91 9.53 -7.99
C LEU C 299 20.87 10.34 -7.12
N ALA C 300 22.13 9.94 -7.10
CA ALA C 300 23.17 10.66 -6.38
C ALA C 300 23.45 12.02 -7.02
N PRO C 301 24.14 12.91 -6.29
CA PRO C 301 24.57 14.18 -6.91
C PRO C 301 25.47 13.93 -8.13
N TRP C 302 25.49 14.91 -9.04
CA TRP C 302 26.26 14.77 -10.27
C TRP C 302 27.72 14.37 -10.04
N GLU C 303 28.32 14.92 -8.99
CA GLU C 303 29.70 14.63 -8.62
C GLU C 303 29.96 13.12 -8.47
N VAL C 304 29.05 12.42 -7.80
CA VAL C 304 29.16 10.97 -7.65
C VAL C 304 28.97 10.28 -9.00
N ILE C 305 27.92 10.66 -9.73
CA ILE C 305 27.64 10.10 -11.05
C ILE C 305 28.86 10.21 -11.97
N GLU C 306 29.49 11.38 -11.97
CA GLU C 306 30.65 11.65 -12.80
C GLU C 306 31.86 10.79 -12.40
N GLN C 307 32.20 10.77 -11.12
CA GLN C 307 33.34 10.00 -10.63
C GLN C 307 33.19 8.51 -10.99
N LYS C 308 32.00 7.99 -10.74
CA LYS C 308 31.77 6.57 -10.95
C LYS C 308 31.76 6.20 -12.43
N THR C 309 31.20 7.07 -13.26
CA THR C 309 31.14 6.83 -14.71
C THR C 309 32.52 6.94 -15.34
N LYS C 310 33.28 7.95 -14.92
CA LYS C 310 34.67 8.16 -15.35
C LYS C 310 35.50 6.89 -15.13
N GLU C 311 35.37 6.29 -13.94
CA GLU C 311 36.02 5.02 -13.57
C GLU C 311 35.73 3.86 -14.52
N ILE C 312 34.46 3.72 -14.87
CA ILE C 312 34.03 2.68 -15.77
C ILE C 312 34.56 2.95 -17.18
N LEU C 313 34.48 4.21 -17.62
CA LEU C 313 35.00 4.57 -18.94
C LEU C 313 36.50 4.28 -19.05
N ASP C 314 37.27 4.73 -18.07
CA ASP C 314 38.71 4.47 -18.00
C ASP C 314 39.06 2.99 -18.05
N GLN C 315 38.22 2.13 -17.48
CA GLN C 315 38.43 0.68 -17.59
C GLN C 315 38.00 0.19 -18.98
N GLY C 316 36.84 0.65 -19.44
CA GLY C 316 36.26 0.22 -20.68
C GLY C 316 37.03 0.60 -21.93
N MET C 317 37.63 1.80 -21.93
CA MET C 317 38.35 2.33 -23.09
C MET C 317 39.76 1.73 -23.27
N GLU C 318 40.12 0.76 -22.44
CA GLU C 318 41.41 0.08 -22.57
C GLU C 318 41.41 -0.83 -23.81
N SER C 319 40.22 -1.19 -24.29
CA SER C 319 40.05 -1.93 -25.53
C SER C 319 38.86 -1.40 -26.35
N ASP C 320 38.79 -1.75 -27.63
CA ASP C 320 37.73 -1.24 -28.51
C ASP C 320 36.35 -1.85 -28.20
N GLY C 321 36.36 -3.05 -27.63
CA GLY C 321 35.14 -3.79 -27.31
C GLY C 321 34.46 -3.34 -26.03
N PHE C 322 33.78 -2.19 -26.11
CA PHE C 322 33.15 -1.62 -24.94
C PHE C 322 31.93 -0.74 -25.28
N ILE C 323 30.79 -1.11 -24.71
CA ILE C 323 29.55 -0.32 -24.82
C ILE C 323 29.15 0.10 -23.40
N PHE C 324 29.07 1.42 -23.17
CA PHE C 324 28.57 1.91 -21.90
C PHE C 324 27.05 1.72 -21.77
N ASN C 325 26.63 1.26 -20.60
CA ASN C 325 25.23 1.03 -20.25
C ASN C 325 25.19 0.98 -18.71
N LEU C 326 23.98 0.93 -18.15
CA LEU C 326 23.82 0.69 -16.73
C LEU C 326 23.98 -0.79 -16.42
N GLY C 327 24.05 -1.12 -15.14
CA GLY C 327 24.18 -2.51 -14.69
C GLY C 327 22.85 -3.17 -14.39
N HIS C 328 21.77 -2.44 -14.68
CA HIS C 328 20.37 -2.89 -14.59
C HIS C 328 19.51 -1.84 -15.29
N GLY C 329 18.21 -2.07 -15.37
CA GLY C 329 17.32 -1.21 -16.14
C GLY C 329 17.10 0.13 -15.48
N VAL C 330 16.84 1.15 -16.29
CA VAL C 330 16.36 2.45 -15.82
C VAL C 330 15.04 2.21 -15.08
N PHE C 331 14.92 2.78 -13.88
CA PHE C 331 13.69 2.72 -13.10
C PHE C 331 12.97 4.08 -13.12
N PRO C 332 11.64 4.08 -12.88
CA PRO C 332 10.73 5.21 -13.14
C PRO C 332 11.13 6.61 -12.64
N ASP C 333 11.73 6.71 -11.46
CA ASP C 333 12.07 8.04 -10.94
C ASP C 333 13.50 8.53 -11.26
N VAL C 334 14.18 7.84 -12.17
CA VAL C 334 15.36 8.40 -12.80
C VAL C 334 14.92 9.55 -13.69
N SER C 335 15.62 10.69 -13.55
CA SER C 335 15.36 11.91 -14.31
C SER C 335 15.88 11.83 -15.77
N PRO C 336 15.03 12.16 -16.74
CA PRO C 336 15.47 12.23 -18.15
C PRO C 336 16.58 13.25 -18.40
N GLU C 337 16.57 14.37 -17.68
CA GLU C 337 17.61 15.39 -17.80
C GLU C 337 18.99 14.89 -17.39
N VAL C 338 19.01 13.99 -16.40
CA VAL C 338 20.22 13.34 -15.92
C VAL C 338 20.80 12.39 -16.97
N LEU C 339 19.94 11.61 -17.61
CA LEU C 339 20.36 10.68 -18.66
C LEU C 339 20.86 11.44 -19.89
N LYS C 340 20.22 12.57 -20.19
CA LYS C 340 20.71 13.48 -21.21
C LYS C 340 22.14 13.94 -20.91
N LYS C 341 22.35 14.46 -19.69
CA LYS C 341 23.66 14.97 -19.26
C LYS C 341 24.70 13.87 -19.29
N LEU C 342 24.34 12.70 -18.75
CA LEU C 342 25.24 11.56 -18.73
C LEU C 342 25.68 11.10 -20.11
N THR C 343 24.76 11.09 -21.06
CA THR C 343 25.03 10.65 -22.43
C THR C 343 26.08 11.56 -23.10
N ALA C 344 25.87 12.87 -23.02
CA ALA C 344 26.82 13.88 -23.50
C ALA C 344 28.19 13.73 -22.86
N PHE C 345 28.23 13.47 -21.55
CA PHE C 345 29.51 13.30 -20.86
C PHE C 345 30.22 12.05 -21.34
N VAL C 346 29.50 10.95 -21.49
CA VAL C 346 30.13 9.74 -22.00
C VAL C 346 30.74 10.01 -23.38
N HIS C 347 29.99 10.70 -24.24
CA HIS C 347 30.45 11.03 -25.60
C HIS C 347 31.67 11.95 -25.64
N GLU C 348 31.59 13.06 -24.91
CA GLU C 348 32.63 14.07 -24.85
C GLU C 348 33.92 13.51 -24.20
N TYR C 349 33.79 12.88 -23.04
CA TYR C 349 34.93 12.25 -22.35
C TYR C 349 35.66 11.19 -23.20
N SER C 350 34.90 10.27 -23.79
CA SER C 350 35.52 9.20 -24.58
C SER C 350 36.16 9.72 -25.86
N GLN C 351 35.53 10.71 -26.47
CA GLN C 351 36.06 11.37 -27.66
C GLN C 351 37.42 12.03 -27.41
N ASN C 352 37.49 12.85 -26.35
CA ASN C 352 38.75 13.50 -25.92
C ASN C 352 39.87 12.49 -25.69
N LYS C 353 39.56 11.40 -25.00
CA LYS C 353 40.53 10.35 -24.70
C LYS C 353 41.06 9.65 -25.95
N LYS C 354 40.15 9.34 -26.86
CA LYS C 354 40.47 8.56 -28.05
C LYS C 354 41.19 9.39 -29.13
N MET C 355 41.13 10.71 -29.02
CA MET C 355 41.84 11.62 -29.92
C MET C 355 43.35 11.44 -29.86
N THR D 12 23.40 -35.75 27.28
CA THR D 12 24.76 -35.16 27.08
C THR D 12 24.67 -33.97 26.13
N PHE D 13 25.26 -32.84 26.53
CA PHE D 13 25.22 -31.62 25.74
C PHE D 13 25.97 -31.83 24.41
N ASN D 14 25.23 -31.65 23.32
CA ASN D 14 25.78 -31.80 21.99
C ASN D 14 26.68 -30.61 21.65
N GLU D 15 27.97 -30.89 21.57
CA GLU D 15 29.01 -29.88 21.33
C GLU D 15 29.38 -29.68 19.86
N THR D 16 28.89 -30.59 19.02
CA THR D 16 29.31 -30.72 17.63
C THR D 16 29.39 -29.38 16.88
N PHE D 17 28.35 -28.57 17.03
CA PHE D 17 28.25 -27.30 16.35
C PHE D 17 29.38 -26.35 16.71
N LEU D 18 29.68 -26.27 18.00
CA LEU D 18 30.72 -25.35 18.49
C LEU D 18 32.14 -25.79 18.10
N LYS D 19 32.36 -27.10 18.08
CA LYS D 19 33.64 -27.67 17.61
C LYS D 19 33.91 -27.30 16.16
N ALA D 20 32.93 -27.55 15.28
CA ALA D 20 33.03 -27.21 13.84
C ALA D 20 33.31 -25.73 13.62
N ALA D 21 32.58 -24.88 14.34
CA ALA D 21 32.75 -23.44 14.24
C ALA D 21 34.15 -23.00 14.67
N ARG D 22 34.75 -23.77 15.58
CA ARG D 22 36.11 -23.58 16.06
C ARG D 22 37.13 -24.32 15.17
N GLY D 23 36.62 -25.01 14.15
CA GLY D 23 37.48 -25.79 13.24
C GLY D 23 38.11 -27.02 13.90
N GLU D 24 37.41 -27.64 14.84
CA GLU D 24 37.95 -28.78 15.58
C GLU D 24 37.29 -30.10 15.20
N LYS D 25 37.99 -31.21 15.46
CA LYS D 25 37.45 -32.56 15.25
C LYS D 25 36.09 -32.81 15.92
N ALA D 26 35.12 -33.24 15.12
CA ALA D 26 33.87 -33.79 15.65
C ALA D 26 33.57 -35.13 14.99
N ASP D 27 32.77 -35.95 15.66
CA ASP D 27 32.39 -37.29 15.16
C ASP D 27 31.35 -37.26 14.01
N HIS D 28 30.72 -36.09 13.80
CA HIS D 28 29.76 -35.90 12.70
C HIS D 28 29.68 -34.43 12.30
N THR D 29 29.09 -34.16 11.14
CA THR D 29 28.86 -32.78 10.68
C THR D 29 27.61 -32.20 11.33
N PRO D 30 27.73 -31.03 12.00
CA PRO D 30 26.56 -30.38 12.57
C PRO D 30 25.69 -29.73 11.50
N VAL D 31 24.39 -29.67 11.77
CA VAL D 31 23.39 -29.10 10.86
C VAL D 31 22.47 -28.21 11.68
N TRP D 32 22.11 -27.06 11.14
CA TRP D 32 20.87 -26.37 11.51
C TRP D 32 20.40 -25.62 10.26
N TYR D 33 19.19 -25.09 10.27
CA TYR D 33 18.65 -24.38 9.09
C TYR D 33 18.20 -22.99 9.44
N MET D 34 18.54 -22.02 8.62
CA MET D 34 17.99 -20.68 8.78
C MET D 34 16.48 -20.76 8.57
N ARG D 35 15.75 -20.10 9.47
CA ARG D 35 14.28 -20.23 9.55
C ARG D 35 13.75 -21.66 9.85
N GLN D 36 14.56 -22.47 10.53
CA GLN D 36 14.08 -23.78 11.00
C GLN D 36 12.80 -23.70 11.85
N ALA D 37 12.65 -22.62 12.62
CA ALA D 37 11.39 -22.32 13.30
C ALA D 37 10.64 -21.23 12.56
N GLY D 38 9.41 -21.55 12.14
CA GLY D 38 8.63 -20.63 11.31
C GLY D 38 7.51 -21.31 10.55
N ARG D 39 7.01 -20.62 9.52
CA ARG D 39 5.77 -21.00 8.83
C ARG D 39 5.75 -22.37 8.15
N SER D 40 6.92 -23.00 8.05
CA SER D 40 7.04 -24.38 7.56
C SER D 40 6.45 -25.39 8.56
N GLN D 41 6.44 -25.03 9.84
CA GLN D 41 5.88 -25.89 10.87
C GLN D 41 4.39 -25.58 11.17
N PRO D 42 3.51 -26.60 11.07
CA PRO D 42 2.09 -26.36 11.41
C PRO D 42 1.88 -25.94 12.86
N GLU D 43 2.73 -26.42 13.77
CA GLU D 43 2.71 -25.98 15.18
C GLU D 43 2.93 -24.47 15.27
N TYR D 44 3.86 -23.97 14.46
CA TYR D 44 4.15 -22.55 14.41
C TYR D 44 2.97 -21.75 13.84
N ARG D 45 2.40 -22.24 12.73
CA ARG D 45 1.22 -21.61 12.10
C ARG D 45 0.05 -21.52 13.08
N LYS D 46 -0.24 -22.62 13.76
CA LYS D 46 -1.33 -22.70 14.71
C LYS D 46 -1.07 -21.81 15.92
N LEU D 47 0.17 -21.80 16.41
CA LEU D 47 0.54 -20.92 17.52
C LEU D 47 0.35 -19.45 17.16
N LYS D 48 0.74 -19.10 15.94
CA LYS D 48 0.64 -17.74 15.42
C LYS D 48 -0.81 -17.23 15.31
N GLU D 49 -1.73 -18.07 14.80
CA GLU D 49 -3.16 -17.69 14.79
C GLU D 49 -3.72 -17.58 16.20
N LYS D 50 -3.23 -18.42 17.10
CA LYS D 50 -3.74 -18.45 18.47
C LYS D 50 -3.31 -17.25 19.32
N TYR D 51 -2.03 -16.85 19.21
CA TYR D 51 -1.49 -15.80 20.08
C TYR D 51 -1.17 -14.47 19.37
N GLY D 52 -0.92 -14.56 18.07
CA GLY D 52 -0.52 -13.39 17.28
C GLY D 52 0.98 -13.23 17.29
N LEU D 53 1.48 -12.45 16.34
CA LEU D 53 2.93 -12.24 16.16
C LEU D 53 3.61 -11.61 17.38
N PHE D 54 2.96 -10.65 18.02
CA PHE D 54 3.57 -9.93 19.16
C PHE D 54 3.83 -10.83 20.37
N GLU D 55 2.80 -11.53 20.83
CA GLU D 55 2.92 -12.47 21.95
C GLU D 55 3.94 -13.58 21.65
N ILE D 56 3.93 -14.02 20.40
CA ILE D 56 4.78 -15.11 19.92
C ILE D 56 6.25 -14.66 19.83
N THR D 57 6.48 -13.35 19.83
CA THR D 57 7.83 -12.77 19.73
C THR D 57 8.23 -11.97 20.98
N HIS D 58 7.39 -12.01 22.01
CA HIS D 58 7.64 -11.20 23.21
C HIS D 58 7.47 -11.96 24.52
N GLN D 59 6.64 -12.99 24.51
CA GLN D 59 6.40 -13.81 25.70
C GLN D 59 7.39 -14.98 25.71
N PRO D 60 8.33 -14.98 26.70
CA PRO D 60 9.49 -15.89 26.78
C PRO D 60 9.17 -17.38 26.69
N GLU D 61 8.08 -17.82 27.31
CA GLU D 61 7.70 -19.24 27.25
C GLU D 61 7.34 -19.68 25.83
N LEU D 62 6.79 -18.74 25.08
CA LEU D 62 6.35 -18.97 23.72
C LEU D 62 7.51 -18.94 22.72
N CYS D 63 8.39 -17.93 22.80
CA CYS D 63 9.56 -17.88 21.91
C CYS D 63 10.50 -19.05 22.15
N ALA D 64 10.60 -19.49 23.40
CA ALA D 64 11.42 -20.64 23.75
C ALA D 64 10.88 -21.92 23.11
N TYR D 65 9.56 -22.07 23.12
CA TYR D 65 8.92 -23.22 22.49
C TYR D 65 9.19 -23.20 21.00
N VAL D 66 8.95 -22.04 20.38
CA VAL D 66 9.19 -21.84 18.95
C VAL D 66 10.64 -22.18 18.62
N THR D 67 11.56 -21.62 19.40
CA THR D 67 12.99 -21.85 19.21
C THR D 67 13.40 -23.31 19.30
N ARG D 68 12.87 -24.04 20.27
CA ARG D 68 13.33 -25.41 20.56
C ARG D 68 12.69 -26.51 19.69
N LEU D 69 11.50 -26.26 19.14
CA LEU D 69 10.75 -27.27 18.39
C LEU D 69 11.54 -27.90 17.23
N PRO D 70 12.16 -27.07 16.36
CA PRO D 70 13.01 -27.71 15.34
C PRO D 70 14.07 -28.65 15.94
N VAL D 71 14.73 -28.25 17.02
CA VAL D 71 15.69 -29.15 17.70
C VAL D 71 15.06 -30.50 18.11
N GLU D 72 13.89 -30.44 18.75
CA GLU D 72 13.19 -31.63 19.22
C GLU D 72 12.69 -32.52 18.07
N GLN D 73 12.25 -31.88 16.98
CA GLN D 73 11.59 -32.58 15.89
C GLN D 73 12.60 -33.10 14.88
N TYR D 74 13.64 -32.31 14.61
CA TYR D 74 14.60 -32.65 13.58
C TYR D 74 15.89 -33.26 14.11
N GLY D 75 16.24 -32.97 15.37
CA GLY D 75 17.53 -33.34 15.94
C GLY D 75 18.68 -32.52 15.37
N VAL D 76 18.43 -31.27 14.99
CA VAL D 76 19.51 -30.36 14.58
C VAL D 76 20.47 -30.08 15.72
N ASP D 77 21.65 -29.59 15.38
CA ASP D 77 22.76 -29.49 16.31
C ASP D 77 22.83 -28.15 17.04
N ALA D 78 21.97 -27.23 16.62
CA ALA D 78 21.96 -25.86 17.12
C ALA D 78 20.56 -25.27 17.10
N ALA D 79 20.28 -24.41 18.06
CA ALA D 79 19.06 -23.63 18.07
C ALA D 79 19.45 -22.22 17.66
N ILE D 80 18.60 -21.60 16.83
CA ILE D 80 18.72 -20.21 16.46
C ILE D 80 17.55 -19.50 17.15
N LEU D 81 17.87 -18.40 17.83
CA LEU D 81 16.89 -17.67 18.59
C LEU D 81 15.82 -17.13 17.65
N TYR D 82 14.56 -17.48 17.95
CA TYR D 82 13.44 -16.88 17.27
C TYR D 82 13.16 -15.45 17.76
N LYS D 83 13.24 -14.49 16.86
CA LYS D 83 12.87 -13.09 17.15
C LYS D 83 12.97 -12.24 15.90
N ASP D 84 12.37 -11.05 15.98
CA ASP D 84 12.41 -10.11 14.88
C ASP D 84 13.80 -9.54 14.68
N ILE D 85 14.15 -9.35 13.41
CA ILE D 85 15.38 -8.68 12.99
C ILE D 85 15.46 -7.23 13.50
N MET D 86 14.29 -6.60 13.65
CA MET D 86 14.22 -5.20 14.02
C MET D 86 14.05 -4.96 15.53
N THR D 87 14.18 -6.02 16.32
CA THR D 87 14.06 -5.97 17.79
C THR D 87 14.84 -4.82 18.47
N PRO D 88 16.15 -4.65 18.17
CA PRO D 88 16.90 -3.65 18.94
C PRO D 88 16.70 -2.20 18.48
N LEU D 89 15.96 -1.99 17.39
CA LEU D 89 15.83 -0.67 16.77
C LEU D 89 14.97 0.36 17.52
N PRO D 90 13.76 -0.04 17.97
CA PRO D 90 12.93 0.96 18.68
C PRO D 90 13.58 1.57 19.93
N SER D 91 14.50 0.81 20.55
CA SER D 91 15.21 1.24 21.75
C SER D 91 16.26 2.34 21.49
N ILE D 92 16.50 2.65 20.22
CA ILE D 92 17.44 3.72 19.88
C ILE D 92 16.76 4.95 19.28
N GLY D 93 15.44 4.88 19.07
CA GLY D 93 14.67 6.03 18.63
C GLY D 93 13.75 5.81 17.45
N VAL D 94 14.01 4.75 16.68
CA VAL D 94 13.25 4.50 15.44
C VAL D 94 11.94 3.76 15.70
N ASP D 95 10.83 4.38 15.29
CA ASP D 95 9.50 3.82 15.46
C ASP D 95 9.19 2.78 14.38
N VAL D 96 9.19 1.51 14.78
CA VAL D 96 8.86 0.40 13.87
C VAL D 96 7.37 0.17 13.84
N GLU D 97 6.93 -0.97 14.37
CA GLU D 97 5.50 -1.28 14.47
C GLU D 97 4.84 -1.62 13.15
N ILE D 98 3.51 -1.59 13.14
CA ILE D 98 2.72 -1.97 11.96
C ILE D 98 1.95 -3.26 12.17
N LYS D 99 2.66 -4.33 12.55
CA LYS D 99 2.04 -5.61 12.89
C LYS D 99 1.76 -6.54 11.72
N ASN D 100 0.47 -6.74 11.44
CA ASN D 100 0.03 -7.58 10.32
C ASN D 100 -0.56 -6.79 9.16
N GLY D 101 -1.37 -7.46 8.34
CA GLY D 101 -1.87 -6.91 7.09
C GLY D 101 -0.75 -6.84 6.08
N ILE D 102 0.25 -7.71 6.28
CA ILE D 102 1.50 -7.68 5.54
C ILE D 102 2.65 -7.94 6.50
N GLY D 103 3.07 -6.89 7.19
CA GLY D 103 4.18 -7.00 8.16
C GLY D 103 4.52 -5.68 8.84
N PRO D 104 5.54 -5.70 9.75
CA PRO D 104 5.97 -4.50 10.45
C PRO D 104 6.76 -3.54 9.55
N VAL D 105 6.31 -2.29 9.48
CA VAL D 105 6.87 -1.26 8.60
C VAL D 105 7.44 -0.07 9.40
N ILE D 106 8.15 0.83 8.73
CA ILE D 106 8.78 2.00 9.37
C ILE D 106 7.89 3.24 9.26
N ASP D 107 7.97 4.12 10.26
CA ASP D 107 7.20 5.36 10.28
C ASP D 107 7.79 6.39 9.31
N GLN D 108 8.65 7.28 9.85
CA GLN D 108 9.34 8.29 9.07
C GLN D 108 10.75 7.81 8.74
N PRO D 109 11.05 7.57 7.44
CA PRO D 109 12.40 7.22 6.99
C PRO D 109 13.43 8.29 7.32
N ILE D 110 14.68 7.88 7.57
CA ILE D 110 15.77 8.83 7.77
C ILE D 110 16.07 9.55 6.47
N ARG D 111 15.94 10.87 6.51
CA ARG D 111 16.14 11.72 5.35
C ARG D 111 17.29 12.71 5.54
N SER D 112 17.53 13.10 6.81
CA SER D 112 18.51 14.13 7.13
C SER D 112 19.52 13.67 8.20
N LEU D 113 20.54 14.57 8.40
CA LEU D 113 21.55 14.34 9.46
C LEU D 113 20.90 14.41 10.88
N ALA D 114 19.83 15.25 11.02
CA ALA D 114 19.06 15.39 12.30
C ALA D 114 18.38 14.09 12.71
N ASP D 115 17.74 13.42 11.56
CA ASP D 115 17.10 12.08 11.75
C ASP D 115 18.07 10.99 12.27
N ILE D 116 19.37 11.16 11.93
CA ILE D 116 20.43 10.27 12.41
C ILE D 116 20.92 10.70 13.80
N GLU D 117 21.00 12.03 14.03
CA GLU D 117 21.51 12.61 15.28
C GLU D 117 20.70 12.36 16.55
N LYS D 118 19.34 12.08 16.32
CA LYS D 118 18.39 11.89 17.42
C LYS D 118 18.35 10.43 17.90
N LEU D 119 19.14 9.59 17.23
CA LEU D 119 19.25 8.19 17.60
C LEU D 119 20.18 8.04 18.80
N GLY D 120 19.69 7.18 19.80
CA GLY D 120 20.45 7.02 21.04
C GLY D 120 21.10 5.66 21.19
N GLN D 121 21.16 5.20 22.43
CA GLN D 121 21.81 3.93 22.78
C GLN D 121 20.80 2.93 23.36
N ILE D 122 21.14 1.65 23.26
CA ILE D 122 20.34 0.56 23.80
C ILE D 122 20.82 0.17 25.20
N ASP D 123 19.87 -0.06 26.10
CA ASP D 123 20.15 -0.68 27.40
C ASP D 123 19.33 -1.96 27.47
N PRO D 124 19.96 -3.10 27.14
CA PRO D 124 19.23 -4.34 26.84
C PRO D 124 18.31 -4.82 27.97
N GLU D 125 18.78 -4.75 29.22
CA GLU D 125 17.98 -5.17 30.39
C GLU D 125 16.75 -4.29 30.58
N GLN D 126 16.87 -3.01 30.25
CA GLN D 126 15.76 -2.07 30.36
C GLN D 126 14.86 -2.20 29.14
N ASP D 127 15.47 -2.26 27.96
CA ASP D 127 14.76 -2.09 26.69
C ASP D 127 14.19 -3.39 26.14
N VAL D 128 14.98 -4.46 26.18
CA VAL D 128 14.56 -5.75 25.63
C VAL D 128 14.75 -6.91 26.63
N PRO D 129 14.15 -6.80 27.84
CA PRO D 129 14.41 -7.82 28.87
C PRO D 129 13.89 -9.19 28.48
N TYR D 130 12.85 -9.22 27.64
CA TYR D 130 12.20 -10.45 27.22
C TYR D 130 13.04 -11.37 26.33
N VAL D 131 13.92 -10.79 25.50
CA VAL D 131 14.82 -11.60 24.66
C VAL D 131 15.90 -12.27 25.51
N LEU D 132 16.38 -11.53 26.52
CA LEU D 132 17.38 -12.01 27.46
C LEU D 132 16.81 -13.14 28.33
N GLU D 133 15.59 -12.91 28.80
CA GLU D 133 14.84 -13.88 29.57
C GLU D 133 14.58 -15.18 28.78
N THR D 134 14.21 -15.05 27.49
CA THR D 134 14.03 -16.23 26.63
C THR D 134 15.32 -17.05 26.58
N ILE D 135 16.44 -16.37 26.34
CA ILE D 135 17.75 -17.00 26.33
C ILE D 135 18.02 -17.78 27.61
N LYS D 136 17.81 -17.15 28.78
CA LYS D 136 18.05 -17.78 30.08
C LYS D 136 17.19 -19.04 30.25
N LEU D 137 15.90 -18.93 29.92
CA LEU D 137 14.94 -20.04 29.95
C LEU D 137 15.44 -21.22 29.11
N LEU D 138 15.81 -20.94 27.87
CA LEU D 138 16.23 -21.95 26.92
C LEU D 138 17.48 -22.67 27.37
N VAL D 139 18.45 -21.90 27.82
CA VAL D 139 19.76 -22.43 28.15
C VAL D 139 19.79 -23.17 29.50
N ASN D 140 19.01 -22.68 30.46
CA ASN D 140 19.00 -23.28 31.79
C ASN D 140 17.99 -24.41 32.02
N GLU D 141 16.89 -24.40 31.28
CA GLU D 141 15.82 -25.40 31.48
C GLU D 141 15.61 -26.36 30.29
N GLN D 142 15.98 -25.95 29.08
CA GLN D 142 15.41 -26.56 27.87
C GLN D 142 16.38 -27.18 26.87
N LEU D 143 17.49 -26.49 26.57
CA LEU D 143 18.36 -26.89 25.47
C LEU D 143 19.52 -27.81 25.85
N ASN D 144 19.67 -28.87 25.06
CA ASN D 144 20.83 -29.77 25.14
C ASN D 144 21.78 -29.53 23.98
N VAL D 145 21.70 -28.29 23.49
CA VAL D 145 22.28 -27.89 22.23
C VAL D 145 22.61 -26.38 22.41
N PRO D 146 23.68 -25.89 21.75
CA PRO D 146 24.03 -24.48 21.80
C PRO D 146 22.95 -23.57 21.23
N LEU D 147 22.82 -22.39 21.83
CA LEU D 147 21.91 -21.37 21.32
C LEU D 147 22.66 -20.30 20.54
N ILE D 148 22.24 -20.08 19.30
CA ILE D 148 22.80 -19.05 18.45
C ILE D 148 21.97 -17.79 18.62
N GLY D 149 22.60 -16.74 19.14
CA GLY D 149 21.99 -15.41 19.17
C GLY D 149 22.20 -14.70 17.85
N PHE D 150 21.41 -13.66 17.58
CA PHE D 150 21.60 -12.94 16.33
C PHE D 150 21.34 -11.45 16.36
N SER D 151 21.93 -10.77 15.37
CA SER D 151 21.62 -9.38 15.07
C SER D 151 21.69 -9.15 13.56
N GLY D 152 20.92 -8.19 13.09
CA GLY D 152 21.11 -7.66 11.75
C GLY D 152 22.39 -6.85 11.71
N ALA D 153 22.97 -6.74 10.51
CA ALA D 153 24.14 -5.89 10.30
C ALA D 153 23.69 -4.46 10.03
N PRO D 154 24.60 -3.48 10.22
CA PRO D 154 24.17 -2.09 10.05
C PRO D 154 23.70 -1.71 8.63
N PHE D 155 24.23 -2.36 7.58
CA PHE D 155 23.70 -2.03 6.24
C PHE D 155 22.19 -2.30 6.14
N THR D 156 21.82 -3.54 6.42
CA THR D 156 20.45 -4.00 6.29
C THR D 156 19.49 -3.22 7.21
N LEU D 157 19.95 -2.94 8.42
CA LEU D 157 19.15 -2.18 9.39
C LEU D 157 18.92 -0.76 8.90
N ALA D 158 19.98 -0.14 8.40
CA ALA D 158 19.91 1.14 7.70
C ALA D 158 18.87 1.15 6.57
N SER D 159 18.88 0.11 5.75
CA SER D 159 17.92 -0.02 4.65
C SER D 159 16.46 0.09 5.10
N TYR D 160 16.08 -0.66 6.13
CA TYR D 160 14.73 -0.55 6.71
C TYR D 160 14.39 0.89 7.05
N MET D 161 15.36 1.56 7.68
CA MET D 161 15.20 2.92 8.21
C MET D 161 15.20 4.02 7.14
N THR D 162 15.51 3.67 5.96
CA THR D 162 15.65 4.69 4.90
C THR D 162 14.67 4.49 3.74
N GLU D 163 14.44 3.28 3.42
CA GLU D 163 13.50 2.98 2.33
C GLU D 163 12.06 3.42 2.59
N GLY D 164 11.54 3.11 3.79
CA GLY D 164 10.14 3.36 4.09
C GLY D 164 9.29 2.16 3.68
N GLY D 165 9.01 2.07 2.38
CA GLY D 165 8.34 0.90 1.80
C GLY D 165 9.30 -0.25 1.53
N PRO D 166 8.77 -1.43 1.14
CA PRO D 166 9.62 -2.61 0.90
C PRO D 166 10.29 -2.56 -0.48
N SER D 167 11.56 -2.96 -0.55
CA SER D 167 12.33 -2.72 -1.78
C SER D 167 13.06 -3.90 -2.41
N LYS D 168 13.22 -3.80 -3.72
CA LYS D 168 14.05 -4.68 -4.53
C LYS D 168 15.01 -3.71 -5.22
N ASN D 169 16.31 -3.93 -5.04
CA ASN D 169 17.35 -2.97 -5.45
C ASN D 169 17.22 -1.70 -4.62
N TYR D 170 17.86 -1.68 -3.46
CA TYR D 170 17.65 -0.62 -2.47
C TYR D 170 18.21 0.74 -2.90
N ASN D 171 17.49 1.37 -3.82
CA ASN D 171 17.94 2.60 -4.47
C ASN D 171 18.04 3.82 -3.55
N LYS D 172 17.04 4.00 -2.69
CA LYS D 172 17.02 5.16 -1.79
C LYS D 172 18.10 5.09 -0.72
N THR D 173 18.47 3.89 -0.31
CA THR D 173 19.52 3.68 0.67
C THR D 173 20.89 3.99 0.07
N LYS D 174 21.16 3.39 -1.09
CA LYS D 174 22.40 3.63 -1.83
C LYS D 174 22.56 5.11 -2.20
N ALA D 175 21.46 5.72 -2.65
CA ALA D 175 21.45 7.14 -3.01
C ALA D 175 21.78 8.02 -1.80
N PHE D 176 21.20 7.68 -0.64
CA PHE D 176 21.52 8.35 0.62
C PHE D 176 23.04 8.24 0.92
N MET D 177 23.49 6.97 1.05
CA MET D 177 24.94 6.65 1.19
C MET D 177 25.87 7.51 0.27
N TYR D 178 25.47 7.68 -1.02
CA TYR D 178 26.30 8.39 -2.03
C TYR D 178 26.33 9.89 -1.78
N SER D 179 25.03 10.42 -1.60
CA SER D 179 24.76 11.85 -1.39
C SER D 179 25.33 12.32 -0.04
N MET D 180 25.17 11.48 1.00
CA MET D 180 25.50 11.87 2.38
C MET D 180 26.43 10.90 3.14
N PRO D 181 27.72 10.81 2.73
CA PRO D 181 28.71 9.90 3.42
C PRO D 181 29.07 10.25 4.88
N ASP D 182 29.13 11.56 5.23
CA ASP D 182 29.53 11.95 6.61
C ASP D 182 28.43 11.64 7.61
N ALA D 183 27.16 11.83 7.17
CA ALA D 183 25.97 11.43 7.92
C ALA D 183 25.83 9.94 7.98
N TRP D 184 26.33 9.28 6.92
CA TRP D 184 26.28 7.81 6.83
C TRP D 184 27.25 7.12 7.82
N ASN D 185 28.46 7.66 7.95
CA ASN D 185 29.43 7.17 8.94
C ASN D 185 28.88 7.17 10.37
N LEU D 186 28.27 8.31 10.75
CA LEU D 186 27.65 8.46 12.07
C LEU D 186 26.55 7.43 12.33
N LEU D 187 25.78 7.12 11.29
CA LEU D 187 24.69 6.13 11.39
C LEU D 187 25.29 4.74 11.59
N MET D 188 26.33 4.44 10.81
CA MET D 188 27.10 3.21 11.00
C MET D 188 27.70 3.08 12.42
N SER D 189 28.19 4.20 12.96
CA SER D 189 28.82 4.23 14.28
C SER D 189 27.79 4.11 15.45
N LYS D 190 26.62 4.76 15.21
CA LYS D 190 25.45 4.60 16.07
C LYS D 190 24.88 3.16 16.06
N LEU D 191 24.75 2.56 14.88
CA LEU D 191 24.24 1.19 14.77
C LEU D 191 25.23 0.16 15.31
N ALA D 192 26.53 0.42 15.12
CA ALA D 192 27.57 -0.45 15.68
C ALA D 192 27.38 -0.59 17.20
N ASP D 193 27.28 0.56 17.89
CA ASP D 193 27.12 0.61 19.34
C ASP D 193 26.00 -0.33 19.75
N MET D 194 24.83 -0.14 19.14
CA MET D 194 23.64 -0.92 19.46
C MET D 194 23.88 -2.42 19.26
N ILE D 195 24.30 -2.80 18.05
CA ILE D 195 24.57 -4.20 17.75
C ILE D 195 25.55 -4.80 18.77
N ILE D 196 26.69 -4.15 18.98
CA ILE D 196 27.74 -4.64 19.88
C ILE D 196 27.21 -4.90 21.29
N VAL D 197 26.42 -3.96 21.81
CA VAL D 197 25.84 -4.04 23.15
C VAL D 197 24.68 -5.06 23.22
N TYR D 198 23.82 -5.04 22.21
CA TYR D 198 22.75 -6.01 22.03
C TYR D 198 23.28 -7.45 22.02
N VAL D 199 24.38 -7.66 21.32
CA VAL D 199 25.01 -8.98 21.20
C VAL D 199 25.70 -9.44 22.50
N LYS D 200 26.44 -8.53 23.14
CA LYS D 200 27.12 -8.86 24.39
C LYS D 200 26.14 -9.30 25.48
N ALA D 201 24.97 -8.66 25.50
CA ALA D 201 23.89 -9.02 26.41
C ALA D 201 23.33 -10.41 26.12
N GLN D 202 23.22 -10.78 24.84
CA GLN D 202 22.76 -12.13 24.47
C GLN D 202 23.76 -13.19 24.89
N ILE D 203 25.05 -12.88 24.76
CA ILE D 203 26.13 -13.76 25.23
C ILE D 203 26.13 -13.94 26.75
N LYS D 204 26.06 -12.86 27.43
CA LYS D 204 25.96 -12.89 28.90
C LYS D 204 24.77 -13.72 29.39
N ALA D 205 23.65 -13.62 28.71
CA ALA D 205 22.44 -14.37 29.01
C ALA D 205 22.54 -15.87 28.66
N GLY D 206 23.49 -16.26 27.81
CA GLY D 206 23.76 -17.68 27.56
C GLY D 206 23.91 -18.17 26.12
N ALA D 207 23.77 -17.29 25.14
CA ALA D 207 24.04 -17.64 23.74
C ALA D 207 25.49 -18.09 23.59
N LYS D 208 25.70 -19.21 22.91
CA LYS D 208 27.04 -19.76 22.76
C LYS D 208 27.67 -19.43 21.40
N ALA D 209 26.92 -18.73 20.57
CA ALA D 209 27.39 -18.27 19.26
C ALA D 209 26.54 -17.09 18.80
N ILE D 210 27.04 -16.34 17.82
CA ILE D 210 26.30 -15.21 17.26
C ILE D 210 26.37 -15.23 15.75
N GLN D 211 25.20 -15.10 15.11
CA GLN D 211 25.11 -14.89 13.67
C GLN D 211 24.68 -13.47 13.38
N ILE D 212 25.41 -12.82 12.48
CA ILE D 212 25.06 -11.50 11.98
C ILE D 212 24.40 -11.69 10.61
N PHE D 213 23.17 -11.21 10.47
CA PHE D 213 22.47 -11.26 9.19
C PHE D 213 22.61 -9.92 8.46
N ASP D 214 23.34 -9.94 7.34
CA ASP D 214 23.46 -8.76 6.48
C ASP D 214 22.69 -9.07 5.20
N SER D 215 21.37 -9.13 5.35
CA SER D 215 20.43 -9.66 4.35
C SER D 215 20.60 -9.09 2.94
N TRP D 216 20.87 -7.79 2.86
CA TRP D 216 20.76 -7.04 1.62
C TRP D 216 22.04 -6.34 1.21
N VAL D 217 23.15 -6.66 1.88
CA VAL D 217 24.43 -6.00 1.59
C VAL D 217 25.00 -6.39 0.21
N GLY D 218 24.57 -7.56 -0.31
CA GLY D 218 24.96 -8.04 -1.63
C GLY D 218 24.57 -7.09 -2.74
N ALA D 219 23.66 -6.16 -2.43
CA ALA D 219 23.27 -5.09 -3.35
C ALA D 219 24.44 -4.15 -3.69
N LEU D 220 25.54 -4.31 -2.95
CA LEU D 220 26.74 -3.51 -3.15
C LEU D 220 27.84 -4.34 -3.79
N ASN D 221 28.64 -3.69 -4.63
CA ASN D 221 29.84 -4.31 -5.18
C ASN D 221 30.99 -4.25 -4.16
N GLN D 222 32.07 -4.96 -4.47
CA GLN D 222 33.22 -5.09 -3.57
C GLN D 222 33.77 -3.73 -3.15
N ALA D 223 33.90 -2.82 -4.13
CA ALA D 223 34.47 -1.50 -3.90
C ALA D 223 33.65 -0.63 -2.94
N ASP D 224 32.34 -0.60 -3.13
CA ASP D 224 31.45 0.19 -2.26
C ASP D 224 31.32 -0.45 -0.89
N TYR D 225 31.57 -1.76 -0.81
CA TYR D 225 31.60 -2.46 0.45
C TYR D 225 32.84 -2.03 1.25
N ARG D 226 33.99 -1.99 0.58
CA ARG D 226 35.27 -1.59 1.21
C ARG D 226 35.28 -0.12 1.65
N THR D 227 34.52 0.70 0.91
CA THR D 227 34.41 2.11 1.25
C THR D 227 33.45 2.31 2.43
N TYR D 228 32.24 1.78 2.33
CA TYR D 228 31.16 2.21 3.24
C TYR D 228 30.80 1.24 4.37
N ILE D 229 31.24 -0.02 4.27
CA ILE D 229 30.76 -1.06 5.18
C ILE D 229 31.90 -1.83 5.85
N LYS D 230 32.97 -2.13 5.12
CA LYS D 230 34.10 -2.90 5.68
C LYS D 230 34.72 -2.31 6.98
N PRO D 231 34.97 -0.98 7.03
CA PRO D 231 35.47 -0.40 8.30
C PRO D 231 34.60 -0.72 9.53
N VAL D 232 33.31 -0.37 9.47
CA VAL D 232 32.42 -0.54 10.62
C VAL D 232 32.27 -2.01 11.04
N MET D 233 32.29 -2.92 10.08
CA MET D 233 32.18 -4.36 10.38
C MET D 233 33.41 -4.88 11.10
N ASN D 234 34.58 -4.44 10.63
CA ASN D 234 35.85 -4.71 11.30
C ASN D 234 35.82 -4.28 12.76
N ARG D 235 35.22 -3.12 13.03
CA ARG D 235 35.01 -2.62 14.39
C ARG D 235 34.19 -3.65 15.18
N ILE D 236 33.06 -4.05 14.60
CA ILE D 236 32.09 -4.92 15.23
C ILE D 236 32.69 -6.28 15.60
N PHE D 237 33.31 -6.95 14.64
CA PHE D 237 33.86 -8.28 14.90
C PHE D 237 35.10 -8.25 15.82
N SER D 238 35.85 -7.14 15.80
CA SER D 238 37.00 -6.99 16.68
C SER D 238 36.61 -6.85 18.15
N GLU D 239 35.57 -6.06 18.41
CA GLU D 239 35.10 -5.85 19.78
C GLU D 239 34.30 -7.06 20.29
N LEU D 240 33.72 -7.83 19.37
CA LEU D 240 32.91 -8.98 19.75
C LEU D 240 33.73 -10.29 19.83
N ALA D 241 34.90 -10.30 19.20
CA ALA D 241 35.80 -11.47 19.22
C ALA D 241 36.43 -11.69 20.59
N LYS D 242 36.42 -10.64 21.40
CA LYS D 242 36.91 -10.69 22.78
C LYS D 242 36.01 -11.53 23.70
N GLU D 243 34.78 -11.78 23.27
CA GLU D 243 33.82 -12.56 24.04
C GLU D 243 34.05 -14.07 23.95
N ASN D 244 34.94 -14.48 23.05
CA ASN D 244 35.30 -15.90 22.87
C ASN D 244 34.13 -16.82 22.50
N VAL D 245 33.20 -16.30 21.69
CA VAL D 245 32.15 -17.13 21.09
C VAL D 245 32.32 -17.13 19.56
N PRO D 246 31.92 -18.22 18.89
CA PRO D 246 31.94 -18.25 17.42
C PRO D 246 31.11 -17.12 16.80
N LEU D 247 31.69 -16.45 15.79
CA LEU D 247 31.02 -15.33 15.14
C LEU D 247 30.75 -15.66 13.67
N ILE D 248 29.48 -15.53 13.29
CA ILE D 248 29.04 -15.94 11.97
C ILE D 248 28.44 -14.74 11.23
N MET D 249 28.61 -14.74 9.91
CA MET D 249 27.92 -13.78 9.07
C MET D 249 27.41 -14.44 7.80
N PHE D 250 26.11 -14.20 7.53
CA PHE D 250 25.47 -14.60 6.30
C PHE D 250 24.61 -13.46 5.74
N GLY D 251 24.51 -13.42 4.43
CA GLY D 251 23.59 -12.56 3.70
C GLY D 251 23.46 -13.22 2.34
N VAL D 252 22.25 -13.31 1.81
CA VAL D 252 22.04 -13.94 0.51
C VAL D 252 22.53 -13.00 -0.61
N GLY D 253 23.01 -13.57 -1.72
CA GLY D 253 23.40 -12.80 -2.91
C GLY D 253 24.67 -11.97 -2.74
N ALA D 254 25.58 -12.45 -1.89
CA ALA D 254 26.76 -11.67 -1.49
C ALA D 254 28.07 -12.44 -1.69
N SER D 255 28.04 -13.44 -2.58
CA SER D 255 29.21 -14.26 -2.88
C SER D 255 30.42 -13.43 -3.30
N HIS D 256 30.15 -12.36 -4.05
CA HIS D 256 31.19 -11.43 -4.50
C HIS D 256 31.82 -10.64 -3.35
N LEU D 257 31.31 -10.83 -2.14
CA LEU D 257 31.81 -10.12 -0.94
C LEU D 257 32.47 -11.08 0.05
N ALA D 258 32.47 -12.37 -0.30
CA ALA D 258 32.90 -13.43 0.62
C ALA D 258 34.33 -13.28 1.12
N GLY D 259 35.24 -12.93 0.20
CA GLY D 259 36.67 -12.76 0.51
C GLY D 259 36.91 -11.62 1.48
N ASP D 260 36.13 -10.56 1.34
CA ASP D 260 36.20 -9.41 2.25
C ASP D 260 35.66 -9.72 3.64
N TRP D 261 34.61 -10.55 3.71
CA TRP D 261 34.05 -11.02 4.98
C TRP D 261 35.11 -11.89 5.67
N HIS D 262 35.79 -12.71 4.88
CA HIS D 262 36.87 -13.59 5.36
C HIS D 262 38.03 -12.81 6.00
N ASP D 263 38.24 -11.56 5.57
CA ASP D 263 39.27 -10.68 6.13
C ASP D 263 38.91 -10.16 7.53
N LEU D 264 37.62 -9.95 7.75
CA LEU D 264 37.09 -9.53 9.06
C LEU D 264 37.37 -10.56 10.15
N PRO D 265 37.51 -10.12 11.43
CA PRO D 265 37.75 -11.08 12.51
C PRO D 265 36.48 -11.84 12.97
N LEU D 266 35.78 -12.44 12.03
CA LEU D 266 34.69 -13.36 12.31
C LEU D 266 35.26 -14.78 12.30
N ASP D 267 34.46 -15.77 12.68
CA ASP D 267 34.89 -17.17 12.64
C ASP D 267 34.29 -18.00 11.50
N VAL D 268 33.09 -17.64 11.06
CA VAL D 268 32.37 -18.48 10.12
C VAL D 268 31.85 -17.65 8.95
N VAL D 269 32.19 -18.07 7.74
CA VAL D 269 31.61 -17.45 6.55
C VAL D 269 30.39 -18.24 6.11
N GLY D 270 29.22 -17.60 6.19
CA GLY D 270 27.98 -18.13 5.66
C GLY D 270 27.94 -17.95 4.15
N LEU D 271 27.69 -19.06 3.45
CA LEU D 271 27.63 -19.04 2.01
C LEU D 271 26.20 -19.25 1.51
N ASP D 272 25.81 -18.52 0.47
CA ASP D 272 24.60 -18.90 -0.24
C ASP D 272 24.97 -20.00 -1.24
N TRP D 273 24.00 -20.43 -2.05
CA TRP D 273 24.23 -21.55 -2.97
C TRP D 273 25.08 -21.21 -4.19
N ARG D 274 25.38 -19.93 -4.43
CA ARG D 274 26.12 -19.56 -5.65
C ARG D 274 27.63 -19.54 -5.52
N LEU D 275 28.14 -19.81 -4.33
CA LEU D 275 29.56 -19.97 -4.12
C LEU D 275 29.79 -21.30 -3.45
N GLY D 276 30.31 -22.27 -4.21
CA GLY D 276 30.52 -23.63 -3.71
C GLY D 276 31.58 -23.66 -2.63
N ILE D 277 31.67 -24.79 -1.92
CA ILE D 277 32.64 -24.97 -0.84
C ILE D 277 34.08 -25.12 -1.37
N ASP D 278 34.34 -26.12 -2.21
CA ASP D 278 35.66 -26.29 -2.84
C ASP D 278 36.11 -24.97 -3.49
N GLU D 279 35.23 -24.43 -4.34
CA GLU D 279 35.41 -23.13 -5.00
C GLU D 279 35.87 -22.05 -4.02
N ALA D 280 35.14 -21.89 -2.91
CA ALA D 280 35.49 -20.92 -1.86
C ALA D 280 36.87 -21.17 -1.26
N ARG D 281 37.23 -22.44 -1.10
CA ARG D 281 38.53 -22.81 -0.57
C ARG D 281 39.63 -22.45 -1.56
N SER D 282 39.41 -22.74 -2.84
CA SER D 282 40.39 -22.39 -3.88
C SER D 282 40.62 -20.89 -4.02
N LYS D 283 39.66 -20.09 -3.54
CA LYS D 283 39.71 -18.63 -3.55
C LYS D 283 40.29 -18.03 -2.25
N GLY D 284 40.81 -18.88 -1.36
CA GLY D 284 41.45 -18.42 -0.13
C GLY D 284 40.60 -18.41 1.13
N ILE D 285 39.33 -18.82 1.00
CA ILE D 285 38.44 -18.92 2.16
C ILE D 285 38.70 -20.23 2.90
N THR D 286 39.61 -20.14 3.87
CA THR D 286 40.11 -21.28 4.63
C THR D 286 39.42 -21.45 6.00
N LYS D 287 38.97 -20.35 6.59
CA LYS D 287 38.15 -20.37 7.81
C LYS D 287 36.90 -21.26 7.67
N THR D 288 36.29 -21.59 8.80
CA THR D 288 35.08 -22.41 8.79
C THR D 288 33.98 -21.79 7.93
N VAL D 289 33.24 -22.68 7.28
CA VAL D 289 32.24 -22.30 6.30
C VAL D 289 30.89 -22.92 6.70
N GLN D 290 29.76 -22.24 6.43
CA GLN D 290 28.43 -22.72 6.83
C GLN D 290 27.50 -23.04 5.67
N GLY D 291 27.20 -24.34 5.56
CA GLY D 291 26.41 -25.01 4.49
C GLY D 291 26.21 -24.27 3.23
N ASN D 292 25.33 -24.75 2.36
CA ASN D 292 24.89 -23.88 1.26
C ASN D 292 23.89 -24.47 0.27
N LEU D 293 23.14 -25.50 0.70
CA LEU D 293 22.13 -26.11 -0.13
C LEU D 293 21.03 -25.11 -0.51
N ASP D 294 20.75 -25.02 -1.81
CA ASP D 294 19.70 -24.18 -2.33
C ASP D 294 18.38 -24.72 -1.77
N PRO D 295 17.65 -23.89 -1.02
CA PRO D 295 16.38 -24.29 -0.40
C PRO D 295 15.37 -24.89 -1.38
N SER D 296 15.39 -24.43 -2.62
CA SER D 296 14.46 -24.90 -3.64
C SER D 296 14.65 -26.37 -3.98
N ILE D 297 15.83 -26.93 -3.68
CA ILE D 297 16.07 -28.37 -3.83
C ILE D 297 15.18 -29.20 -2.87
N LEU D 298 14.79 -28.61 -1.75
CA LEU D 298 13.91 -29.26 -0.76
C LEU D 298 12.53 -29.63 -1.27
N LEU D 299 12.17 -29.11 -2.43
CA LEU D 299 10.89 -29.41 -3.06
C LEU D 299 11.00 -30.55 -4.08
N ALA D 300 12.22 -31.05 -4.28
CA ALA D 300 12.47 -32.12 -5.23
C ALA D 300 12.34 -33.47 -4.53
N PRO D 301 12.16 -34.56 -5.32
CA PRO D 301 12.12 -35.94 -4.80
C PRO D 301 13.39 -36.27 -4.00
N TRP D 302 13.27 -37.17 -3.04
CA TRP D 302 14.35 -37.46 -2.10
C TRP D 302 15.70 -37.78 -2.78
N GLU D 303 15.67 -38.57 -3.85
CA GLU D 303 16.88 -38.96 -4.56
C GLU D 303 17.76 -37.76 -4.93
N VAL D 304 17.12 -36.69 -5.42
CA VAL D 304 17.82 -35.46 -5.81
C VAL D 304 18.38 -34.78 -4.55
N ILE D 305 17.54 -34.66 -3.53
CA ILE D 305 17.94 -34.03 -2.28
C ILE D 305 19.18 -34.71 -1.69
N GLU D 306 19.18 -36.03 -1.67
CA GLU D 306 20.28 -36.80 -1.11
C GLU D 306 21.57 -36.62 -1.90
N GLN D 307 21.47 -36.72 -3.23
CA GLN D 307 22.62 -36.57 -4.10
C GLN D 307 23.19 -35.16 -4.02
N LYS D 308 22.33 -34.15 -4.12
CA LYS D 308 22.77 -32.76 -4.10
C LYS D 308 23.42 -32.42 -2.75
N THR D 309 22.86 -32.98 -1.68
CA THR D 309 23.41 -32.79 -0.35
C THR D 309 24.75 -33.51 -0.19
N LYS D 310 24.81 -34.75 -0.70
CA LYS D 310 26.02 -35.58 -0.66
C LYS D 310 27.19 -34.85 -1.31
N GLU D 311 26.92 -34.20 -2.44
CA GLU D 311 27.91 -33.43 -3.16
C GLU D 311 28.50 -32.31 -2.30
N ILE D 312 27.64 -31.64 -1.55
CA ILE D 312 28.02 -30.50 -0.70
C ILE D 312 28.82 -30.97 0.50
N LEU D 313 28.31 -32.00 1.20
CA LEU D 313 29.00 -32.67 2.31
C LEU D 313 30.42 -33.16 1.97
N ASP D 314 30.61 -33.75 0.79
CA ASP D 314 31.93 -34.21 0.33
C ASP D 314 32.93 -33.07 0.25
N GLN D 315 32.48 -31.92 -0.22
CA GLN D 315 33.30 -30.72 -0.27
C GLN D 315 33.55 -30.18 1.15
N GLY D 316 32.49 -30.17 1.95
CA GLY D 316 32.54 -29.57 3.27
C GLY D 316 33.44 -30.36 4.20
N MET D 317 33.42 -31.69 4.04
CA MET D 317 34.15 -32.56 4.92
C MET D 317 35.66 -32.68 4.64
N GLU D 318 36.17 -31.90 3.69
CA GLU D 318 37.61 -31.87 3.39
C GLU D 318 38.44 -31.25 4.53
N SER D 319 37.76 -30.47 5.39
CA SER D 319 38.36 -29.96 6.63
C SER D 319 37.32 -29.95 7.75
N ASP D 320 37.80 -29.78 8.98
CA ASP D 320 36.96 -29.79 10.20
C ASP D 320 36.04 -28.56 10.31
N GLY D 321 36.46 -27.43 9.75
CA GLY D 321 35.69 -26.19 9.79
C GLY D 321 34.53 -26.14 8.81
N PHE D 322 33.45 -26.86 9.13
CA PHE D 322 32.29 -26.99 8.24
C PHE D 322 31.00 -27.32 8.98
N ILE D 323 29.99 -26.46 8.80
CA ILE D 323 28.64 -26.67 9.33
C ILE D 323 27.69 -26.67 8.14
N PHE D 324 26.84 -27.69 8.04
CA PHE D 324 25.87 -27.75 6.97
C PHE D 324 24.66 -26.89 7.29
N ASN D 325 24.18 -26.14 6.29
CA ASN D 325 22.97 -25.33 6.40
C ASN D 325 22.47 -25.17 4.98
N LEU D 326 21.29 -24.56 4.81
CA LEU D 326 20.83 -24.11 3.50
C LEU D 326 21.60 -22.87 3.05
N GLY D 327 21.39 -22.47 1.78
CA GLY D 327 21.99 -21.26 1.21
C GLY D 327 21.11 -20.03 1.36
N HIS D 328 19.94 -20.22 2.01
CA HIS D 328 18.96 -19.16 2.28
C HIS D 328 18.06 -19.75 3.37
N GLY D 329 16.97 -19.08 3.72
CA GLY D 329 16.08 -19.61 4.76
C GLY D 329 15.09 -20.65 4.26
N VAL D 330 14.66 -21.53 5.17
CA VAL D 330 13.49 -22.38 4.93
C VAL D 330 12.33 -21.46 4.57
N PHE D 331 11.60 -21.80 3.52
CA PHE D 331 10.42 -21.05 3.14
C PHE D 331 9.18 -21.90 3.50
N PRO D 332 7.99 -21.25 3.60
CA PRO D 332 6.76 -21.85 4.17
C PRO D 332 6.34 -23.24 3.63
N ASP D 333 6.52 -23.44 2.34
CA ASP D 333 6.12 -24.68 1.67
C ASP D 333 7.05 -25.87 1.89
N VAL D 334 8.15 -25.65 2.63
CA VAL D 334 9.06 -26.75 2.97
C VAL D 334 8.39 -27.70 3.97
N SER D 335 8.46 -28.98 3.66
CA SER D 335 7.90 -30.03 4.48
C SER D 335 8.84 -30.40 5.66
N PRO D 336 8.32 -30.36 6.90
CA PRO D 336 9.08 -30.79 8.08
C PRO D 336 9.64 -32.21 8.04
N GLU D 337 8.88 -33.16 7.49
CA GLU D 337 9.38 -34.54 7.32
C GLU D 337 10.67 -34.60 6.44
N VAL D 338 10.69 -33.76 5.41
CA VAL D 338 11.89 -33.61 4.58
C VAL D 338 13.11 -33.12 5.38
N LEU D 339 12.90 -32.12 6.23
CA LEU D 339 13.98 -31.56 7.05
C LEU D 339 14.49 -32.56 8.09
N LYS D 340 13.58 -33.38 8.61
CA LYS D 340 13.94 -34.47 9.54
C LYS D 340 14.84 -35.54 8.90
N LYS D 341 14.45 -35.98 7.71
CA LYS D 341 15.18 -36.97 6.93
C LYS D 341 16.54 -36.43 6.49
N LEU D 342 16.58 -35.17 6.06
CA LEU D 342 17.82 -34.51 5.68
C LEU D 342 18.81 -34.44 6.85
N THR D 343 18.30 -34.08 8.03
CA THR D 343 19.13 -33.98 9.22
C THR D 343 19.72 -35.34 9.59
N ALA D 344 18.87 -36.37 9.56
CA ALA D 344 19.31 -37.74 9.81
C ALA D 344 20.32 -38.22 8.78
N PHE D 345 20.13 -37.88 7.50
CA PHE D 345 21.10 -38.21 6.45
C PHE D 345 22.45 -37.54 6.64
N VAL D 346 22.45 -36.24 6.96
CA VAL D 346 23.70 -35.51 7.17
C VAL D 346 24.50 -36.15 8.31
N HIS D 347 23.82 -36.40 9.43
CA HIS D 347 24.45 -37.07 10.58
C HIS D 347 24.94 -38.46 10.20
N GLU D 348 24.10 -39.22 9.49
CA GLU D 348 24.44 -40.60 9.11
C GLU D 348 25.60 -40.63 8.13
N TYR D 349 25.51 -39.84 7.06
CA TYR D 349 26.53 -39.81 6.01
C TYR D 349 27.88 -39.32 6.52
N SER D 350 27.87 -38.22 7.28
CA SER D 350 29.12 -37.66 7.81
C SER D 350 29.74 -38.54 8.88
N GLN D 351 28.89 -39.15 9.73
CA GLN D 351 29.30 -40.11 10.75
C GLN D 351 30.08 -41.28 10.15
N ASN D 352 29.51 -41.90 9.12
CA ASN D 352 30.11 -43.06 8.49
C ASN D 352 31.41 -42.72 7.76
N LYS D 353 31.44 -41.53 7.16
CA LYS D 353 32.62 -41.01 6.47
C LYS D 353 33.75 -40.71 7.45
N LYS D 354 33.41 -40.09 8.57
CA LYS D 354 34.42 -39.70 9.56
C LYS D 354 34.88 -40.89 10.40
N MET D 355 34.20 -42.01 10.24
CA MET D 355 34.53 -43.24 10.96
C MET D 355 35.74 -43.93 10.32
#